data_5LT4
#
_entry.id   5LT4
#
_cell.length_a   57.145
_cell.length_b   102.108
_cell.length_c   102.137
_cell.angle_alpha   119.49
_cell.angle_beta   91.95
_cell.angle_gamma   91.85
#
_symmetry.space_group_name_H-M   'P 1'
#
loop_
_entity.id
_entity.type
_entity.pdbx_description
1 polymer 'Kinesin-1 heavy chain'
2 non-polymer 'SULFATE ION'
3 water water
#
_entity_poly.entity_id   1
_entity_poly.type   'polypeptide(L)'
_entity_poly.pdbx_seq_one_letter_code
;MADLAESNIKVMCRFRPLNESEVNRGDKYIAKFQGEDTVVIASKPYAFDRVFQSSTSQEQVYNDAAKKIVKDVLEGYNGT
IFAYGQTSSGKVHTMEGKLHDPEGMGIIPRIVQDIFNYIYSMDENLEFHIKVSYFEIYLDKIRDLLDVSKTNLSVHEDKN
RVPYVKGATERFVSSPDEVMDTIDEGKSNRHVAVTNMNEHSSRSHSIFLINVKQENTQTEQKLSGKLYLVDLAGSEKVSK
TGAEGAVLDEAKNINKSLSALGNVISALAEGSTYVPYRDSKMTRILQDSLGGNARTTIVICCSPSSYNESETKSTLLFGQ
RAKTI
;
_entity_poly.pdbx_strand_id   A,B,C,D,E,K
#
loop_
_chem_comp.id
_chem_comp.type
_chem_comp.name
_chem_comp.formula
SO4 non-polymer 'SULFATE ION' 'O4 S -2'
#
# COMPACT_ATOMS: atom_id res chain seq x y z
N LEU A 4 3.79 29.91 11.62
CA LEU A 4 5.18 30.34 11.47
C LEU A 4 5.71 30.03 10.07
N ALA A 5 7.01 30.19 9.86
CA ALA A 5 7.54 30.06 8.49
C ALA A 5 8.91 29.41 8.40
N GLU A 6 9.29 28.64 9.42
CA GLU A 6 10.57 27.93 9.45
C GLU A 6 11.02 27.41 8.07
N SER A 7 10.51 26.21 7.74
CA SER A 7 10.71 25.46 6.49
C SER A 7 10.86 24.02 6.91
N ASN A 8 11.56 23.87 8.06
CA ASN A 8 12.02 22.62 8.68
C ASN A 8 11.66 21.27 8.06
N ILE A 9 12.26 20.97 6.92
CA ILE A 9 12.16 19.66 6.29
C ILE A 9 13.51 18.97 6.26
N LYS A 10 13.59 17.74 6.76
CA LYS A 10 14.86 17.03 6.85
C LYS A 10 14.76 15.75 6.04
N VAL A 11 15.78 15.45 5.25
CA VAL A 11 15.77 14.24 4.44
C VAL A 11 16.89 13.33 4.96
N MET A 12 16.58 12.05 5.10
CA MET A 12 17.51 11.08 5.68
C MET A 12 17.62 9.77 4.92
N CYS A 13 18.83 9.27 4.78
CA CYS A 13 19.03 8.07 4.00
C CYS A 13 19.54 6.86 4.83
N ARG A 14 18.83 5.73 4.76
CA ARG A 14 19.27 4.51 5.46
C ARG A 14 19.62 3.37 4.50
N PHE A 15 20.90 3.01 4.50
CA PHE A 15 21.43 1.88 3.74
C PHE A 15 21.36 0.58 4.53
N ARG A 16 20.91 -0.47 3.88
CA ARG A 16 20.76 -1.71 4.55
C ARG A 16 21.97 -2.53 4.33
N PRO A 17 22.07 -3.69 5.06
CA PRO A 17 23.26 -4.48 4.80
C PRO A 17 22.97 -5.38 3.65
N LEU A 18 23.94 -5.52 2.76
CA LEU A 18 23.83 -6.32 1.56
C LEU A 18 23.29 -7.71 1.78
N ASN A 19 23.15 -8.13 3.02
CA ASN A 19 22.63 -9.46 3.29
C ASN A 19 23.56 -10.56 2.78
N GLU A 20 23.31 -11.79 3.18
CA GLU A 20 24.12 -12.91 2.73
C GLU A 20 23.16 -13.75 1.94
N SER A 21 23.36 -13.72 0.64
CA SER A 21 22.51 -14.36 -0.37
C SER A 21 22.52 -13.45 -1.60
N GLU A 22 22.85 -12.20 -1.35
CA GLU A 22 23.04 -11.15 -2.31
C GLU A 22 24.54 -11.01 -2.47
N VAL A 23 25.30 -11.42 -1.45
CA VAL A 23 26.74 -11.37 -1.47
C VAL A 23 27.30 -12.55 -2.22
N ASN A 24 26.50 -13.60 -2.38
CA ASN A 24 26.96 -14.77 -3.08
C ASN A 24 26.69 -14.66 -4.57
N ARG A 25 25.49 -14.22 -4.90
CA ARG A 25 25.08 -14.06 -6.29
C ARG A 25 26.15 -13.25 -7.02
N GLY A 26 26.99 -12.57 -6.25
CA GLY A 26 28.15 -11.83 -6.71
C GLY A 26 27.91 -10.33 -6.88
N ASP A 27 28.22 -9.57 -5.83
CA ASP A 27 28.10 -8.11 -5.82
C ASP A 27 29.12 -7.34 -4.99
N LYS A 28 29.23 -6.07 -5.32
CA LYS A 28 30.16 -5.14 -4.71
C LYS A 28 29.33 -4.14 -3.91
N TYR A 29 29.94 -3.56 -2.88
CA TYR A 29 29.20 -2.69 -1.96
C TYR A 29 28.93 -1.29 -2.51
N ILE A 30 29.69 -0.88 -3.52
CA ILE A 30 29.44 0.37 -4.26
C ILE A 30 28.91 1.61 -3.53
N ALA A 31 29.19 1.76 -2.24
CA ALA A 31 28.68 2.90 -1.47
C ALA A 31 29.75 3.48 -0.55
N LYS A 32 30.26 4.66 -0.86
CA LYS A 32 31.27 5.28 0.00
C LYS A 32 30.61 6.36 0.88
N PHE A 33 31.16 6.55 2.08
CA PHE A 33 30.67 7.55 3.02
C PHE A 33 31.79 8.47 3.47
N GLN A 34 31.47 9.75 3.54
CA GLN A 34 32.36 10.68 4.20
C GLN A 34 31.47 11.70 4.93
N GLY A 35 31.83 12.02 6.17
CA GLY A 35 30.94 12.74 7.07
C GLY A 35 29.92 11.74 7.59
N GLU A 36 29.14 12.14 8.59
CA GLU A 36 28.03 11.29 9.06
C GLU A 36 26.76 11.60 8.23
N ASP A 37 26.94 12.21 7.05
CA ASP A 37 25.80 12.73 6.33
C ASP A 37 25.92 12.71 4.78
N THR A 38 27.06 12.23 4.26
CA THR A 38 27.22 12.19 2.81
C THR A 38 27.51 10.77 2.34
N VAL A 39 26.98 10.38 1.19
CA VAL A 39 27.26 9.07 0.62
C VAL A 39 27.77 9.16 -0.81
N VAL A 40 28.76 8.34 -1.16
CA VAL A 40 29.32 8.39 -2.51
C VAL A 40 29.12 7.12 -3.32
N ILE A 41 28.32 7.21 -4.36
CA ILE A 41 28.13 6.10 -5.30
C ILE A 41 28.64 6.49 -6.67
N ALA A 42 29.47 5.62 -7.26
CA ALA A 42 30.06 5.87 -8.56
C ALA A 42 30.83 7.19 -8.56
N SER A 43 31.52 7.43 -7.45
CA SER A 43 32.30 8.65 -7.19
C SER A 43 31.49 9.95 -7.16
N LYS A 44 30.16 9.84 -7.12
CA LYS A 44 29.28 10.99 -6.96
C LYS A 44 28.86 11.13 -5.50
N PRO A 45 29.13 12.30 -4.90
CA PRO A 45 28.66 12.57 -3.54
C PRO A 45 27.20 13.04 -3.45
N TYR A 46 26.49 12.56 -2.42
CA TYR A 46 25.11 12.98 -2.18
C TYR A 46 24.97 13.39 -0.71
N ALA A 47 24.73 14.67 -0.46
CA ALA A 47 24.67 15.17 0.91
C ALA A 47 23.26 15.18 1.41
N PHE A 48 23.12 14.89 2.70
CA PHE A 48 21.81 14.89 3.34
C PHE A 48 21.86 15.51 4.70
N ASP A 49 20.75 15.48 5.40
CA ASP A 49 20.68 15.93 6.78
C ASP A 49 21.23 14.84 7.70
N ARG A 50 21.13 13.59 7.26
CA ARG A 50 21.66 12.43 8.01
C ARG A 50 21.74 11.20 7.11
N VAL A 51 22.83 10.43 7.20
CA VAL A 51 22.94 9.15 6.48
C VAL A 51 23.20 7.97 7.43
N PHE A 52 22.24 7.05 7.49
CA PHE A 52 22.37 5.86 8.31
C PHE A 52 22.97 4.68 7.56
N GLN A 53 24.11 4.18 8.04
CA GLN A 53 24.69 3.00 7.44
C GLN A 53 24.10 1.75 8.07
N SER A 54 24.51 0.58 7.59
CA SER A 54 23.95 -0.70 8.02
C SER A 54 24.00 -0.97 9.54
N SER A 55 25.01 -0.42 10.23
CA SER A 55 25.21 -0.68 11.65
C SER A 55 24.26 0.13 12.55
N THR A 56 23.46 0.99 11.95
CA THR A 56 22.58 1.87 12.71
C THR A 56 21.27 1.17 13.04
N SER A 57 20.95 1.14 14.33
CA SER A 57 19.79 0.44 14.83
C SER A 57 18.48 1.10 14.43
N GLN A 58 17.38 0.37 14.67
CA GLN A 58 16.05 0.88 14.43
C GLN A 58 15.80 2.04 15.37
N GLU A 59 16.13 1.85 16.64
CA GLU A 59 15.88 2.88 17.63
C GLU A 59 16.50 4.22 17.27
N GLN A 60 17.68 4.18 16.66
CA GLN A 60 18.39 5.42 16.36
C GLN A 60 17.89 6.08 15.11
N VAL A 61 17.34 5.30 14.18
CA VAL A 61 16.71 5.95 13.05
C VAL A 61 15.39 6.58 13.56
N TYR A 62 14.71 5.94 14.50
CA TYR A 62 13.48 6.51 15.07
C TYR A 62 13.81 7.80 15.83
N ASN A 63 14.85 7.75 16.67
CA ASN A 63 15.28 8.91 17.46
C ASN A 63 15.66 10.11 16.60
N ASP A 64 16.19 9.87 15.40
CA ASP A 64 16.67 10.97 14.55
C ASP A 64 15.66 11.42 13.47
N ALA A 65 14.79 10.52 13.05
CA ALA A 65 13.79 10.85 12.05
C ALA A 65 12.47 11.26 12.70
N ALA A 66 12.01 10.46 13.65
CA ALA A 66 10.61 10.57 14.06
C ALA A 66 10.37 11.07 15.48
N LYS A 67 11.36 10.95 16.37
CA LYS A 67 11.03 11.07 17.79
C LYS A 67 10.61 12.49 18.09
N LYS A 68 11.27 13.47 17.49
CA LYS A 68 10.88 14.86 17.71
C LYS A 68 9.58 15.25 17.03
N ILE A 69 9.20 14.55 15.97
CA ILE A 69 7.95 14.86 15.27
C ILE A 69 6.75 14.45 16.10
N VAL A 70 6.86 13.27 16.69
CA VAL A 70 5.87 12.74 17.62
C VAL A 70 5.71 13.65 18.83
N LYS A 71 6.84 14.06 19.42
CA LYS A 71 6.78 14.95 20.57
C LYS A 71 5.96 16.21 20.22
N ASP A 72 6.21 16.78 19.05
CA ASP A 72 5.51 17.99 18.63
C ASP A 72 4.04 17.74 18.38
N VAL A 73 3.67 16.53 17.98
CA VAL A 73 2.24 16.25 17.76
C VAL A 73 1.51 16.12 19.11
N LEU A 74 2.19 15.51 20.08
CA LEU A 74 1.69 15.40 21.44
C LEU A 74 1.69 16.79 22.11
N GLU A 75 2.27 17.77 21.45
CA GLU A 75 2.29 19.14 21.91
C GLU A 75 1.34 20.04 21.08
N GLY A 76 0.56 19.43 20.20
CA GLY A 76 -0.47 20.14 19.45
C GLY A 76 -0.20 20.49 18.00
N TYR A 77 1.02 20.22 17.53
CA TYR A 77 1.44 20.57 16.17
C TYR A 77 1.15 19.45 15.19
N ASN A 78 1.36 19.73 13.90
CA ASN A 78 1.23 18.74 12.84
C ASN A 78 2.60 18.22 12.40
N GLY A 79 2.63 17.11 11.70
CA GLY A 79 3.90 16.61 11.18
C GLY A 79 3.68 15.57 10.11
N THR A 80 4.68 15.39 9.26
CA THR A 80 4.57 14.37 8.20
C THR A 80 5.85 13.53 8.12
N ILE A 81 5.72 12.22 7.96
CA ILE A 81 6.87 11.40 7.61
C ILE A 81 6.63 10.65 6.28
N PHE A 82 7.62 10.76 5.39
CA PHE A 82 7.63 10.10 4.10
C PHE A 82 8.57 8.91 4.07
N ALA A 83 8.16 7.85 3.44
CA ALA A 83 9.08 6.74 3.23
C ALA A 83 9.21 6.47 1.73
N TYR A 84 10.40 6.75 1.17
CA TYR A 84 10.63 6.52 -0.25
C TYR A 84 11.69 5.44 -0.47
N GLY A 85 11.37 4.49 -1.34
CA GLY A 85 12.32 3.45 -1.69
C GLY A 85 11.91 2.61 -2.90
N GLN A 86 12.89 2.09 -3.62
CA GLN A 86 12.63 1.09 -4.63
C GLN A 86 12.55 -0.27 -3.91
N THR A 87 12.12 -1.32 -4.58
CA THR A 87 11.94 -2.62 -3.91
C THR A 87 13.28 -3.23 -3.52
N SER A 88 13.28 -3.95 -2.39
CA SER A 88 14.47 -4.50 -1.72
C SER A 88 15.46 -3.44 -1.26
N SER A 89 14.95 -2.30 -0.81
CA SER A 89 15.80 -1.22 -0.33
C SER A 89 15.86 -1.20 1.19
N GLY A 90 14.87 -1.84 1.82
CA GLY A 90 14.81 -1.92 3.26
C GLY A 90 13.74 -1.00 3.81
N LYS A 91 12.82 -0.60 2.95
CA LYS A 91 11.76 0.31 3.37
C LYS A 91 10.82 -0.32 4.40
N VAL A 92 10.30 -1.50 4.12
CA VAL A 92 9.34 -2.06 5.05
C VAL A 92 10.04 -2.35 6.37
N HIS A 93 11.29 -2.79 6.31
CA HIS A 93 12.06 -3.04 7.51
C HIS A 93 12.22 -1.78 8.33
N THR A 94 12.45 -0.67 7.63
CA THR A 94 12.59 0.61 8.29
C THR A 94 11.26 1.12 8.86
N MET A 95 10.18 0.97 8.11
CA MET A 95 8.91 1.51 8.55
C MET A 95 8.12 0.63 9.54
N GLU A 96 8.15 -0.68 9.33
CA GLU A 96 7.38 -1.58 10.15
C GLU A 96 8.29 -2.51 10.93
N GLY A 97 9.12 -3.25 10.22
CA GLY A 97 10.10 -4.12 10.85
C GLY A 97 9.42 -5.34 11.43
N LYS A 98 10.04 -5.98 12.41
CA LYS A 98 9.37 -7.06 13.13
C LYS A 98 8.75 -6.35 14.34
N LEU A 99 7.45 -6.08 14.28
CA LEU A 99 6.79 -5.31 15.34
C LEU A 99 6.46 -6.08 16.62
N HIS A 100 7.08 -5.61 17.72
CA HIS A 100 7.00 -6.16 19.11
C HIS A 100 8.04 -7.26 19.32
N ASP A 101 9.14 -7.01 18.61
CA ASP A 101 10.51 -7.19 19.10
C ASP A 101 10.93 -5.74 19.38
N PRO A 102 11.30 -5.44 20.64
CA PRO A 102 11.54 -4.04 20.96
C PRO A 102 12.85 -3.50 20.39
N GLU A 103 13.65 -4.39 19.81
CA GLU A 103 14.96 -4.04 19.31
C GLU A 103 14.88 -3.90 17.78
N GLY A 104 13.80 -4.45 17.20
CA GLY A 104 13.72 -4.65 15.77
C GLY A 104 12.52 -4.02 15.10
N MET A 105 11.74 -3.27 15.86
CA MET A 105 10.56 -2.69 15.25
C MET A 105 11.02 -1.40 14.63
N GLY A 106 10.35 -1.06 13.55
CA GLY A 106 10.66 0.12 12.79
C GLY A 106 10.04 1.37 13.34
N ILE A 107 9.93 2.36 12.48
CA ILE A 107 9.49 3.68 12.84
C ILE A 107 8.07 3.79 13.34
N ILE A 108 7.14 3.16 12.63
CA ILE A 108 5.73 3.32 12.95
C ILE A 108 5.35 2.69 14.28
N PRO A 109 5.75 1.43 14.52
CA PRO A 109 5.42 0.88 15.85
C PRO A 109 6.03 1.64 17.04
N ARG A 110 7.19 2.27 16.87
CA ARG A 110 7.78 2.98 17.98
C ARG A 110 7.01 4.26 18.18
N ILE A 111 6.49 4.81 17.08
CA ILE A 111 5.63 5.99 17.12
C ILE A 111 4.34 5.66 17.87
N VAL A 112 3.75 4.52 17.56
CA VAL A 112 2.54 4.14 18.26
C VAL A 112 2.84 3.94 19.76
N GLN A 113 3.95 3.30 20.12
CA GLN A 113 4.23 3.11 21.53
C GLN A 113 4.68 4.36 22.25
N ASP A 114 5.26 5.31 21.53
CA ASP A 114 5.63 6.54 22.21
C ASP A 114 4.39 7.39 22.44
N ILE A 115 3.41 7.30 21.56
CA ILE A 115 2.16 7.99 21.83
C ILE A 115 1.45 7.40 23.05
N PHE A 116 1.37 6.07 23.13
CA PHE A 116 0.61 5.50 24.20
C PHE A 116 1.34 5.50 25.51
N ASN A 117 2.66 5.42 25.49
CA ASN A 117 3.36 5.57 26.75
C ASN A 117 3.18 6.97 27.28
N TYR A 118 3.01 7.92 26.35
CA TYR A 118 2.77 9.28 26.77
C TYR A 118 1.40 9.41 27.43
N ILE A 119 0.38 8.83 26.80
CA ILE A 119 -0.98 8.81 27.35
C ILE A 119 -1.09 8.12 28.71
N TYR A 120 -0.62 6.88 28.77
CA TYR A 120 -0.67 6.08 29.99
C TYR A 120 0.04 6.79 31.13
N SER A 121 0.96 7.68 30.76
CA SER A 121 1.74 8.44 31.71
C SER A 121 1.00 9.62 32.36
N MET A 122 -0.28 9.81 32.02
CA MET A 122 -0.96 11.02 32.47
C MET A 122 -2.20 10.70 33.33
N GLU A 124 -5.32 10.90 34.35
CA GLU A 124 -6.08 11.50 35.43
C GLU A 124 -6.87 12.70 34.87
N ASN A 125 -6.34 13.91 34.99
CA ASN A 125 -6.97 15.11 34.42
C ASN A 125 -6.89 15.24 32.91
N LEU A 126 -6.30 14.27 32.23
CA LEU A 126 -6.08 14.36 30.79
C LEU A 126 -6.91 13.38 29.97
N GLU A 127 -7.79 13.91 29.13
CA GLU A 127 -8.61 13.05 28.30
C GLU A 127 -8.03 12.91 26.88
N PHE A 128 -8.17 11.76 26.26
CA PHE A 128 -7.57 11.53 24.96
C PHE A 128 -8.55 10.98 23.95
N HIS A 129 -8.25 11.25 22.68
CA HIS A 129 -8.93 10.65 21.56
C HIS A 129 -7.94 10.48 20.44
N ILE A 130 -7.71 9.26 20.02
CA ILE A 130 -6.91 9.07 18.82
C ILE A 130 -7.80 8.56 17.65
N LYS A 131 -7.86 9.35 16.59
CA LYS A 131 -8.52 8.90 15.36
C LYS A 131 -7.46 8.47 14.34
N VAL A 132 -7.70 7.32 13.73
CA VAL A 132 -6.83 6.93 12.63
C VAL A 132 -7.69 6.92 11.38
N SER A 133 -7.08 7.38 10.28
CA SER A 133 -7.61 7.31 8.91
C SER A 133 -6.54 6.67 8.11
N TYR A 134 -6.93 6.07 7.00
CA TYR A 134 -5.96 5.37 6.17
C TYR A 134 -6.51 5.33 4.80
N PHE A 135 -5.86 6.01 3.86
CA PHE A 135 -6.29 5.95 2.46
C PHE A 135 -5.10 6.00 1.48
N GLU A 136 -5.37 5.89 0.18
CA GLU A 136 -4.34 5.87 -0.86
C GLU A 136 -4.67 6.79 -2.02
N ILE A 137 -3.64 7.27 -2.71
CA ILE A 137 -3.83 7.99 -3.96
C ILE A 137 -3.50 7.04 -5.12
N TYR A 138 -4.54 6.53 -5.77
CA TYR A 138 -4.36 5.56 -6.84
C TYR A 138 -5.02 6.07 -8.12
N LEU A 139 -4.22 6.25 -9.19
CA LEU A 139 -4.73 6.79 -10.44
C LEU A 139 -5.40 8.14 -10.24
N ASP A 140 -4.75 9.01 -9.45
CA ASP A 140 -5.26 10.34 -9.08
C ASP A 140 -6.58 10.33 -8.27
N LYS A 141 -7.01 9.15 -7.83
CA LYS A 141 -8.21 9.01 -7.02
C LYS A 141 -7.85 8.78 -5.58
N ILE A 142 -8.69 9.24 -4.65
CA ILE A 142 -8.52 8.93 -3.23
C ILE A 142 -9.48 7.76 -2.83
N ARG A 143 -8.90 6.59 -2.54
CA ARG A 143 -9.67 5.39 -2.13
C ARG A 143 -9.52 5.22 -0.67
N ASP A 144 -10.59 4.86 -0.01
CA ASP A 144 -10.51 4.59 1.41
C ASP A 144 -10.00 3.16 1.61
N LEU A 145 -8.94 2.96 2.39
CA LEU A 145 -8.43 1.61 2.63
C LEU A 145 -9.13 0.90 3.80
N LEU A 146 -9.99 1.64 4.50
CA LEU A 146 -10.78 1.09 5.60
C LEU A 146 -12.23 0.80 5.22
N ASP A 147 -12.63 1.22 4.03
CA ASP A 147 -13.98 1.06 3.50
C ASP A 147 -13.83 1.11 1.99
N VAL A 148 -13.63 -0.06 1.39
CA VAL A 148 -13.28 -0.16 -0.02
C VAL A 148 -14.43 0.17 -0.98
N SER A 149 -15.65 0.28 -0.46
CA SER A 149 -16.77 0.75 -1.27
C SER A 149 -16.59 2.25 -1.54
N LYS A 150 -15.72 2.92 -0.79
CA LYS A 150 -15.44 4.33 -1.04
C LYS A 150 -14.18 4.52 -1.88
N THR A 151 -14.31 4.34 -3.20
CA THR A 151 -13.16 4.43 -4.13
C THR A 151 -12.79 5.83 -4.67
N ASN A 152 -13.70 6.81 -4.66
CA ASN A 152 -13.33 8.09 -5.25
C ASN A 152 -13.74 9.32 -4.42
N LEU A 153 -12.98 9.55 -3.35
CA LEU A 153 -13.22 10.66 -2.43
C LEU A 153 -12.61 11.97 -2.88
N SER A 154 -13.12 13.07 -2.35
CA SER A 154 -12.69 14.40 -2.75
C SER A 154 -12.04 15.20 -1.62
N VAL A 155 -11.22 16.19 -1.99
CA VAL A 155 -10.64 17.10 -1.04
C VAL A 155 -11.36 18.44 -1.04
N HIS A 156 -11.72 18.90 0.15
CA HIS A 156 -12.37 20.19 0.31
C HIS A 156 -11.63 20.91 1.42
N GLU A 157 -11.97 22.17 1.69
CA GLU A 157 -11.35 22.90 2.78
C GLU A 157 -12.43 23.46 3.65
N ASP A 158 -12.23 23.43 4.95
CA ASP A 158 -13.23 23.93 5.85
C ASP A 158 -13.27 25.46 5.92
N LYS A 159 -14.01 25.96 6.90
CA LYS A 159 -14.17 27.39 7.17
C LYS A 159 -12.84 28.06 7.54
N ASN A 160 -11.92 27.30 8.13
CA ASN A 160 -10.63 27.84 8.54
C ASN A 160 -9.53 27.63 7.51
N ARG A 161 -9.93 27.18 6.34
CA ARG A 161 -9.07 26.87 5.21
C ARG A 161 -8.11 25.69 5.41
N VAL A 162 -8.34 24.89 6.45
CA VAL A 162 -7.59 23.64 6.64
C VAL A 162 -8.29 22.59 5.79
N PRO A 163 -7.52 21.80 4.99
CA PRO A 163 -8.04 20.75 4.10
C PRO A 163 -8.58 19.47 4.79
N TYR A 164 -9.62 18.85 4.20
CA TYR A 164 -10.17 17.56 4.68
C TYR A 164 -10.62 16.67 3.50
N VAL A 165 -10.78 15.39 3.79
CA VAL A 165 -11.20 14.38 2.84
C VAL A 165 -12.65 13.98 3.17
N LYS A 166 -13.62 14.54 2.47
CA LYS A 166 -15.01 14.26 2.77
C LYS A 166 -15.33 12.77 2.61
N GLY A 167 -15.62 12.12 3.72
CA GLY A 167 -16.13 10.77 3.66
C GLY A 167 -15.15 9.75 4.13
N ALA A 168 -13.89 10.14 4.29
CA ALA A 168 -12.90 9.17 4.75
C ALA A 168 -13.33 8.59 6.10
N THR A 169 -13.12 7.28 6.24
CA THR A 169 -13.33 6.52 7.45
C THR A 169 -12.41 6.96 8.56
N GLU A 170 -12.98 7.39 9.70
CA GLU A 170 -12.25 7.64 10.96
C GLU A 170 -12.53 6.57 12.04
N ARG A 171 -11.48 5.89 12.50
CA ARG A 171 -11.63 4.91 13.57
C ARG A 171 -11.01 5.42 14.87
N PHE A 172 -11.75 5.28 15.98
CA PHE A 172 -11.19 5.59 17.31
C PHE A 172 -10.37 4.41 17.83
N VAL A 173 -9.20 4.68 18.38
CA VAL A 173 -8.33 3.62 18.91
C VAL A 173 -7.91 3.91 20.35
N SER A 174 -7.67 2.86 21.12
CA SER A 174 -7.41 3.03 22.54
C SER A 174 -6.19 2.22 23.00
N SER A 175 -5.57 1.50 22.08
CA SER A 175 -4.42 0.68 22.44
C SER A 175 -3.44 0.55 21.27
N PRO A 176 -2.16 0.30 21.56
CA PRO A 176 -1.20 0.14 20.45
C PRO A 176 -1.57 -0.96 19.45
N ASP A 177 -2.17 -2.05 19.91
CA ASP A 177 -2.58 -3.13 19.02
C ASP A 177 -3.79 -2.74 18.20
N GLU A 178 -4.64 -1.88 18.76
CA GLU A 178 -5.83 -1.49 18.01
C GLU A 178 -5.39 -0.62 16.86
N VAL A 179 -4.27 0.07 17.02
CA VAL A 179 -3.71 0.80 15.92
C VAL A 179 -3.03 -0.11 14.86
N MET A 180 -2.19 -1.05 15.29
CA MET A 180 -1.52 -1.93 14.34
C MET A 180 -2.48 -2.78 13.52
N ASP A 181 -3.64 -3.11 14.07
CA ASP A 181 -4.61 -3.92 13.32
C ASP A 181 -5.36 -3.10 12.28
N THR A 182 -5.50 -1.81 12.52
CA THR A 182 -6.16 -0.93 11.56
C THR A 182 -5.25 -0.78 10.36
N ILE A 183 -3.96 -0.63 10.66
CA ILE A 183 -2.91 -0.59 9.64
C ILE A 183 -2.85 -1.90 8.84
N ASP A 184 -2.90 -3.06 9.48
CA ASP A 184 -2.86 -4.31 8.70
C ASP A 184 -4.06 -4.50 7.78
N GLU A 185 -5.24 -4.13 8.27
CA GLU A 185 -6.46 -4.15 7.48
C GLU A 185 -6.34 -3.34 6.19
N GLY A 186 -5.80 -2.13 6.30
CA GLY A 186 -5.63 -1.23 5.16
C GLY A 186 -4.67 -1.74 4.13
N LYS A 187 -3.60 -2.40 4.60
CA LYS A 187 -2.53 -2.89 3.76
C LYS A 187 -3.01 -3.95 2.79
N SER A 188 -3.91 -4.78 3.26
CA SER A 188 -4.51 -5.79 2.44
C SER A 188 -5.35 -5.18 1.30
N ASN A 189 -5.67 -3.89 1.41
CA ASN A 189 -6.47 -3.20 0.40
C ASN A 189 -5.67 -2.26 -0.48
N ARG A 190 -4.40 -2.13 -0.21
CA ARG A 190 -3.62 -1.23 -1.04
C ARG A 190 -3.37 -1.86 -2.40
N HIS A 191 -3.23 -1.03 -3.43
CA HIS A 191 -2.89 -1.51 -4.78
C HIS A 191 -1.44 -1.92 -4.93
N VAL A 192 -1.20 -3.22 -5.13
CA VAL A 192 0.15 -3.73 -5.33
C VAL A 192 0.15 -4.49 -6.68
N ALA A 193 1.30 -4.86 -7.24
CA ALA A 193 1.33 -5.46 -8.59
C ALA A 193 2.60 -6.25 -8.92
N VAL A 194 2.74 -6.61 -10.21
CA VAL A 194 3.80 -7.46 -10.79
C VAL A 194 4.29 -8.56 -9.83
N GLU A 199 8.15 -7.35 -8.19
CA GLU A 199 7.85 -8.03 -6.94
C GLU A 199 6.58 -7.42 -6.33
N HIS A 200 6.57 -7.12 -5.03
CA HIS A 200 5.31 -6.64 -4.45
C HIS A 200 5.38 -5.12 -4.48
N SER A 201 4.93 -4.54 -5.58
CA SER A 201 5.10 -3.09 -5.76
C SER A 201 3.83 -2.24 -5.74
N SER A 202 3.83 -1.32 -4.78
CA SER A 202 2.83 -0.29 -4.59
C SER A 202 2.46 0.39 -5.89
N ARG A 203 1.19 0.31 -6.28
CA ARG A 203 0.75 1.06 -7.46
C ARG A 203 0.11 2.37 -7.07
N SER A 204 0.25 2.74 -5.79
CA SER A 204 -0.39 3.95 -5.22
C SER A 204 0.39 4.54 -4.07
N HIS A 205 0.11 5.79 -3.69
CA HIS A 205 0.75 6.34 -2.49
C HIS A 205 -0.20 6.23 -1.32
N SER A 206 0.24 5.67 -0.18
CA SER A 206 -0.69 5.58 0.96
C SER A 206 -0.38 6.56 2.08
N ILE A 207 -1.46 7.12 2.60
CA ILE A 207 -1.39 8.10 3.68
C ILE A 207 -2.07 7.57 4.95
N PHE A 208 -1.30 7.43 6.01
CA PHE A 208 -1.89 6.99 7.27
C PHE A 208 -1.95 8.17 8.22
N LEU A 209 -3.13 8.44 8.75
CA LEU A 209 -3.30 9.59 9.64
C LEU A 209 -3.56 9.21 11.06
N ILE A 210 -2.72 9.70 11.96
CA ILE A 210 -2.98 9.65 13.40
C ILE A 210 -3.33 11.01 13.93
N ASN A 211 -4.57 11.18 14.37
CA ASN A 211 -4.98 12.45 14.95
C ASN A 211 -5.10 12.32 16.46
N VAL A 212 -4.26 13.04 17.19
CA VAL A 212 -4.22 12.95 18.65
C VAL A 212 -4.83 14.16 19.34
N LYS A 213 -6.04 13.99 19.86
CA LYS A 213 -6.79 15.03 20.57
C LYS A 213 -6.63 14.89 22.10
N GLN A 214 -6.44 16.02 22.76
CA GLN A 214 -6.25 16.03 24.22
C GLN A 214 -7.10 17.09 24.89
N GLU A 215 -7.65 16.74 26.04
CA GLU A 215 -8.30 17.76 26.83
C GLU A 215 -7.80 17.63 28.25
N ASN A 216 -7.49 18.78 28.81
CA ASN A 216 -7.04 18.93 30.18
C ASN A 216 -8.22 19.42 30.97
N THR A 217 -8.72 18.61 31.89
CA THR A 217 -9.90 18.93 32.69
C THR A 217 -9.86 20.17 33.61
N GLN A 218 -8.72 20.43 34.23
CA GLN A 218 -8.64 21.53 35.15
C GLN A 218 -8.49 22.88 34.42
N THR A 219 -7.60 22.93 33.45
CA THR A 219 -7.37 24.17 32.71
C THR A 219 -8.42 24.32 31.59
N GLU A 220 -9.13 23.23 31.33
CA GLU A 220 -10.09 23.06 30.24
C GLU A 220 -9.53 23.58 28.95
N GLN A 221 -8.22 23.42 28.76
CA GLN A 221 -7.55 23.72 27.50
C GLN A 221 -7.46 22.45 26.63
N LYS A 222 -7.68 22.61 25.33
CA LYS A 222 -7.62 21.51 24.37
C LYS A 222 -6.36 21.53 23.48
N LEU A 223 -5.96 20.38 22.97
CA LEU A 223 -4.90 20.29 21.97
C LEU A 223 -5.33 19.30 20.88
N SER A 224 -4.86 19.52 19.65
CA SER A 224 -5.15 18.58 18.55
C SER A 224 -4.03 18.61 17.51
N GLY A 225 -3.32 17.48 17.38
CA GLY A 225 -2.21 17.36 16.46
C GLY A 225 -2.44 16.29 15.41
N LYS A 226 -1.95 16.51 14.18
CA LYS A 226 -2.06 15.53 13.10
C LYS A 226 -0.70 15.00 12.70
N LEU A 227 -0.54 13.69 12.83
CA LEU A 227 0.65 13.00 12.33
C LEU A 227 0.29 12.16 11.09
N TYR A 228 0.88 12.49 9.94
CA TYR A 228 0.65 11.76 8.66
C TYR A 228 1.73 10.77 8.31
N LEU A 229 1.40 9.55 8.01
CA LEU A 229 2.47 8.68 7.55
C LEU A 229 2.32 8.34 6.09
N VAL A 230 3.18 8.93 5.27
CA VAL A 230 3.01 8.72 3.85
C VAL A 230 4.03 7.73 3.34
N ASP A 231 3.50 6.66 2.77
CA ASP A 231 4.28 5.66 2.06
C ASP A 231 4.25 5.89 0.58
N LEU A 232 5.37 6.37 0.06
CA LEU A 232 5.48 6.67 -1.35
C LEU A 232 5.84 5.41 -2.10
N ALA A 233 5.08 5.12 -3.15
CA ALA A 233 5.40 4.07 -4.12
C ALA A 233 6.56 4.56 -4.94
N GLY A 234 7.55 3.71 -5.19
CA GLY A 234 8.69 4.14 -5.97
C GLY A 234 8.38 4.60 -7.39
N SER A 235 9.16 5.56 -7.89
CA SER A 235 9.04 6.03 -9.27
C SER A 235 9.39 4.94 -10.30
N GLU A 236 8.65 4.93 -11.40
CA GLU A 236 8.92 3.94 -12.46
C GLU A 236 9.29 4.57 -13.80
N LYS A 237 10.29 3.99 -14.44
CA LYS A 237 10.62 4.35 -15.82
C LYS A 237 9.85 3.41 -16.71
N VAL A 238 8.59 3.73 -17.00
CA VAL A 238 7.76 2.83 -17.79
C VAL A 238 7.49 3.38 -19.19
N SER A 239 7.71 2.53 -20.18
CA SER A 239 7.48 2.85 -21.58
C SER A 239 6.03 2.64 -21.95
N ALA A 243 0.62 -4.86 -18.05
CA ALA A 243 -0.24 -4.50 -19.18
C ALA A 243 0.16 -3.14 -19.78
N GLU A 244 0.47 -3.10 -21.07
CA GLU A 244 0.66 -1.83 -21.77
C GLU A 244 -0.70 -1.14 -21.91
N GLY A 245 -1.19 -0.61 -20.79
CA GLY A 245 -2.53 -0.06 -20.68
C GLY A 245 -2.78 0.36 -19.24
N ALA A 246 -3.41 -0.51 -18.46
CA ALA A 246 -3.79 -0.17 -17.10
C ALA A 246 -2.57 -0.03 -16.19
N VAL A 247 -1.50 -0.76 -16.46
CA VAL A 247 -0.27 -0.60 -15.67
C VAL A 247 0.49 0.69 -16.05
N LEU A 248 0.47 1.04 -17.33
CA LEU A 248 1.12 2.25 -17.85
C LEU A 248 0.47 3.47 -17.20
N ASP A 249 -0.85 3.46 -17.11
CA ASP A 249 -1.60 4.46 -16.36
C ASP A 249 -1.13 4.59 -14.93
N GLU A 250 -0.85 3.46 -14.29
CA GLU A 250 -0.42 3.44 -12.91
C GLU A 250 0.91 4.13 -12.75
N ALA A 251 1.85 3.80 -13.64
CA ALA A 251 3.21 4.33 -13.61
C ALA A 251 3.31 5.83 -13.91
N LYS A 252 2.51 6.32 -14.86
CA LYS A 252 2.53 7.74 -15.21
C LYS A 252 2.04 8.61 -14.06
N ASN A 253 1.02 8.13 -13.34
CA ASN A 253 0.48 8.83 -12.16
C ASN A 253 1.39 8.81 -10.95
N ILE A 254 2.04 7.68 -10.71
CA ILE A 254 3.02 7.57 -9.65
C ILE A 254 4.06 8.65 -9.84
N ASN A 255 4.60 8.74 -11.06
CA ASN A 255 5.66 9.69 -11.40
C ASN A 255 5.21 11.15 -11.37
N LYS A 256 3.99 11.42 -11.85
CA LYS A 256 3.47 12.77 -11.87
C LYS A 256 3.23 13.27 -10.47
N SER A 257 2.62 12.44 -9.63
CA SER A 257 2.31 12.89 -8.27
C SER A 257 3.59 13.01 -7.45
N LEU A 258 4.62 12.20 -7.73
CA LEU A 258 5.91 12.33 -7.05
C LEU A 258 6.62 13.63 -7.44
N SER A 259 6.45 14.00 -8.69
CA SER A 259 7.08 15.21 -9.19
C SER A 259 6.35 16.43 -8.64
N ALA A 260 5.04 16.33 -8.45
CA ALA A 260 4.29 17.43 -7.85
C ALA A 260 4.70 17.59 -6.39
N LEU A 261 4.94 16.45 -5.75
CA LEU A 261 5.38 16.41 -4.36
C LEU A 261 6.77 17.05 -4.25
N GLY A 262 7.64 16.69 -5.19
CA GLY A 262 8.99 17.22 -5.24
C GLY A 262 8.94 18.71 -5.40
N ASN A 263 8.00 19.17 -6.21
CA ASN A 263 7.89 20.61 -6.50
C ASN A 263 7.58 21.41 -5.25
N VAL A 264 6.61 20.96 -4.48
CA VAL A 264 6.25 21.58 -3.22
C VAL A 264 7.38 21.51 -2.19
N ILE A 265 7.94 20.31 -2.00
CA ILE A 265 9.01 20.10 -1.05
C ILE A 265 10.18 21.01 -1.38
N SER A 266 10.55 21.06 -2.64
CA SER A 266 11.65 21.91 -3.04
C SER A 266 11.29 23.39 -2.93
N ALA A 267 10.04 23.76 -3.15
CA ALA A 267 9.68 25.16 -2.98
C ALA A 267 9.94 25.54 -1.52
N LEU A 268 9.58 24.65 -0.57
CA LEU A 268 9.76 24.94 0.84
C LEU A 268 11.24 25.04 1.21
N ALA A 269 12.01 24.04 0.80
CA ALA A 269 13.44 23.99 1.08
C ALA A 269 14.20 25.20 0.50
N GLU A 270 13.76 25.73 -0.63
CA GLU A 270 14.45 26.82 -1.27
C GLU A 270 13.86 28.17 -0.83
N GLY A 271 13.07 28.14 0.24
CA GLY A 271 12.47 29.35 0.80
C GLY A 271 11.60 30.13 -0.17
N SER A 272 10.92 29.40 -1.03
CA SER A 272 10.01 30.01 -1.97
C SER A 272 8.83 30.60 -1.23
N THR A 273 8.35 31.74 -1.70
CA THR A 273 7.21 32.38 -1.08
C THR A 273 5.88 31.97 -1.69
N TYR A 274 5.95 31.10 -2.69
CA TYR A 274 4.76 30.50 -3.27
C TYR A 274 5.07 29.02 -3.36
N VAL A 275 4.36 28.26 -2.53
CA VAL A 275 4.52 26.82 -2.45
C VAL A 275 3.25 26.26 -3.03
N PRO A 276 3.36 25.62 -4.20
CA PRO A 276 2.26 25.19 -5.06
C PRO A 276 1.58 23.93 -4.56
N TYR A 277 0.97 24.02 -3.39
CA TYR A 277 0.26 22.90 -2.80
C TYR A 277 -0.88 22.39 -3.69
N ARG A 278 -1.64 23.34 -4.22
CA ARG A 278 -2.84 23.07 -5.00
C ARG A 278 -2.63 22.13 -6.18
N ASP A 279 -1.38 21.97 -6.62
CA ASP A 279 -1.07 21.25 -7.87
C ASP A 279 -1.43 19.75 -7.89
N SER A 280 -1.56 19.14 -6.72
CA SER A 280 -1.94 17.72 -6.64
C SER A 280 -2.76 17.46 -5.37
N LYS A 281 -3.56 16.40 -5.40
CA LYS A 281 -4.43 16.06 -4.28
C LYS A 281 -3.59 15.77 -3.03
N MET A 282 -2.52 15.00 -3.17
CA MET A 282 -1.73 14.67 -2.01
C MET A 282 -1.14 15.88 -1.30
N THR A 283 -0.49 16.77 -2.03
CA THR A 283 0.04 17.97 -1.40
C THR A 283 -1.05 18.93 -0.89
N ARG A 284 -2.26 18.85 -1.44
CA ARG A 284 -3.38 19.63 -0.94
C ARG A 284 -3.90 19.06 0.40
N ILE A 285 -3.97 17.73 0.47
CA ILE A 285 -4.34 17.01 1.69
C ILE A 285 -3.38 17.30 2.81
N LEU A 286 -2.08 17.24 2.50
CA LEU A 286 -1.02 17.49 3.49
C LEU A 286 -0.59 18.93 3.66
N GLN A 287 -1.37 19.86 3.09
CA GLN A 287 -1.01 21.26 3.09
C GLN A 287 -0.65 21.77 4.47
N ASP A 288 -1.45 21.47 5.48
CA ASP A 288 -1.19 21.99 6.81
C ASP A 288 -0.21 21.16 7.64
N SER A 289 0.38 20.15 7.02
CA SER A 289 1.38 19.29 7.68
C SER A 289 2.70 19.23 6.92
N LEU A 290 2.82 20.04 5.87
CA LEU A 290 4.05 20.11 5.07
C LEU A 290 4.57 21.53 5.06
N GLY A 291 5.67 21.76 5.77
CA GLY A 291 6.27 23.08 5.77
C GLY A 291 5.57 24.00 6.73
N GLY A 292 6.07 25.22 6.82
CA GLY A 292 5.57 26.19 7.77
C GLY A 292 5.95 25.76 9.17
N ASN A 293 5.02 25.82 10.12
CA ASN A 293 5.35 25.49 11.52
C ASN A 293 5.24 23.98 11.79
N ALA A 294 5.11 23.20 10.72
CA ALA A 294 5.01 21.73 10.80
C ALA A 294 6.36 21.09 10.48
N ARG A 295 6.67 19.97 11.15
CA ARG A 295 7.96 19.32 10.97
C ARG A 295 7.86 18.10 10.06
N THR A 296 8.83 17.93 9.17
CA THR A 296 8.79 16.85 8.21
C THR A 296 10.06 16.02 8.15
N THR A 297 9.93 14.71 8.01
CA THR A 297 11.10 13.93 7.66
C THR A 297 10.76 13.04 6.47
N ILE A 298 11.65 13.08 5.47
CA ILE A 298 11.68 12.16 4.35
C ILE A 298 12.76 11.10 4.56
N VAL A 299 12.39 9.84 4.68
CA VAL A 299 13.42 8.81 4.81
C VAL A 299 13.55 8.08 3.47
N ILE A 300 14.67 8.25 2.78
CA ILE A 300 14.81 7.53 1.54
C ILE A 300 15.69 6.30 1.81
N CYS A 301 15.20 5.13 1.44
CA CYS A 301 15.90 3.88 1.71
C CYS A 301 16.59 3.37 0.48
N CYS A 302 17.86 3.03 0.61
CA CYS A 302 18.63 2.64 -0.54
C CYS A 302 19.35 1.33 -0.32
N SER A 303 19.54 0.61 -1.40
CA SER A 303 20.33 -0.59 -1.38
C SER A 303 21.77 -0.24 -1.72
N PRO A 304 22.72 -0.79 -0.93
CA PRO A 304 24.13 -0.58 -1.23
C PRO A 304 24.56 -1.51 -2.36
N SER A 305 23.76 -2.54 -2.61
CA SER A 305 24.03 -3.53 -3.65
C SER A 305 24.31 -2.90 -5.02
N SER A 306 25.25 -3.48 -5.75
CA SER A 306 25.53 -3.06 -7.11
C SER A 306 24.37 -3.36 -8.09
N TYR A 307 23.62 -4.44 -7.85
CA TYR A 307 22.49 -4.81 -8.73
C TYR A 307 21.50 -3.67 -8.87
N ASN A 308 21.47 -2.79 -7.87
CA ASN A 308 20.51 -1.72 -7.77
C ASN A 308 21.02 -0.30 -8.09
N GLU A 309 22.29 -0.21 -8.49
CA GLU A 309 23.00 1.08 -8.47
C GLU A 309 22.34 2.11 -9.37
N SER A 310 21.64 1.62 -10.37
CA SER A 310 21.03 2.51 -11.33
C SER A 310 19.90 3.26 -10.70
N GLU A 311 19.10 2.58 -9.88
CA GLU A 311 17.96 3.22 -9.21
C GLU A 311 18.19 3.67 -7.76
N THR A 312 19.23 3.19 -7.08
CA THR A 312 19.47 3.77 -5.77
C THR A 312 20.05 5.14 -6.04
N LYS A 313 20.64 5.30 -7.21
CA LYS A 313 21.10 6.61 -7.68
C LYS A 313 19.87 7.49 -7.90
N SER A 314 18.81 6.93 -8.45
CA SER A 314 17.60 7.69 -8.72
C SER A 314 16.85 8.07 -7.43
N THR A 315 16.90 7.21 -6.42
CA THR A 315 16.32 7.48 -5.09
C THR A 315 17.01 8.68 -4.43
N LEU A 316 18.35 8.63 -4.43
CA LEU A 316 19.22 9.66 -3.86
C LEU A 316 19.05 11.02 -4.54
N LEU A 317 18.82 11.00 -5.85
CA LEU A 317 18.52 12.21 -6.58
C LEU A 317 17.17 12.79 -6.12
N PHE A 318 16.20 11.91 -5.86
CA PHE A 318 14.90 12.32 -5.33
C PHE A 318 15.05 12.91 -3.92
N GLY A 319 15.90 12.30 -3.09
CA GLY A 319 16.12 12.82 -1.75
C GLY A 319 16.77 14.19 -1.81
N GLN A 320 17.57 14.38 -2.86
CA GLN A 320 18.35 15.59 -3.02
C GLN A 320 17.47 16.79 -3.33
N ARG A 321 16.26 16.50 -3.82
CA ARG A 321 15.32 17.52 -4.22
C ARG A 321 14.89 18.29 -2.98
N ALA A 322 15.06 17.67 -1.81
CA ALA A 322 14.61 18.27 -0.55
C ALA A 322 15.74 18.99 0.22
N LYS A 323 16.96 19.00 -0.33
CA LYS A 323 18.07 19.66 0.35
C LYS A 323 18.03 21.15 0.02
N THR A 324 18.31 21.97 1.02
CA THR A 324 18.20 23.43 0.91
C THR A 324 19.25 24.01 -0.02
N GLU B 6 51.87 -7.19 26.44
CA GLU B 6 51.10 -5.94 26.29
C GLU B 6 49.58 -6.19 26.28
N SER B 7 49.12 -7.03 27.21
CA SER B 7 47.73 -7.48 27.44
C SER B 7 46.59 -6.51 27.09
N ASN B 8 45.64 -7.01 26.31
CA ASN B 8 44.57 -6.21 25.75
C ASN B 8 43.22 -6.88 26.04
N ILE B 9 42.75 -6.76 27.28
CA ILE B 9 41.47 -7.31 27.70
C ILE B 9 40.46 -6.22 27.87
N LYS B 10 39.32 -6.37 27.22
CA LYS B 10 38.28 -5.36 27.19
C LYS B 10 36.93 -5.87 27.70
N VAL B 11 36.23 -5.08 28.53
CA VAL B 11 34.91 -5.46 29.05
C VAL B 11 33.78 -4.56 28.59
N MET B 12 32.69 -5.19 28.16
CA MET B 12 31.59 -4.49 27.58
C MET B 12 30.26 -4.91 28.13
N CYS B 13 29.43 -3.92 28.39
CA CYS B 13 28.16 -4.17 29.00
C CYS B 13 27.07 -3.78 28.01
N ARG B 14 26.20 -4.72 27.66
CA ARG B 14 25.12 -4.37 26.75
C ARG B 14 23.82 -4.59 27.49
N PHE B 15 23.12 -3.49 27.71
CA PHE B 15 21.80 -3.53 28.30
C PHE B 15 20.79 -3.78 27.19
N ARG B 16 19.78 -4.58 27.52
CA ARG B 16 18.76 -4.93 26.57
C ARG B 16 17.62 -3.96 26.79
N PRO B 17 16.71 -3.88 25.81
CA PRO B 17 15.49 -3.13 26.08
C PRO B 17 14.58 -4.02 26.93
N LEU B 18 13.56 -3.44 27.55
CA LEU B 18 12.77 -4.21 28.50
C LEU B 18 11.56 -4.68 27.73
N ASN B 19 11.24 -5.95 27.92
CA ASN B 19 10.16 -6.57 27.17
C ASN B 19 8.85 -6.27 27.85
N GLU B 20 7.93 -5.71 27.06
CA GLU B 20 6.58 -5.35 27.49
C GLU B 20 5.98 -6.35 28.47
N SER B 21 6.29 -7.63 28.25
CA SER B 21 5.88 -8.71 29.15
C SER B 21 6.22 -8.36 30.60
N GLU B 22 7.41 -7.83 30.82
CA GLU B 22 7.83 -7.38 32.15
C GLU B 22 7.47 -5.90 32.39
N VAL B 23 7.47 -5.11 31.33
CA VAL B 23 7.06 -3.71 31.42
C VAL B 23 5.56 -3.53 31.65
N ASN B 24 4.73 -4.39 31.04
CA ASN B 24 3.27 -4.34 31.20
C ASN B 24 2.84 -5.08 32.45
N ARG B 25 3.82 -5.69 33.11
CA ARG B 25 3.63 -6.40 34.37
C ARG B 25 3.90 -5.35 35.43
N GLY B 26 4.75 -4.41 35.07
CA GLY B 26 5.03 -3.25 35.90
C GLY B 26 6.30 -3.50 36.67
N ASP B 27 7.39 -3.02 36.09
CA ASP B 27 8.72 -3.02 36.67
C ASP B 27 9.34 -1.69 36.26
N LYS B 28 10.36 -1.24 36.98
CA LYS B 28 10.89 0.07 36.64
C LYS B 28 12.23 -0.06 35.96
N TYR B 29 12.52 0.92 35.11
CA TYR B 29 13.76 0.95 34.38
C TYR B 29 14.77 1.53 35.37
N ILE B 30 15.69 0.70 35.85
CA ILE B 30 16.67 1.12 36.85
C ILE B 30 18.09 1.40 36.37
N ALA B 31 18.25 1.90 35.14
CA ALA B 31 19.60 2.11 34.59
C ALA B 31 19.85 3.44 33.86
N LYS B 32 20.65 4.31 34.47
CA LYS B 32 21.02 5.59 33.85
C LYS B 32 22.42 5.45 33.25
N PHE B 33 22.70 6.20 32.20
CA PHE B 33 24.00 6.13 31.50
C PHE B 33 24.71 7.48 31.44
N GLN B 34 26.03 7.45 31.61
CA GLN B 34 26.81 8.65 31.39
C GLN B 34 28.07 8.33 30.62
N GLY B 35 28.34 9.12 29.58
CA GLY B 35 29.41 8.77 28.68
C GLY B 35 28.99 7.64 27.77
N GLU B 36 29.83 7.34 26.78
CA GLU B 36 29.60 6.19 25.95
C GLU B 36 30.18 4.93 26.63
N ASP B 37 30.40 5.04 27.93
CA ASP B 37 31.13 3.99 28.65
C ASP B 37 30.75 3.74 30.12
N THR B 38 29.84 4.53 30.70
CA THR B 38 29.48 4.33 32.11
C THR B 38 28.00 4.15 32.36
N VAL B 39 27.69 3.26 33.30
CA VAL B 39 26.32 3.06 33.75
C VAL B 39 26.22 3.26 35.28
N VAL B 40 25.14 3.92 35.70
CA VAL B 40 24.85 4.19 37.11
C VAL B 40 23.57 3.51 37.59
N ILE B 41 23.72 2.55 38.49
CA ILE B 41 22.58 1.92 39.16
C ILE B 41 22.63 2.20 40.67
N ALA B 42 21.50 2.69 41.19
CA ALA B 42 21.35 3.02 42.59
C ALA B 42 22.40 4.03 43.06
N SER B 43 22.65 5.04 42.22
CA SER B 43 23.62 6.11 42.47
C SER B 43 25.05 5.62 42.60
N LYS B 44 25.28 4.35 42.27
CA LYS B 44 26.62 3.81 42.19
C LYS B 44 27.08 3.83 40.73
N PRO B 45 28.18 4.52 40.43
CA PRO B 45 28.68 4.50 39.05
C PRO B 45 29.51 3.25 38.73
N TYR B 46 29.33 2.71 37.52
CA TYR B 46 30.11 1.58 37.04
C TYR B 46 30.69 1.87 35.66
N ALA B 47 32.01 1.95 35.53
CA ALA B 47 32.65 2.24 34.25
C ALA B 47 33.11 0.95 33.55
N PHE B 48 33.05 0.94 32.21
CA PHE B 48 33.55 -0.18 31.40
C PHE B 48 34.31 0.34 30.18
N ASP B 49 34.79 -0.57 29.33
CA ASP B 49 35.45 -0.16 28.09
C ASP B 49 34.39 0.26 27.08
N ARG B 50 33.18 -0.27 27.24
CA ARG B 50 32.05 0.13 26.41
C ARG B 50 30.73 -0.24 27.10
N VAL B 51 29.77 0.68 27.09
CA VAL B 51 28.42 0.38 27.57
C VAL B 51 27.41 0.58 26.45
N PHE B 52 26.82 -0.52 26.00
CA PHE B 52 25.81 -0.47 24.94
C PHE B 52 24.41 -0.38 25.53
N GLN B 53 23.71 0.70 25.21
CA GLN B 53 22.33 0.82 25.64
C GLN B 53 21.43 0.12 24.63
N SER B 54 20.12 0.18 24.88
CA SER B 54 19.13 -0.47 24.02
C SER B 54 19.28 -0.01 22.58
N SER B 55 19.77 1.21 22.39
CA SER B 55 19.86 1.82 21.06
C SER B 55 20.99 1.26 20.19
N THR B 56 21.80 0.36 20.76
CA THR B 56 22.93 -0.20 20.02
C THR B 56 22.53 -1.45 19.25
N SER B 57 22.79 -1.47 17.95
CA SER B 57 22.42 -2.60 17.10
C SER B 57 23.29 -3.86 17.27
N GLN B 58 22.84 -4.97 16.69
CA GLN B 58 23.60 -6.21 16.72
C GLN B 58 24.91 -6.07 15.98
N GLU B 59 24.86 -5.46 14.81
CA GLU B 59 26.06 -5.30 14.00
C GLU B 59 27.16 -4.55 14.72
N GLN B 60 26.75 -3.55 15.50
CA GLN B 60 27.70 -2.65 16.14
C GLN B 60 28.23 -3.18 17.46
N VAL B 61 27.50 -4.07 18.14
CA VAL B 61 28.11 -4.68 19.31
C VAL B 61 29.20 -5.58 18.79
N TYR B 62 28.93 -6.28 17.70
CA TYR B 62 29.90 -7.17 17.07
C TYR B 62 31.16 -6.49 16.56
N ASN B 63 31.00 -5.34 15.91
CA ASN B 63 32.14 -4.61 15.37
C ASN B 63 33.13 -4.21 16.45
N ASP B 64 32.61 -3.78 17.59
CA ASP B 64 33.44 -3.25 18.66
C ASP B 64 33.78 -4.26 19.76
N ALA B 65 32.95 -5.29 19.89
CA ALA B 65 33.24 -6.33 20.87
C ALA B 65 34.06 -7.44 20.23
N ALA B 66 33.66 -7.88 19.04
CA ALA B 66 34.22 -9.12 18.48
C ALA B 66 35.03 -8.98 17.20
N LYS B 67 34.76 -7.96 16.39
CA LYS B 67 35.24 -8.02 15.00
C LYS B 67 36.77 -7.90 14.93
N LYS B 68 37.39 -7.09 15.76
CA LYS B 68 38.85 -7.00 15.74
C LYS B 68 39.53 -8.26 16.28
N ILE B 69 38.81 -9.07 17.06
CA ILE B 69 39.39 -10.33 17.50
C ILE B 69 39.48 -11.32 16.35
N VAL B 70 38.43 -11.39 15.52
CA VAL B 70 38.40 -12.31 14.38
C VAL B 70 39.51 -12.06 13.36
N LYS B 71 39.75 -10.79 13.05
CA LYS B 71 40.80 -10.40 12.14
C LYS B 71 42.14 -10.98 12.62
N ASP B 72 42.41 -10.88 13.91
CA ASP B 72 43.66 -11.38 14.45
C ASP B 72 43.77 -12.92 14.38
N VAL B 73 42.64 -13.60 14.48
CA VAL B 73 42.61 -15.07 14.36
C VAL B 73 42.85 -15.49 12.90
N LEU B 74 42.30 -14.73 11.96
CA LEU B 74 42.57 -14.95 10.55
C LEU B 74 44.02 -14.53 10.20
N GLU B 75 44.72 -13.88 11.12
CA GLU B 75 46.12 -13.49 10.86
C GLU B 75 47.15 -14.31 11.64
N GLY B 76 46.68 -15.33 12.34
CA GLY B 76 47.56 -16.23 13.04
C GLY B 76 47.59 -16.10 14.55
N TYR B 77 46.85 -15.14 15.11
CA TYR B 77 46.81 -14.97 16.56
C TYR B 77 45.69 -15.73 17.26
N ASN B 78 45.75 -15.79 18.59
CA ASN B 78 44.70 -16.41 19.37
C ASN B 78 43.80 -15.31 19.87
N GLY B 79 42.64 -15.70 20.39
CA GLY B 79 41.70 -14.78 20.98
C GLY B 79 40.71 -15.49 21.86
N THR B 80 40.09 -14.75 22.77
CA THR B 80 39.05 -15.28 23.64
C THR B 80 37.86 -14.33 23.67
N ILE B 81 36.65 -14.89 23.62
CA ILE B 81 35.46 -14.11 23.97
C ILE B 81 34.66 -14.79 25.08
N PHE B 82 34.37 -14.04 26.14
CA PHE B 82 33.54 -14.53 27.24
C PHE B 82 32.15 -13.92 27.17
N ALA B 83 31.15 -14.76 27.44
CA ALA B 83 29.78 -14.31 27.58
C ALA B 83 29.27 -14.61 29.02
N TYR B 84 29.10 -13.57 29.82
CA TYR B 84 28.59 -13.74 31.17
C TYR B 84 27.25 -13.05 31.27
N GLY B 85 26.27 -13.74 31.84
CA GLY B 85 24.94 -13.17 32.06
C GLY B 85 24.03 -14.01 32.95
N GLN B 86 23.11 -13.35 33.65
CA GLN B 86 22.10 -14.08 34.39
C GLN B 86 21.05 -14.46 33.36
N THR B 87 20.08 -15.31 33.71
CA THR B 87 19.09 -15.75 32.72
C THR B 87 18.13 -14.62 32.39
N SER B 88 17.75 -14.52 31.12
CA SER B 88 16.92 -13.43 30.59
C SER B 88 17.55 -12.06 30.78
N SER B 89 18.86 -12.02 30.55
CA SER B 89 19.65 -10.79 30.60
C SER B 89 19.93 -10.29 29.19
N GLY B 90 19.77 -11.20 28.23
CA GLY B 90 20.00 -10.89 26.83
C GLY B 90 21.27 -11.53 26.33
N LYS B 91 21.78 -12.51 27.05
CA LYS B 91 23.00 -13.19 26.67
C LYS B 91 22.84 -13.97 25.39
N VAL B 92 21.85 -14.84 25.34
CA VAL B 92 21.63 -15.66 24.16
C VAL B 92 21.25 -14.79 22.96
N HIS B 93 20.52 -13.71 23.19
CA HIS B 93 20.22 -12.74 22.13
C HIS B 93 21.51 -12.15 21.59
N THR B 94 22.42 -11.85 22.50
CA THR B 94 23.70 -11.26 22.11
C THR B 94 24.62 -12.27 21.42
N MET B 95 24.67 -13.49 21.92
CA MET B 95 25.62 -14.47 21.41
C MET B 95 25.14 -15.13 20.12
N GLU B 96 23.86 -15.42 20.03
CA GLU B 96 23.36 -16.06 18.82
C GLU B 96 22.36 -15.21 18.03
N GLY B 97 21.21 -14.90 18.61
CA GLY B 97 20.23 -14.07 17.93
C GLY B 97 19.47 -14.91 16.91
N LYS B 98 18.93 -14.26 15.88
CA LYS B 98 18.24 -14.94 14.78
C LYS B 98 19.22 -15.25 13.65
N LEU B 99 19.45 -16.53 13.41
CA LEU B 99 20.40 -16.99 12.41
C LEU B 99 19.92 -16.69 10.97
N HIS B 100 20.86 -16.26 10.13
CA HIS B 100 20.64 -15.85 8.74
C HIS B 100 20.03 -14.45 8.61
N ASP B 101 19.24 -14.03 9.59
CA ASP B 101 18.71 -12.67 9.65
C ASP B 101 19.89 -11.70 9.82
N PRO B 102 20.07 -10.79 8.85
CA PRO B 102 21.24 -9.90 8.94
C PRO B 102 21.10 -8.78 9.98
N GLU B 103 19.91 -8.65 10.58
CA GLU B 103 19.63 -7.52 11.46
C GLU B 103 20.53 -7.59 12.70
N GLY B 104 20.48 -8.64 13.52
CA GLY B 104 19.50 -9.71 13.61
C GLY B 104 20.22 -10.85 14.32
N MET B 105 21.35 -11.22 13.75
CA MET B 105 22.15 -12.30 14.26
C MET B 105 23.11 -11.70 15.25
N GLY B 106 23.47 -12.50 16.25
CA GLY B 106 24.36 -12.09 17.30
C GLY B 106 25.82 -12.23 16.95
N ILE B 107 26.65 -12.25 17.97
CA ILE B 107 28.09 -12.24 17.79
C ILE B 107 28.60 -13.49 17.13
N ILE B 108 28.12 -14.68 17.51
CA ILE B 108 28.69 -15.90 16.93
C ILE B 108 28.39 -16.14 15.43
N PRO B 109 27.13 -15.97 14.98
CA PRO B 109 26.92 -16.10 13.52
C PRO B 109 27.70 -15.07 12.68
N ARG B 110 27.99 -13.89 13.21
CA ARG B 110 28.79 -12.92 12.47
C ARG B 110 30.27 -13.34 12.48
N ILE B 111 30.70 -14.04 13.54
CA ILE B 111 32.05 -14.60 13.60
C ILE B 111 32.24 -15.64 12.52
N VAL B 112 31.28 -16.56 12.43
CA VAL B 112 31.34 -17.65 11.48
C VAL B 112 31.30 -17.16 10.02
N GLN B 113 30.46 -16.17 9.75
CA GLN B 113 30.37 -15.67 8.38
C GLN B 113 31.54 -14.75 8.00
N ASP B 114 32.19 -14.15 8.99
CA ASP B 114 33.37 -13.35 8.66
C ASP B 114 34.55 -14.25 8.34
N ILE B 115 34.67 -15.36 9.04
CA ILE B 115 35.73 -16.32 8.75
C ILE B 115 35.52 -16.92 7.36
N PHE B 116 34.28 -17.30 7.05
CA PHE B 116 34.03 -17.96 5.79
C PHE B 116 34.01 -17.01 4.62
N ASN B 117 33.67 -15.74 4.83
CA ASN B 117 33.77 -14.78 3.73
C ASN B 117 35.21 -14.50 3.35
N TYR B 118 36.09 -14.62 4.34
CA TYR B 118 37.51 -14.42 4.14
C TYR B 118 38.13 -15.59 3.37
N ILE B 119 37.79 -16.79 3.78
CA ILE B 119 38.28 -17.98 3.12
C ILE B 119 37.85 -18.03 1.65
N TYR B 120 36.54 -17.90 1.40
CA TYR B 120 36.01 -17.90 0.04
C TYR B 120 36.58 -16.76 -0.77
N SER B 121 36.93 -15.70 -0.09
CA SER B 121 37.48 -14.57 -0.77
C SER B 121 38.91 -14.80 -1.15
N MET B 122 39.61 -15.58 -0.35
CA MET B 122 40.99 -15.84 -0.65
C MET B 122 40.86 -16.77 -1.82
N ASP B 123 41.00 -18.05 -1.58
CA ASP B 123 40.85 -19.02 -2.62
C ASP B 123 42.00 -18.92 -3.55
N GLU B 124 42.54 -20.09 -3.89
CA GLU B 124 43.64 -20.33 -4.80
C GLU B 124 44.67 -21.25 -4.17
N ASN B 125 45.88 -20.75 -4.01
CA ASN B 125 46.99 -21.42 -3.46
C ASN B 125 46.94 -21.33 -1.97
N LEU B 126 45.75 -21.08 -1.43
CA LEU B 126 45.52 -21.04 0.00
C LEU B 126 44.67 -22.20 0.48
N GLU B 127 45.24 -23.12 1.24
CA GLU B 127 44.52 -24.25 1.75
C GLU B 127 43.99 -23.94 3.15
N PHE B 128 42.88 -24.53 3.55
CA PHE B 128 42.31 -24.25 4.84
C PHE B 128 41.94 -25.49 5.63
N HIS B 129 41.88 -25.32 6.94
CA HIS B 129 41.37 -26.34 7.82
C HIS B 129 40.76 -25.61 8.98
N ILE B 130 39.47 -25.81 9.20
CA ILE B 130 38.81 -25.32 10.41
C ILE B 130 38.43 -26.46 11.33
N LYS B 131 39.03 -26.50 12.52
CA LYS B 131 38.64 -27.48 13.53
C LYS B 131 37.82 -26.82 14.62
N VAL B 132 36.72 -27.46 14.99
CA VAL B 132 35.91 -26.97 16.08
C VAL B 132 35.95 -28.02 17.17
N SER B 133 36.04 -27.56 18.42
CA SER B 133 35.93 -28.42 19.58
C SER B 133 34.90 -27.79 20.47
N TYR B 134 34.28 -28.59 21.32
CA TYR B 134 33.21 -28.06 22.15
C TYR B 134 33.17 -28.96 23.39
N PHE B 135 33.50 -28.40 24.56
CA PHE B 135 33.44 -29.15 25.82
C PHE B 135 32.98 -28.29 27.02
N GLU B 136 32.76 -28.93 28.17
CA GLU B 136 32.26 -28.19 29.35
C GLU B 136 33.03 -28.50 30.64
N ILE B 137 33.06 -27.54 31.55
CA ILE B 137 33.58 -27.76 32.88
C ILE B 137 32.40 -27.96 33.84
N TYR B 138 32.13 -29.21 34.22
CA TYR B 138 31.00 -29.49 35.09
C TYR B 138 31.48 -30.21 36.33
N LEU B 139 31.23 -29.59 37.49
CA LEU B 139 31.69 -30.09 38.77
C LEU B 139 33.22 -30.25 38.70
N ASP B 140 33.88 -29.23 38.16
CA ASP B 140 35.33 -29.18 38.00
C ASP B 140 35.88 -30.32 37.10
N LYS B 141 34.99 -31.04 36.43
CA LYS B 141 35.42 -32.08 35.52
C LYS B 141 35.33 -31.55 34.08
N ILE B 142 36.22 -31.97 33.18
CA ILE B 142 36.09 -31.60 31.77
C ILE B 142 35.38 -32.71 30.98
N ARG B 143 34.15 -32.43 30.56
CA ARG B 143 33.39 -33.38 29.75
C ARG B 143 33.26 -32.83 28.33
N ASP B 144 33.36 -33.74 27.35
CA ASP B 144 33.22 -33.44 25.93
C ASP B 144 31.77 -33.43 25.46
N LEU B 145 31.38 -32.36 24.78
CA LEU B 145 30.02 -32.22 24.29
C LEU B 145 29.84 -32.86 22.91
N LEU B 146 30.95 -33.28 22.31
CA LEU B 146 30.91 -33.93 21.01
C LEU B 146 31.08 -35.46 21.09
N ASP B 147 31.33 -35.97 22.30
CA ASP B 147 31.51 -37.40 22.55
C ASP B 147 31.25 -37.72 24.03
N VAL B 148 30.06 -38.21 24.35
CA VAL B 148 29.68 -38.36 25.74
C VAL B 148 30.46 -39.46 26.50
N SER B 149 31.15 -40.33 25.78
CA SER B 149 31.98 -41.37 26.42
C SER B 149 33.21 -40.80 27.15
N LYS B 150 33.54 -39.56 26.84
CA LYS B 150 34.68 -38.89 27.45
C LYS B 150 34.16 -38.09 28.63
N THR B 151 34.07 -38.74 29.79
CA THR B 151 33.48 -38.14 30.99
C THR B 151 34.41 -37.21 31.80
N ASN B 152 35.72 -37.42 31.80
CA ASN B 152 36.66 -36.55 32.55
C ASN B 152 37.98 -36.31 31.79
N LEU B 153 38.04 -35.33 30.91
CA LEU B 153 39.31 -35.08 30.23
C LEU B 153 40.24 -34.29 31.12
N SER B 154 41.54 -34.39 30.86
CA SER B 154 42.56 -33.70 31.66
C SER B 154 43.38 -32.80 30.75
N VAL B 155 44.08 -31.83 31.36
CA VAL B 155 44.92 -30.90 30.62
C VAL B 155 46.39 -31.34 30.60
N HIS B 156 47.00 -31.29 29.41
CA HIS B 156 48.41 -31.59 29.19
C HIS B 156 49.13 -30.43 28.46
N GLU B 157 50.44 -30.56 28.29
CA GLU B 157 51.24 -29.49 27.67
C GLU B 157 52.03 -29.94 26.46
N ASP B 158 52.12 -29.06 25.46
CA ASP B 158 52.86 -29.36 24.25
C ASP B 158 54.34 -29.27 24.54
N LYS B 159 55.14 -29.41 23.49
CA LYS B 159 56.60 -29.23 23.56
C LYS B 159 56.86 -27.79 23.95
N ASN B 160 55.89 -26.95 23.65
CA ASN B 160 55.97 -25.52 23.89
C ASN B 160 55.43 -25.14 25.27
N ARG B 161 55.19 -26.15 26.11
CA ARG B 161 54.71 -25.97 27.48
C ARG B 161 53.30 -25.32 27.50
N VAL B 162 52.62 -25.37 26.35
CA VAL B 162 51.24 -24.87 26.22
C VAL B 162 50.17 -25.89 26.58
N PRO B 163 49.23 -25.53 27.46
CA PRO B 163 48.16 -26.47 27.83
C PRO B 163 47.15 -26.72 26.70
N TYR B 164 46.68 -27.97 26.64
CA TYR B 164 45.66 -28.41 25.71
C TYR B 164 44.80 -29.54 26.32
N VAL B 165 43.72 -29.91 25.63
CA VAL B 165 42.85 -30.97 26.11
C VAL B 165 43.01 -32.30 25.39
N LYS B 166 43.69 -33.19 26.12
CA LYS B 166 43.81 -34.61 25.81
C LYS B 166 42.61 -35.22 25.08
N GLY B 167 42.75 -35.67 23.82
CA GLY B 167 41.68 -36.50 23.28
C GLY B 167 40.34 -35.88 22.95
N ALA B 168 40.09 -34.63 23.34
CA ALA B 168 38.83 -33.97 23.00
C ALA B 168 38.59 -33.91 21.50
N THR B 169 37.35 -34.16 21.12
CA THR B 169 36.91 -34.22 19.73
C THR B 169 37.19 -32.95 18.96
N GLU B 170 37.96 -33.12 17.88
CA GLU B 170 38.21 -32.08 16.89
C GLU B 170 37.39 -32.39 15.63
N ARG B 171 36.45 -31.52 15.28
CA ARG B 171 35.66 -31.72 14.07
C ARG B 171 36.05 -30.71 12.97
N PHE B 172 36.27 -31.23 11.76
CA PHE B 172 36.52 -30.40 10.59
C PHE B 172 35.22 -29.93 9.97
N VAL B 173 35.15 -28.66 9.64
CA VAL B 173 33.95 -28.06 9.05
C VAL B 173 34.32 -27.29 7.80
N SER B 174 33.36 -27.22 6.87
CA SER B 174 33.59 -26.68 5.54
C SER B 174 32.52 -25.67 5.10
N SER B 175 31.63 -25.35 6.03
CA SER B 175 30.55 -24.42 5.76
C SER B 175 30.23 -23.65 7.01
N PRO B 176 29.66 -22.46 6.87
CA PRO B 176 29.21 -21.80 8.08
C PRO B 176 28.18 -22.68 8.84
N ASP B 177 27.36 -23.42 8.09
CA ASP B 177 26.32 -24.24 8.69
C ASP B 177 26.73 -25.53 9.37
N GLU B 178 27.78 -26.22 8.91
CA GLU B 178 28.16 -27.44 9.63
C GLU B 178 28.84 -27.05 10.93
N VAL B 179 29.28 -25.79 10.99
CA VAL B 179 29.78 -25.24 12.24
C VAL B 179 28.61 -25.07 13.20
N MET B 180 27.51 -24.48 12.72
CA MET B 180 26.33 -24.22 13.54
C MET B 180 25.73 -25.50 14.08
N ASP B 181 25.75 -26.55 13.28
CA ASP B 181 25.20 -27.84 13.67
C ASP B 181 26.12 -28.61 14.59
N THR B 182 27.40 -28.26 14.58
CA THR B 182 28.31 -28.84 15.56
C THR B 182 27.99 -28.24 16.91
N ILE B 183 27.76 -26.93 16.91
CA ILE B 183 27.37 -26.19 18.13
C ILE B 183 26.03 -26.65 18.68
N ASP B 184 25.06 -26.80 17.80
CA ASP B 184 23.72 -27.19 18.23
C ASP B 184 23.73 -28.61 18.78
N GLU B 185 24.50 -29.49 18.13
CA GLU B 185 24.66 -30.86 18.57
C GLU B 185 25.23 -30.90 19.99
N GLY B 186 26.26 -30.10 20.20
CA GLY B 186 26.91 -30.01 21.49
C GLY B 186 25.97 -29.44 22.53
N LYS B 187 25.12 -28.50 22.12
CA LYS B 187 24.26 -27.79 23.05
C LYS B 187 23.26 -28.71 23.74
N SER B 188 22.79 -29.71 23.04
CA SER B 188 21.88 -30.69 23.61
C SER B 188 22.56 -31.52 24.72
N ASN B 189 23.89 -31.46 24.79
CA ASN B 189 24.67 -32.28 25.72
C ASN B 189 25.20 -31.50 26.93
N ARG B 190 24.89 -30.21 26.97
CA ARG B 190 25.33 -29.36 28.05
C ARG B 190 24.50 -29.68 29.30
N HIS B 191 25.15 -29.64 30.46
CA HIS B 191 24.47 -29.90 31.73
C HIS B 191 23.65 -28.69 32.11
N VAL B 192 22.34 -28.84 31.97
CA VAL B 192 21.39 -27.79 32.25
C VAL B 192 20.37 -28.32 33.27
N ALA B 193 19.60 -27.43 33.88
CA ALA B 193 18.60 -27.80 34.87
C ALA B 193 17.36 -26.95 34.56
N VAL B 194 16.17 -27.43 34.90
CA VAL B 194 14.92 -26.74 34.54
C VAL B 194 13.94 -26.59 35.72
N THR B 195 13.38 -25.39 35.85
CA THR B 195 12.41 -25.10 36.91
C THR B 195 11.55 -23.86 36.59
N SER B 201 18.39 -22.88 33.94
CA SER B 201 19.41 -23.47 33.09
C SER B 201 20.82 -23.01 33.51
N SER B 202 21.78 -23.17 32.60
CA SER B 202 23.18 -22.73 32.77
C SER B 202 23.89 -23.33 33.99
N ARG B 203 24.15 -24.63 34.00
CA ARG B 203 24.87 -25.19 35.16
C ARG B 203 26.36 -25.58 34.99
N SER B 204 26.98 -25.16 33.88
CA SER B 204 28.38 -25.44 33.56
C SER B 204 28.97 -24.39 32.62
N HIS B 205 30.29 -24.29 32.55
CA HIS B 205 30.91 -23.36 31.62
C HIS B 205 31.23 -24.11 30.36
N SER B 206 30.83 -23.57 29.20
CA SER B 206 31.11 -24.24 27.95
C SER B 206 32.18 -23.49 27.19
N ILE B 207 33.07 -24.23 26.56
CA ILE B 207 34.10 -23.60 25.76
C ILE B 207 34.03 -24.07 24.30
N PHE B 208 33.75 -23.16 23.37
CA PHE B 208 33.73 -23.53 21.95
C PHE B 208 34.97 -23.03 21.19
N LEU B 209 35.75 -23.95 20.65
CA LEU B 209 37.01 -23.58 20.01
C LEU B 209 36.98 -23.69 18.50
N ILE B 210 37.26 -22.58 17.84
CA ILE B 210 37.44 -22.59 16.41
C ILE B 210 38.90 -22.45 16.14
N ASN B 211 39.49 -23.46 15.52
CA ASN B 211 40.89 -23.42 15.15
C ASN B 211 41.00 -23.24 13.62
N VAL B 212 41.56 -22.10 13.21
CA VAL B 212 41.64 -21.74 11.80
C VAL B 212 43.04 -21.93 11.27
N LYS B 213 43.27 -23.01 10.51
CA LYS B 213 44.59 -23.28 9.96
C LYS B 213 44.69 -22.82 8.51
N GLN B 214 45.79 -22.16 8.14
CA GLN B 214 45.98 -21.69 6.77
C GLN B 214 47.36 -22.00 6.21
N GLU B 215 47.45 -22.45 4.97
CA GLU B 215 48.76 -22.57 4.38
C GLU B 215 48.75 -21.92 3.02
N ASN B 216 49.80 -21.15 2.76
CA ASN B 216 49.98 -20.47 1.50
C ASN B 216 50.90 -21.35 0.68
N THR B 217 50.34 -21.96 -0.36
CA THR B 217 51.05 -22.92 -1.19
C THR B 217 52.25 -22.33 -1.92
N GLN B 218 52.15 -21.08 -2.32
CA GLN B 218 53.26 -20.52 -3.07
C GLN B 218 54.42 -20.24 -2.12
N THR B 219 54.14 -19.57 -1.01
CA THR B 219 55.18 -19.21 -0.07
C THR B 219 55.46 -20.30 0.95
N GLU B 220 54.59 -21.29 1.03
CA GLU B 220 54.62 -22.28 2.11
C GLU B 220 54.73 -21.55 3.48
N GLN B 221 54.00 -20.43 3.61
CA GLN B 221 53.84 -19.73 4.90
C GLN B 221 52.61 -20.27 5.55
N LYS B 222 52.68 -20.59 6.85
CA LYS B 222 51.52 -21.10 7.56
C LYS B 222 50.96 -20.14 8.59
N LEU B 223 49.68 -20.27 8.87
CA LEU B 223 49.04 -19.51 9.92
C LEU B 223 48.15 -20.47 10.67
N SER B 224 47.98 -20.24 11.97
CA SER B 224 47.08 -21.05 12.78
C SER B 224 46.54 -20.23 13.93
N GLY B 225 45.25 -19.93 13.90
CA GLY B 225 44.66 -19.13 14.95
C GLY B 225 43.58 -19.89 15.70
N LYS B 226 43.50 -19.61 16.99
CA LYS B 226 42.53 -20.26 17.84
C LYS B 226 41.60 -19.22 18.37
N LEU B 227 40.32 -19.33 18.04
CA LEU B 227 39.35 -18.44 18.63
C LEU B 227 38.46 -19.21 19.57
N TYR B 228 38.53 -18.85 20.85
CA TYR B 228 37.74 -19.49 21.90
C TYR B 228 36.49 -18.71 22.23
N LEU B 229 35.37 -19.41 22.24
CA LEU B 229 34.08 -18.86 22.65
C LEU B 229 33.62 -19.50 23.94
N VAL B 230 33.63 -18.74 25.03
CA VAL B 230 33.30 -19.26 26.34
C VAL B 230 31.93 -18.79 26.84
N ASP B 231 31.01 -19.72 27.10
CA ASP B 231 29.75 -19.33 27.74
C ASP B 231 29.80 -19.60 29.24
N LEU B 232 29.86 -18.52 30.02
CA LEU B 232 29.91 -18.62 31.47
C LEU B 232 28.53 -18.72 32.08
N ALA B 233 28.35 -19.76 32.91
CA ALA B 233 27.14 -19.95 33.69
C ALA B 233 27.13 -18.93 34.80
N GLY B 234 25.99 -18.28 35.02
CA GLY B 234 25.89 -17.26 36.05
C GLY B 234 26.20 -17.76 37.44
N SER B 235 26.77 -16.88 38.24
CA SER B 235 27.06 -17.15 39.65
C SER B 235 25.79 -17.35 40.48
N GLU B 236 25.85 -18.24 41.46
CA GLU B 236 24.70 -18.57 42.32
C GLU B 236 24.86 -18.17 43.81
N LYS B 237 23.74 -18.13 44.54
CA LYS B 237 23.74 -17.87 46.01
C LYS B 237 23.97 -19.13 46.84
N GLU B 244 20.11 -30.30 49.75
CA GLU B 244 21.56 -30.47 49.82
C GLU B 244 22.01 -31.65 48.96
N GLY B 245 23.09 -31.46 48.19
CA GLY B 245 23.61 -32.50 47.33
C GLY B 245 24.01 -32.14 45.92
N ALA B 246 23.20 -32.53 44.94
CA ALA B 246 23.59 -32.38 43.54
C ALA B 246 23.55 -30.95 43.02
N VAL B 247 22.61 -30.14 43.51
CA VAL B 247 22.61 -28.73 43.12
C VAL B 247 23.62 -27.88 43.93
N LEU B 248 23.70 -28.16 45.25
CA LEU B 248 24.57 -27.36 46.13
C LEU B 248 26.04 -27.41 45.76
N ASP B 249 26.62 -28.59 45.64
CA ASP B 249 28.02 -28.68 45.20
C ASP B 249 28.20 -27.99 43.83
N GLU B 250 27.18 -28.13 42.97
CA GLU B 250 27.22 -27.53 41.64
C GLU B 250 27.30 -26.01 41.69
N ALA B 251 26.53 -25.39 42.57
CA ALA B 251 26.56 -23.94 42.70
C ALA B 251 27.94 -23.52 43.20
N LYS B 252 28.49 -24.35 44.08
CA LYS B 252 29.81 -24.11 44.67
C LYS B 252 30.90 -24.11 43.61
N ASN B 253 30.81 -25.02 42.64
CA ASN B 253 31.78 -25.10 41.55
C ASN B 253 31.66 -23.96 40.55
N ILE B 254 30.43 -23.59 40.22
CA ILE B 254 30.20 -22.45 39.34
C ILE B 254 30.84 -21.18 39.91
N ASN B 255 30.61 -20.90 41.19
CA ASN B 255 31.17 -19.70 41.85
C ASN B 255 32.68 -19.76 41.99
N LYS B 256 33.23 -20.93 42.32
CA LYS B 256 34.67 -21.02 42.50
C LYS B 256 35.42 -20.84 41.17
N SER B 257 34.96 -21.50 40.12
CA SER B 257 35.69 -21.44 38.85
C SER B 257 35.58 -20.06 38.22
N LEU B 258 34.45 -19.37 38.46
CA LEU B 258 34.32 -17.98 38.03
C LEU B 258 35.22 -17.05 38.85
N SER B 259 35.40 -17.36 40.12
CA SER B 259 36.22 -16.48 40.93
C SER B 259 37.68 -16.63 40.56
N ALA B 260 38.07 -17.85 40.21
CA ALA B 260 39.43 -18.12 39.76
C ALA B 260 39.63 -17.47 38.40
N LEU B 261 38.61 -17.46 37.57
CA LEU B 261 38.74 -16.79 36.30
C LEU B 261 38.95 -15.29 36.50
N GLY B 262 38.19 -14.72 37.43
CA GLY B 262 38.29 -13.31 37.73
C GLY B 262 39.66 -12.93 38.24
N ASN B 263 40.29 -13.84 38.99
CA ASN B 263 41.62 -13.59 39.53
C ASN B 263 42.60 -13.37 38.40
N VAL B 264 42.58 -14.33 37.47
CA VAL B 264 43.38 -14.28 36.25
C VAL B 264 43.02 -13.11 35.40
N ILE B 265 41.74 -12.93 35.14
CA ILE B 265 41.32 -11.81 34.33
C ILE B 265 41.77 -10.50 34.98
N SER B 266 41.58 -10.40 36.29
CA SER B 266 41.97 -9.18 36.99
C SER B 266 43.50 -9.06 37.11
N ALA B 267 44.21 -10.17 37.22
CA ALA B 267 45.66 -10.10 37.22
C ALA B 267 46.19 -9.49 35.90
N LEU B 268 45.63 -9.89 34.75
CA LEU B 268 46.03 -9.38 33.43
C LEU B 268 45.71 -7.89 33.31
N ALA B 269 44.49 -7.52 33.71
CA ALA B 269 44.05 -6.12 33.61
C ALA B 269 44.87 -5.16 34.46
N GLU B 270 45.32 -5.63 35.62
CA GLU B 270 46.03 -4.79 36.58
C GLU B 270 47.53 -4.89 36.43
N GLY B 271 47.99 -5.41 35.30
CA GLY B 271 49.41 -5.51 35.00
C GLY B 271 50.27 -6.34 35.94
N SER B 272 49.71 -7.40 36.49
CA SER B 272 50.46 -8.33 37.32
C SER B 272 51.57 -9.03 36.52
N THR B 273 52.70 -9.31 37.17
CA THR B 273 53.78 -10.02 36.49
C THR B 273 53.69 -11.50 36.82
N TYR B 274 52.66 -11.87 37.56
CA TYR B 274 52.36 -13.27 37.79
C TYR B 274 50.87 -13.52 37.63
N VAL B 275 50.51 -14.29 36.61
CA VAL B 275 49.10 -14.53 36.33
C VAL B 275 48.74 -15.96 36.63
N PRO B 276 47.85 -16.16 37.60
CA PRO B 276 47.56 -17.49 38.14
C PRO B 276 46.76 -18.41 37.21
N TYR B 277 47.28 -18.69 36.02
CA TYR B 277 46.58 -19.56 35.08
C TYR B 277 46.34 -20.93 35.66
N ARG B 278 47.37 -21.51 36.26
CA ARG B 278 47.28 -22.88 36.75
C ARG B 278 46.21 -23.00 37.86
N ASP B 279 45.75 -21.91 38.45
CA ASP B 279 44.82 -21.99 39.59
C ASP B 279 43.44 -22.64 39.25
N SER B 280 43.06 -22.74 37.99
CA SER B 280 41.80 -23.43 37.66
C SER B 280 41.95 -24.17 36.33
N LYS B 281 41.16 -25.22 36.13
CA LYS B 281 41.22 -26.00 34.90
C LYS B 281 40.92 -25.17 33.66
N MET B 282 39.86 -24.38 33.75
CA MET B 282 39.42 -23.54 32.65
C MET B 282 40.49 -22.52 32.27
N THR B 283 41.06 -21.77 33.21
CA THR B 283 42.08 -20.75 32.85
C THR B 283 43.35 -21.36 32.29
N ARG B 284 43.60 -22.61 32.63
CA ARG B 284 44.72 -23.31 32.07
C ARG B 284 44.47 -23.68 30.58
N ILE B 285 43.25 -24.10 30.26
CA ILE B 285 42.87 -24.43 28.89
C ILE B 285 43.02 -23.21 28.00
N LEU B 286 42.53 -22.07 28.47
CA LEU B 286 42.62 -20.83 27.71
C LEU B 286 43.91 -20.03 27.91
N GLN B 287 44.92 -20.63 28.55
CA GLN B 287 46.11 -19.88 28.92
C GLN B 287 46.74 -19.06 27.78
N ASP B 288 46.93 -19.68 26.62
CA ASP B 288 47.61 -19.02 25.52
C ASP B 288 46.67 -18.19 24.63
N SER B 289 45.41 -18.08 25.05
CA SER B 289 44.41 -17.29 24.35
C SER B 289 43.90 -16.24 25.30
N LEU B 290 44.51 -16.14 26.46
CA LEU B 290 44.12 -15.15 27.46
C LEU B 290 45.27 -14.23 27.75
N GLY B 291 45.18 -12.98 27.34
CA GLY B 291 46.21 -12.03 27.69
C GLY B 291 47.44 -12.13 26.83
N GLY B 292 48.40 -11.24 27.08
CA GLY B 292 49.62 -11.24 26.28
C GLY B 292 49.37 -10.83 24.85
N ASN B 293 49.82 -11.72 23.98
CA ASN B 293 49.78 -11.59 22.53
C ASN B 293 48.39 -11.89 21.94
N ALA B 294 47.47 -12.29 22.80
CA ALA B 294 46.10 -12.64 22.46
C ALA B 294 45.09 -11.59 22.93
N ARG B 295 44.00 -11.43 22.19
CA ARG B 295 42.94 -10.47 22.52
C ARG B 295 41.73 -11.13 23.23
N THR B 296 41.21 -10.49 24.27
CA THR B 296 40.08 -11.06 25.02
C THR B 296 38.98 -10.03 25.19
N THR B 297 37.73 -10.43 25.04
CA THR B 297 36.62 -9.55 25.39
C THR B 297 35.57 -10.24 26.20
N ILE B 298 35.17 -9.63 27.31
CA ILE B 298 34.04 -10.12 28.10
C ILE B 298 32.80 -9.27 27.81
N VAL B 299 31.75 -9.91 27.29
CA VAL B 299 30.49 -9.22 27.10
C VAL B 299 29.50 -9.64 28.19
N ILE B 300 29.21 -8.72 29.10
CA ILE B 300 28.26 -8.99 30.17
C ILE B 300 26.89 -8.44 29.80
N CYS B 301 25.87 -9.28 29.94
CA CYS B 301 24.50 -8.92 29.65
C CYS B 301 23.70 -8.78 30.92
N CYS B 302 22.97 -7.66 31.03
CA CYS B 302 22.19 -7.35 32.22
C CYS B 302 20.77 -6.89 31.88
N SER B 303 19.83 -7.14 32.78
CA SER B 303 18.46 -6.65 32.63
C SER B 303 18.32 -5.29 33.30
N PRO B 304 17.67 -4.33 32.62
CA PRO B 304 17.43 -3.02 33.23
C PRO B 304 16.25 -3.01 34.20
N SER B 305 15.39 -4.03 34.10
CA SER B 305 14.22 -4.15 34.98
C SER B 305 14.58 -3.97 36.45
N SER B 306 13.67 -3.34 37.19
CA SER B 306 13.79 -3.23 38.63
C SER B 306 13.72 -4.60 39.22
N TYR B 307 12.98 -5.51 38.58
CA TYR B 307 12.86 -6.85 39.15
C TYR B 307 14.16 -7.69 39.22
N ASN B 308 15.16 -7.47 38.37
CA ASN B 308 16.34 -8.35 38.45
C ASN B 308 17.57 -7.48 38.80
N GLU B 309 17.34 -6.27 39.31
CA GLU B 309 18.42 -5.30 39.61
C GLU B 309 19.37 -5.91 40.64
N SER B 310 18.89 -6.90 41.40
CA SER B 310 19.75 -7.52 42.38
C SER B 310 20.92 -8.26 41.77
N GLU B 311 20.63 -8.96 40.70
CA GLU B 311 21.66 -9.76 40.07
C GLU B 311 22.40 -9.02 38.95
N THR B 312 21.83 -7.93 38.44
CA THR B 312 22.61 -7.14 37.51
C THR B 312 23.61 -6.32 38.31
N LYS B 313 23.32 -6.10 39.59
CA LYS B 313 24.28 -5.45 40.46
C LYS B 313 25.53 -6.31 40.60
N SER B 314 25.35 -7.60 40.89
CA SER B 314 26.50 -8.48 41.07
C SER B 314 27.25 -8.79 39.78
N THR B 315 26.49 -8.90 38.69
CA THR B 315 27.08 -9.11 37.39
C THR B 315 28.01 -7.97 37.01
N LEU B 316 27.52 -6.74 37.16
CA LEU B 316 28.33 -5.58 36.86
C LEU B 316 29.60 -5.57 37.66
N LEU B 317 29.51 -5.98 38.91
CA LEU B 317 30.68 -6.06 39.79
C LEU B 317 31.66 -7.08 39.27
N PHE B 318 31.13 -8.18 38.73
CA PHE B 318 31.98 -9.20 38.13
C PHE B 318 32.69 -8.63 36.91
N GLY B 319 31.98 -7.83 36.11
CA GLY B 319 32.61 -7.24 34.94
C GLY B 319 33.73 -6.28 35.31
N GLN B 320 33.57 -5.56 36.42
CA GLN B 320 34.60 -4.61 36.87
C GLN B 320 35.79 -5.26 37.54
N ARG B 321 35.69 -6.56 37.73
CA ARG B 321 36.82 -7.31 38.21
C ARG B 321 37.94 -7.20 37.13
N ALA B 322 37.52 -6.90 35.91
CA ALA B 322 38.36 -6.80 34.71
C ALA B 322 38.73 -5.37 34.26
N LYS B 323 38.39 -4.36 35.04
CA LYS B 323 38.69 -2.98 34.63
C LYS B 323 40.13 -2.59 34.97
N THR B 324 40.80 -1.91 34.05
CA THR B 324 42.22 -1.58 34.16
C THR B 324 42.52 -0.53 35.24
N LEU C 4 -13.79 -28.85 26.71
CA LEU C 4 -13.83 -29.92 25.72
C LEU C 4 -13.37 -29.44 24.35
N ALA C 5 -13.63 -30.28 23.35
CA ALA C 5 -13.24 -30.02 21.98
C ALA C 5 -14.31 -30.64 21.06
N GLU C 6 -13.90 -31.38 20.03
CA GLU C 6 -14.84 -31.87 19.01
C GLU C 6 -15.56 -30.61 18.50
N SER C 7 -16.89 -30.55 18.63
CA SER C 7 -17.63 -29.34 18.25
C SER C 7 -19.09 -29.24 18.71
N ASN C 8 -19.91 -30.24 18.36
CA ASN C 8 -21.37 -30.12 18.50
C ASN C 8 -21.91 -29.00 17.60
N ILE C 9 -21.79 -29.25 16.28
CA ILE C 9 -22.41 -28.39 15.26
C ILE C 9 -23.46 -29.21 14.55
N LYS C 10 -24.69 -28.71 14.53
CA LYS C 10 -25.85 -29.43 14.02
C LYS C 10 -26.60 -28.69 12.92
N VAL C 11 -27.03 -29.41 11.90
CA VAL C 11 -27.74 -28.80 10.80
C VAL C 11 -29.16 -29.23 10.87
N MET C 12 -30.06 -28.27 10.73
CA MET C 12 -31.47 -28.63 10.83
C MET C 12 -32.27 -27.94 9.74
N CYS C 13 -33.13 -28.71 9.10
CA CYS C 13 -33.89 -28.21 7.97
C CYS C 13 -35.35 -28.18 8.27
N ARG C 14 -35.98 -27.01 8.15
CA ARG C 14 -37.41 -26.91 8.38
C ARG C 14 -38.16 -26.50 7.12
N PHE C 15 -38.94 -27.44 6.61
CA PHE C 15 -39.80 -27.20 5.47
C PHE C 15 -41.11 -26.61 5.92
N ARG C 16 -41.59 -25.64 5.17
CA ARG C 16 -42.82 -24.97 5.53
C ARG C 16 -43.98 -25.47 4.69
N PRO C 17 -45.19 -25.44 5.24
CA PRO C 17 -46.31 -25.56 4.31
C PRO C 17 -46.57 -24.12 3.89
N LEU C 18 -47.28 -23.80 2.82
CA LEU C 18 -47.92 -24.59 1.79
C LEU C 18 -48.43 -23.36 1.08
N ASN C 19 -47.50 -22.39 1.00
CA ASN C 19 -47.73 -21.04 0.49
C ASN C 19 -49.00 -20.45 1.11
N GLU C 20 -50.08 -20.47 0.34
CA GLU C 20 -51.41 -19.98 0.71
C GLU C 20 -52.15 -19.82 -0.60
N SER C 21 -51.69 -18.85 -1.36
CA SER C 21 -52.14 -18.61 -2.71
C SER C 21 -51.19 -19.31 -3.68
N GLU C 22 -51.22 -20.63 -3.67
CA GLU C 22 -50.46 -21.45 -4.60
C GLU C 22 -51.33 -22.59 -5.09
N ARG C 25 -51.59 -20.16 -7.67
CA ARG C 25 -51.00 -20.97 -8.73
C ARG C 25 -50.87 -22.43 -8.30
N GLY C 26 -49.67 -22.86 -7.93
CA GLY C 26 -49.48 -24.23 -7.46
C GLY C 26 -49.01 -25.07 -8.63
N ASP C 27 -47.78 -25.60 -8.69
CA ASP C 27 -46.72 -25.88 -7.68
C ASP C 27 -47.02 -27.15 -6.84
N LYS C 28 -46.10 -28.12 -6.89
CA LYS C 28 -46.25 -29.44 -6.25
C LYS C 28 -45.26 -29.61 -5.13
N TYR C 29 -45.54 -30.49 -4.16
CA TYR C 29 -44.77 -30.51 -2.90
C TYR C 29 -43.36 -31.12 -3.07
N ILE C 30 -42.92 -31.23 -4.32
CA ILE C 30 -41.58 -31.72 -4.72
C ILE C 30 -40.54 -32.14 -3.67
N ALA C 31 -40.98 -32.61 -2.50
CA ALA C 31 -40.07 -32.99 -1.42
C ALA C 31 -40.53 -34.24 -0.67
N LYS C 32 -39.84 -35.37 -0.79
CA LYS C 32 -40.25 -36.56 -0.03
C LYS C 32 -39.35 -36.78 1.20
N PHE C 33 -39.94 -37.29 2.28
CA PHE C 33 -39.21 -37.50 3.54
C PHE C 33 -39.42 -38.93 4.01
N GLN C 34 -38.38 -39.61 4.45
CA GLN C 34 -38.51 -40.78 5.34
C GLN C 34 -37.30 -40.82 6.25
N GLY C 35 -37.59 -41.17 7.49
CA GLY C 35 -36.74 -40.98 8.63
C GLY C 35 -36.92 -39.55 9.14
N GLU C 36 -36.44 -39.32 10.36
CA GLU C 36 -36.49 -37.99 11.01
C GLU C 36 -35.33 -37.07 10.62
N ASP C 37 -34.63 -37.43 9.53
CA ASP C 37 -33.39 -36.76 9.20
C ASP C 37 -33.07 -36.64 7.70
N THR C 38 -33.87 -37.23 6.83
CA THR C 38 -33.57 -37.14 5.41
C THR C 38 -34.71 -36.58 4.57
N VAL C 39 -34.36 -35.76 3.58
CA VAL C 39 -35.33 -35.26 2.62
C VAL C 39 -34.80 -35.59 1.22
N VAL C 40 -35.70 -36.00 0.32
CA VAL C 40 -35.32 -36.34 -1.05
C VAL C 40 -35.96 -35.43 -2.10
N ILE C 41 -35.15 -34.65 -2.80
CA ILE C 41 -35.62 -33.81 -3.89
C ILE C 41 -34.92 -34.22 -5.19
N ALA C 42 -35.72 -34.43 -6.25
CA ALA C 42 -35.23 -34.83 -7.58
C ALA C 42 -34.42 -36.12 -7.53
N SER C 43 -34.89 -37.07 -6.72
CA SER C 43 -34.26 -38.38 -6.48
C SER C 43 -32.86 -38.30 -5.84
N LYS C 44 -32.48 -37.11 -5.39
CA LYS C 44 -31.25 -36.89 -4.63
C LYS C 44 -31.55 -36.81 -3.13
N PRO C 45 -30.88 -37.65 -2.32
CA PRO C 45 -30.99 -37.62 -0.86
C PRO C 45 -30.12 -36.55 -0.21
N TYR C 46 -30.61 -35.92 0.86
CA TYR C 46 -29.83 -34.97 1.64
C TYR C 46 -29.93 -35.31 3.13
N ALA C 47 -28.80 -35.67 3.73
CA ALA C 47 -28.86 -36.09 5.12
C ALA C 47 -28.61 -34.91 6.06
N PHE C 48 -29.31 -34.92 7.19
CA PHE C 48 -29.14 -33.90 8.22
C PHE C 48 -29.19 -34.53 9.60
N ASP C 49 -29.08 -33.68 10.62
CA ASP C 49 -29.23 -34.10 12.01
C ASP C 49 -30.70 -34.17 12.42
N ARG C 50 -31.52 -33.31 11.80
CA ARG C 50 -32.96 -33.27 12.06
C ARG C 50 -33.65 -32.57 10.88
N VAL C 51 -34.72 -33.19 10.37
CA VAL C 51 -35.53 -32.58 9.32
C VAL C 51 -36.97 -32.48 9.81
N PHE C 52 -37.40 -31.23 9.94
CA PHE C 52 -38.74 -30.88 10.34
C PHE C 52 -39.62 -30.67 9.13
N GLN C 53 -40.70 -31.43 9.05
CA GLN C 53 -41.67 -31.20 7.98
C GLN C 53 -42.71 -30.14 8.35
N SER C 54 -43.63 -29.91 7.42
CA SER C 54 -44.66 -28.88 7.50
C SER C 54 -45.48 -29.02 8.75
N SER C 55 -45.58 -30.27 9.20
CA SER C 55 -46.39 -30.65 10.35
C SER C 55 -45.77 -30.33 11.69
N THR C 56 -44.54 -29.84 11.68
CA THR C 56 -43.82 -29.57 12.92
C THR C 56 -44.07 -28.17 13.47
N SER C 57 -44.48 -28.11 14.74
CA SER C 57 -44.80 -26.88 15.47
C SER C 57 -43.59 -26.05 15.86
N GLN C 58 -43.85 -24.81 16.25
CA GLN C 58 -42.79 -23.91 16.70
C GLN C 58 -42.11 -24.39 17.96
N GLU C 59 -42.92 -24.81 18.92
CA GLU C 59 -42.41 -25.24 20.22
C GLU C 59 -41.43 -26.39 20.04
N GLN C 60 -41.68 -27.27 19.08
CA GLN C 60 -40.83 -28.44 18.90
C GLN C 60 -39.55 -28.21 18.09
N VAL C 61 -39.55 -27.25 17.17
CA VAL C 61 -38.33 -26.92 16.48
C VAL C 61 -37.42 -26.26 17.49
N TYR C 62 -37.98 -25.47 18.40
CA TYR C 62 -37.18 -24.81 19.43
C TYR C 62 -36.52 -25.82 20.38
N ASN C 63 -37.30 -26.80 20.81
CA ASN C 63 -36.82 -27.84 21.70
C ASN C 63 -35.63 -28.61 21.14
N ASP C 64 -35.60 -28.74 19.82
CA ASP C 64 -34.60 -29.58 19.19
C ASP C 64 -33.42 -28.78 18.65
N ALA C 65 -33.67 -27.53 18.30
CA ALA C 65 -32.63 -26.69 17.72
C ALA C 65 -31.88 -25.87 18.77
N ALA C 66 -32.62 -25.20 19.64
CA ALA C 66 -32.05 -24.13 20.46
C ALA C 66 -32.04 -24.39 21.97
N LYS C 67 -32.91 -25.25 22.49
CA LYS C 67 -33.17 -25.24 23.93
C LYS C 67 -31.93 -25.63 24.73
N LYS C 68 -31.17 -26.59 24.23
CA LYS C 68 -29.96 -27.02 24.92
C LYS C 68 -28.88 -25.95 24.77
N ILE C 69 -28.97 -25.10 23.75
CA ILE C 69 -28.01 -24.00 23.62
C ILE C 69 -28.27 -22.94 24.70
N VAL C 70 -29.55 -22.63 24.94
CA VAL C 70 -29.93 -21.71 26.02
C VAL C 70 -29.53 -22.27 27.38
N LYS C 71 -29.80 -23.54 27.65
CA LYS C 71 -29.37 -24.12 28.92
C LYS C 71 -27.85 -24.03 29.14
N ASP C 72 -27.05 -24.36 28.12
CA ASP C 72 -25.59 -24.30 28.27
C ASP C 72 -25.09 -22.85 28.38
N VAL C 73 -25.82 -21.90 27.82
CA VAL C 73 -25.48 -20.49 28.00
C VAL C 73 -25.76 -20.02 29.44
N LEU C 74 -26.84 -20.50 30.03
CA LEU C 74 -27.16 -20.21 31.41
C LEU C 74 -26.23 -20.89 32.41
N GLU C 75 -25.36 -21.76 31.89
CA GLU C 75 -24.35 -22.47 32.68
C GLU C 75 -22.95 -21.87 32.49
N GLY C 76 -22.86 -20.77 31.73
CA GLY C 76 -21.58 -20.10 31.54
C GLY C 76 -20.89 -20.32 30.20
N TYR C 77 -21.46 -21.15 29.32
CA TYR C 77 -20.87 -21.43 28.00
C TYR C 77 -21.29 -20.50 26.88
N ASN C 78 -20.61 -20.60 25.76
CA ASN C 78 -21.01 -19.84 24.59
C ASN C 78 -21.74 -20.72 23.54
N GLY C 79 -22.53 -20.07 22.69
CA GLY C 79 -23.24 -20.76 21.64
C GLY C 79 -23.73 -19.83 20.54
N THR C 80 -23.94 -20.41 19.36
CA THR C 80 -24.39 -19.68 18.19
C THR C 80 -25.55 -20.40 17.53
N ILE C 81 -26.59 -19.68 17.15
CA ILE C 81 -27.64 -20.25 16.34
C ILE C 81 -27.72 -19.47 15.04
N PHE C 82 -27.62 -20.19 13.91
CA PHE C 82 -27.72 -19.62 12.55
C PHE C 82 -29.07 -19.91 11.87
N ALA C 83 -29.61 -18.88 11.21
CA ALA C 83 -30.80 -19.03 10.40
C ALA C 83 -30.45 -18.71 8.97
N TYR C 84 -30.46 -19.72 8.10
CA TYR C 84 -30.16 -19.53 6.67
C TYR C 84 -31.35 -19.87 5.79
N GLY C 85 -31.71 -18.96 4.90
CA GLY C 85 -32.81 -19.22 3.99
C GLY C 85 -32.95 -18.19 2.89
N GLN C 86 -33.45 -18.65 1.74
CA GLN C 86 -33.81 -17.75 0.68
C GLN C 86 -35.19 -17.18 1.00
N THR C 87 -35.63 -16.19 0.23
CA THR C 87 -36.91 -15.53 0.50
C THR C 87 -38.09 -16.47 0.24
N SER C 88 -39.11 -16.33 1.10
CA SER C 88 -40.29 -17.19 1.15
C SER C 88 -39.92 -18.64 1.44
N SER C 89 -38.93 -18.84 2.29
CA SER C 89 -38.52 -20.18 2.72
C SER C 89 -39.05 -20.51 4.10
N GLY C 90 -39.45 -19.47 4.84
CA GLY C 90 -40.02 -19.63 6.17
C GLY C 90 -39.06 -19.24 7.26
N LYS C 91 -38.03 -18.47 6.91
CA LYS C 91 -37.02 -18.07 7.89
C LYS C 91 -37.57 -17.16 9.00
N VAL C 92 -38.24 -16.06 8.62
CA VAL C 92 -38.77 -15.08 9.60
C VAL C 92 -39.83 -15.68 10.51
N HIS C 93 -40.65 -16.56 9.96
CA HIS C 93 -41.63 -17.27 10.76
C HIS C 93 -40.94 -18.16 11.77
N THR C 94 -39.89 -18.87 11.34
CA THR C 94 -39.17 -19.81 12.19
C THR C 94 -38.32 -19.10 13.29
N MET C 95 -37.71 -17.97 12.95
CA MET C 95 -36.89 -17.21 13.90
C MET C 95 -37.69 -16.37 14.89
N GLU C 96 -38.74 -15.70 14.39
CA GLU C 96 -39.54 -14.79 15.22
C GLU C 96 -40.99 -15.24 15.43
N GLY C 97 -41.71 -15.34 14.33
CA GLY C 97 -43.10 -15.79 14.33
C GLY C 97 -44.04 -14.69 14.80
N LYS C 98 -45.20 -15.10 15.32
CA LYS C 98 -46.13 -14.15 15.91
C LYS C 98 -45.84 -14.07 17.41
N LEU C 99 -45.38 -12.89 17.85
CA LEU C 99 -45.04 -12.67 19.25
C LEU C 99 -46.28 -12.62 20.16
N HIS C 100 -46.05 -12.83 21.46
CA HIS C 100 -47.12 -12.89 22.47
C HIS C 100 -48.19 -13.98 22.24
N ASP C 101 -47.94 -14.87 21.28
CA ASP C 101 -48.72 -16.08 21.11
C ASP C 101 -47.79 -17.24 21.43
N PRO C 102 -48.13 -18.04 22.46
CA PRO C 102 -47.29 -19.13 22.94
C PRO C 102 -47.25 -20.35 22.01
N GLU C 103 -47.90 -20.26 20.85
CA GLU C 103 -48.09 -21.44 20.01
C GLU C 103 -47.16 -21.69 18.79
N GLY C 104 -46.81 -20.72 17.94
CA GLY C 104 -47.05 -19.30 18.03
C GLY C 104 -45.74 -18.60 17.66
N MET C 105 -44.89 -18.41 18.65
CA MET C 105 -43.65 -17.70 18.48
C MET C 105 -42.48 -18.58 18.04
N GLY C 106 -41.52 -17.97 17.37
CA GLY C 106 -40.36 -18.70 16.90
C GLY C 106 -39.30 -18.83 17.98
N ILE C 107 -38.07 -19.13 17.55
CA ILE C 107 -36.95 -19.45 18.43
C ILE C 107 -36.46 -18.29 19.31
N ILE C 108 -36.36 -17.10 18.74
CA ILE C 108 -35.81 -15.98 19.49
C ILE C 108 -36.71 -15.60 20.69
N PRO C 109 -38.04 -15.41 20.47
CA PRO C 109 -38.88 -15.11 21.65
C PRO C 109 -38.92 -16.23 22.70
N ARG C 110 -38.74 -17.49 22.30
CA ARG C 110 -38.72 -18.60 23.23
C ARG C 110 -37.40 -18.64 23.98
N ILE C 111 -36.35 -18.14 23.35
CA ILE C 111 -35.04 -17.96 24.01
C ILE C 111 -35.11 -16.86 25.10
N VAL C 112 -35.73 -15.75 24.74
CA VAL C 112 -35.91 -14.61 25.62
C VAL C 112 -36.78 -14.95 26.84
N GLN C 113 -37.82 -15.73 26.63
CA GLN C 113 -38.65 -16.12 27.75
C GLN C 113 -38.02 -17.23 28.54
N ASP C 114 -37.17 -18.06 27.96
CA ASP C 114 -36.54 -19.08 28.78
C ASP C 114 -35.46 -18.52 29.69
N ILE C 115 -34.75 -17.51 29.22
CA ILE C 115 -33.73 -16.84 30.03
C ILE C 115 -34.36 -16.15 31.27
N PHE C 116 -35.44 -15.41 31.06
CA PHE C 116 -36.10 -14.68 32.11
C PHE C 116 -36.92 -15.64 32.95
N ASN C 117 -37.36 -16.73 32.37
CA ASN C 117 -38.04 -17.73 33.19
C ASN C 117 -37.04 -18.42 34.12
N TYR C 118 -35.79 -18.52 33.68
CA TYR C 118 -34.76 -19.09 34.54
C TYR C 118 -34.42 -18.09 35.62
N ILE C 119 -34.23 -16.83 35.23
CA ILE C 119 -33.91 -15.75 36.14
C ILE C 119 -34.94 -15.49 37.25
N TYR C 120 -36.21 -15.24 36.89
CA TYR C 120 -37.25 -15.00 37.87
C TYR C 120 -37.37 -16.17 38.85
N SER C 121 -37.06 -17.36 38.35
CA SER C 121 -37.13 -18.59 39.13
C SER C 121 -35.88 -18.85 39.99
N MET C 122 -34.93 -17.92 40.00
CA MET C 122 -33.69 -18.14 40.72
C MET C 122 -33.74 -17.33 42.00
N ASP C 123 -34.63 -16.34 41.95
CA ASP C 123 -34.93 -15.44 43.05
C ASP C 123 -34.26 -15.79 44.37
N GLU C 124 -33.01 -15.39 44.52
CA GLU C 124 -32.35 -15.63 45.78
C GLU C 124 -31.16 -14.68 45.94
N ASN C 125 -29.95 -15.19 45.72
CA ASN C 125 -28.74 -14.42 45.81
C ASN C 125 -28.02 -14.54 44.48
N LEU C 126 -28.80 -14.69 43.41
CA LEU C 126 -28.26 -14.85 42.09
C LEU C 126 -28.56 -13.56 41.37
N GLU C 127 -27.52 -12.78 41.07
CA GLU C 127 -27.73 -11.52 40.41
C GLU C 127 -27.44 -11.67 38.94
N PHE C 128 -28.14 -10.89 38.12
CA PHE C 128 -28.03 -11.03 36.69
C PHE C 128 -27.72 -9.71 36.02
N HIS C 129 -27.11 -9.81 34.85
CA HIS C 129 -26.98 -8.66 33.97
C HIS C 129 -27.06 -9.24 32.58
N ILE C 130 -28.06 -8.80 31.82
CA ILE C 130 -28.13 -9.15 30.41
C ILE C 130 -27.78 -7.95 29.55
N LYS C 131 -26.72 -8.09 28.77
CA LYS C 131 -26.35 -7.12 27.73
C LYS C 131 -26.74 -7.65 26.36
N VAL C 132 -27.34 -6.79 25.55
CA VAL C 132 -27.60 -7.15 24.16
C VAL C 132 -26.83 -6.26 23.19
N SER C 133 -26.35 -6.88 22.12
CA SER C 133 -25.75 -6.20 20.98
C SER C 133 -26.37 -6.65 19.68
N TYR C 134 -26.34 -5.76 18.71
CA TYR C 134 -26.98 -6.02 17.44
C TYR C 134 -26.23 -5.24 16.38
N PHE C 135 -25.53 -5.93 15.48
CA PHE C 135 -24.85 -5.26 14.35
C PHE C 135 -24.96 -6.13 13.08
N GLU C 136 -24.51 -5.59 11.96
CA GLU C 136 -24.66 -6.27 10.67
C GLU C 136 -23.35 -6.25 9.92
N ILE C 137 -23.14 -7.28 9.09
CA ILE C 137 -22.03 -7.32 8.14
C ILE C 137 -22.57 -6.99 6.77
N TYR C 138 -22.35 -5.77 6.33
CA TYR C 138 -22.84 -5.33 5.04
C TYR C 138 -21.71 -4.79 4.19
N LEU C 139 -21.46 -5.39 3.02
CA LEU C 139 -20.35 -4.93 2.20
C LEU C 139 -19.07 -5.00 2.97
N ASP C 140 -18.85 -6.08 3.68
CA ASP C 140 -17.64 -6.24 4.50
C ASP C 140 -17.46 -5.17 5.61
N LYS C 141 -18.47 -4.34 5.86
CA LYS C 141 -18.37 -3.41 6.97
C LYS C 141 -19.15 -3.88 8.16
N ILE C 142 -18.69 -3.55 9.36
CA ILE C 142 -19.50 -3.84 10.54
C ILE C 142 -20.25 -2.60 10.92
N ARG C 143 -21.57 -2.61 10.68
CA ARG C 143 -22.40 -1.49 11.05
C ARG C 143 -23.21 -1.83 12.28
N ASP C 144 -23.32 -0.86 13.17
CA ASP C 144 -24.08 -0.98 14.41
C ASP C 144 -25.58 -0.70 14.19
N LEU C 145 -26.47 -1.60 14.59
CA LEU C 145 -27.91 -1.36 14.38
C LEU C 145 -28.58 -0.57 15.50
N LEU C 146 -27.87 -0.37 16.61
CA LEU C 146 -28.37 0.40 17.75
C LEU C 146 -27.81 1.82 17.84
N ASP C 147 -26.93 2.17 16.92
CA ASP C 147 -26.33 3.51 16.83
C ASP C 147 -25.90 3.71 15.40
N VAL C 148 -26.69 4.49 14.67
CA VAL C 148 -26.48 4.64 13.24
C VAL C 148 -25.22 5.45 12.88
N SER C 149 -24.70 6.22 13.85
CA SER C 149 -23.44 6.95 13.67
C SER C 149 -22.22 6.02 13.68
N LYS C 150 -22.40 4.79 14.15
CA LYS C 150 -21.30 3.83 14.16
C LYS C 150 -21.39 2.98 12.92
N THR C 151 -20.94 3.54 11.82
CA THR C 151 -21.13 2.90 10.53
C THR C 151 -20.05 1.91 10.16
N ASN C 152 -18.84 2.07 10.67
CA ASN C 152 -17.76 1.23 10.19
C ASN C 152 -16.89 0.77 11.35
N LEU C 153 -17.36 -0.24 12.08
CA LEU C 153 -16.67 -0.76 13.25
C LEU C 153 -15.56 -1.79 12.97
N SER C 154 -14.70 -2.03 13.95
CA SER C 154 -13.56 -2.94 13.81
C SER C 154 -13.59 -4.14 14.76
N VAL C 155 -12.96 -5.24 14.40
CA VAL C 155 -12.81 -6.39 15.31
C VAL C 155 -11.41 -6.47 15.87
N HIS C 156 -11.30 -6.64 17.17
CA HIS C 156 -9.98 -6.76 17.78
C HIS C 156 -9.93 -7.95 18.76
N GLU C 157 -8.76 -8.24 19.31
CA GLU C 157 -8.65 -9.30 20.33
C GLU C 157 -8.02 -8.75 21.58
N ASP C 158 -8.53 -9.14 22.74
CA ASP C 158 -8.00 -8.72 24.04
C ASP C 158 -6.73 -9.47 24.49
N LYS C 159 -6.27 -9.21 25.71
CA LYS C 159 -5.06 -9.90 26.21
C LYS C 159 -5.31 -11.41 26.36
N ASN C 160 -6.56 -11.80 26.59
CA ASN C 160 -6.92 -13.21 26.71
C ASN C 160 -7.28 -13.83 25.36
N ARG C 161 -6.97 -13.10 24.30
CA ARG C 161 -7.13 -13.54 22.92
C ARG C 161 -8.57 -13.79 22.44
N VAL C 162 -9.55 -13.31 23.20
CA VAL C 162 -10.95 -13.37 22.81
C VAL C 162 -11.40 -12.14 21.99
N PRO C 163 -12.08 -12.36 20.86
CA PRO C 163 -12.52 -11.24 20.00
C PRO C 163 -13.59 -10.33 20.59
N TYR C 164 -13.54 -9.07 20.18
CA TYR C 164 -14.56 -8.08 20.48
C TYR C 164 -14.69 -7.10 19.33
N VAL C 165 -15.80 -6.38 19.32
CA VAL C 165 -16.08 -5.35 18.32
C VAL C 165 -16.02 -3.98 18.96
N LYS C 166 -14.94 -3.24 18.72
CA LYS C 166 -14.79 -1.92 19.32
C LYS C 166 -15.88 -0.94 18.92
N GLY C 167 -16.67 -0.53 19.89
CA GLY C 167 -17.60 0.55 19.64
C GLY C 167 -19.05 0.09 19.51
N ALA C 168 -19.29 -1.20 19.37
CA ALA C 168 -20.67 -1.66 19.29
C ALA C 168 -21.44 -1.32 20.58
N THR C 169 -22.66 -0.83 20.40
CA THR C 169 -23.55 -0.53 21.50
C THR C 169 -23.88 -1.79 22.30
N GLU C 170 -23.55 -1.77 23.60
CA GLU C 170 -23.99 -2.78 24.57
C GLU C 170 -25.10 -2.23 25.41
N ARG C 171 -26.26 -2.84 25.30
CA ARG C 171 -27.43 -2.40 26.05
C ARG C 171 -27.84 -3.38 27.14
N PHE C 172 -28.02 -2.83 28.33
CA PHE C 172 -28.52 -3.59 29.49
C PHE C 172 -30.04 -3.66 29.47
N VAL C 173 -30.57 -4.86 29.66
CA VAL C 173 -32.03 -5.09 29.60
C VAL C 173 -32.57 -5.82 30.84
N SER C 174 -33.85 -5.61 31.17
CA SER C 174 -34.46 -6.21 32.37
C SER C 174 -35.76 -6.97 32.15
N SER C 175 -36.26 -7.04 30.93
CA SER C 175 -37.48 -7.80 30.70
C SER C 175 -37.46 -8.39 29.31
N PRO C 176 -38.25 -9.46 29.11
CA PRO C 176 -38.37 -10.04 27.78
C PRO C 176 -38.83 -9.01 26.75
N ASP C 177 -39.67 -8.05 27.17
CA ASP C 177 -40.13 -7.04 26.23
C ASP C 177 -39.05 -6.01 25.86
N GLU C 178 -38.12 -5.73 26.79
CA GLU C 178 -37.07 -4.75 26.52
C GLU C 178 -36.08 -5.29 25.49
N VAL C 179 -35.94 -6.60 25.44
CA VAL C 179 -35.12 -7.24 24.42
C VAL C 179 -35.82 -7.13 23.04
N MET C 180 -37.11 -7.44 22.99
CA MET C 180 -37.89 -7.39 21.76
C MET C 180 -37.95 -5.97 21.16
N ASP C 181 -37.90 -4.93 22.00
CA ASP C 181 -37.95 -3.55 21.51
C ASP C 181 -36.59 -3.14 20.93
N THR C 182 -35.54 -3.80 21.42
CA THR C 182 -34.19 -3.61 20.91
C THR C 182 -34.03 -4.28 19.54
N ILE C 183 -34.56 -5.49 19.45
CA ILE C 183 -34.61 -6.18 18.19
C ILE C 183 -35.49 -5.41 17.18
N ASP C 184 -36.63 -4.90 17.60
CA ASP C 184 -37.46 -4.13 16.67
C ASP C 184 -36.77 -2.82 16.27
N GLU C 185 -36.10 -2.17 17.22
CA GLU C 185 -35.29 -1.01 16.89
C GLU C 185 -34.19 -1.32 15.88
N GLY C 186 -33.43 -2.38 16.13
CA GLY C 186 -32.35 -2.73 15.24
C GLY C 186 -32.84 -3.09 13.85
N LYS C 187 -33.97 -3.80 13.80
CA LYS C 187 -34.48 -4.28 12.53
C LYS C 187 -34.78 -3.14 11.59
N SER C 188 -35.29 -2.02 12.13
CA SER C 188 -35.58 -0.87 11.26
C SER C 188 -34.29 -0.29 10.65
N ASN C 189 -33.12 -0.69 11.14
CA ASN C 189 -31.90 -0.17 10.54
C ASN C 189 -31.19 -1.17 9.65
N ARG C 190 -31.69 -2.39 9.59
CA ARG C 190 -31.00 -3.38 8.78
C ARG C 190 -31.22 -3.14 7.27
N HIS C 191 -30.18 -3.42 6.47
CA HIS C 191 -30.28 -3.29 5.02
C HIS C 191 -30.98 -4.49 4.39
N VAL C 192 -32.22 -4.27 3.97
CA VAL C 192 -33.03 -5.30 3.34
C VAL C 192 -33.46 -4.75 2.00
N ALA C 193 -34.51 -5.34 1.41
CA ALA C 193 -34.98 -4.93 0.09
C ALA C 193 -36.24 -5.69 -0.32
N VAL C 194 -37.17 -4.93 -0.88
CA VAL C 194 -38.46 -5.41 -1.35
C VAL C 194 -38.32 -6.20 -2.66
N HIS C 200 -39.14 -8.60 1.59
CA HIS C 200 -38.05 -8.29 2.51
C HIS C 200 -36.84 -9.22 2.36
N SER C 201 -35.87 -8.81 1.55
CA SER C 201 -34.67 -9.59 1.32
C SER C 201 -33.43 -8.93 1.95
N SER C 202 -33.10 -9.35 3.18
CA SER C 202 -31.88 -8.94 3.90
C SER C 202 -30.64 -8.91 2.98
N ARG C 203 -30.05 -7.74 2.79
CA ARG C 203 -28.88 -7.62 1.94
C ARG C 203 -27.59 -7.71 2.74
N SER C 204 -27.71 -8.12 4.00
CA SER C 204 -26.57 -8.17 4.92
C SER C 204 -26.76 -9.24 5.98
N HIS C 205 -25.70 -9.64 6.66
CA HIS C 205 -25.83 -10.60 7.75
C HIS C 205 -26.01 -9.89 9.08
N SER C 206 -26.99 -10.31 9.89
CA SER C 206 -27.15 -9.64 11.16
C SER C 206 -26.76 -10.54 12.34
N ILE C 207 -26.03 -9.94 13.29
CA ILE C 207 -25.57 -10.66 14.47
C ILE C 207 -26.11 -10.02 15.76
N PHE C 208 -26.90 -10.79 16.49
CA PHE C 208 -27.50 -10.38 17.76
C PHE C 208 -26.81 -11.11 18.91
N LEU C 209 -26.31 -10.37 19.89
CA LEU C 209 -25.60 -10.98 21.01
C LEU C 209 -26.42 -10.86 22.28
N ILE C 210 -26.72 -11.97 22.95
CA ILE C 210 -27.26 -11.92 24.30
C ILE C 210 -26.15 -12.39 25.20
N ASN C 211 -25.67 -11.50 26.07
CA ASN C 211 -24.62 -11.83 27.00
C ASN C 211 -25.28 -11.95 28.34
N VAL C 212 -25.25 -13.15 28.92
CA VAL C 212 -25.95 -13.44 30.18
C VAL C 212 -24.96 -13.55 31.34
N LYS C 213 -24.82 -12.50 32.15
CA LYS C 213 -23.88 -12.50 33.24
C LYS C 213 -24.63 -12.81 34.55
N GLN C 214 -24.07 -13.70 35.36
CA GLN C 214 -24.65 -14.12 36.64
C GLN C 214 -23.63 -14.15 37.75
N GLU C 215 -24.04 -13.74 38.94
CA GLU C 215 -23.21 -13.85 40.14
C GLU C 215 -24.01 -14.44 41.29
N ASN C 216 -23.39 -15.36 42.01
CA ASN C 216 -24.00 -15.96 43.18
C ASN C 216 -23.40 -15.25 44.39
N THR C 217 -24.16 -14.39 45.06
CA THR C 217 -23.58 -13.61 46.16
C THR C 217 -23.12 -14.46 47.37
N GLN C 218 -23.67 -15.66 47.56
CA GLN C 218 -23.19 -16.52 48.64
C GLN C 218 -21.86 -17.19 48.28
N THR C 219 -21.76 -17.81 47.11
CA THR C 219 -20.51 -18.48 46.75
C THR C 219 -19.53 -17.53 46.04
N GLU C 220 -20.05 -16.40 45.58
CA GLU C 220 -19.35 -15.47 44.68
C GLU C 220 -18.75 -16.24 43.50
N GLN C 221 -19.56 -17.13 42.95
CA GLN C 221 -19.28 -17.76 41.67
C GLN C 221 -19.84 -16.89 40.55
N LYS C 222 -19.04 -16.67 39.51
CA LYS C 222 -19.48 -15.87 38.39
C LYS C 222 -19.71 -16.74 37.17
N LEU C 223 -20.60 -16.29 36.30
CA LEU C 223 -20.86 -16.93 35.02
C LEU C 223 -21.02 -15.87 33.95
N SER C 224 -20.62 -16.21 32.73
CA SER C 224 -20.82 -15.32 31.60
C SER C 224 -20.96 -16.14 30.33
N GLY C 225 -22.15 -16.13 29.75
CA GLY C 225 -22.39 -16.89 28.56
C GLY C 225 -22.74 -15.92 27.45
N LYS C 226 -22.27 -16.24 26.25
CA LYS C 226 -22.53 -15.46 25.06
C LYS C 226 -23.31 -16.34 24.10
N LEU C 227 -24.54 -15.88 23.83
CA LEU C 227 -25.40 -16.50 22.85
C LEU C 227 -25.51 -15.61 21.63
N TYR C 228 -25.07 -16.10 20.48
CA TYR C 228 -25.17 -15.36 19.23
C TYR C 228 -26.31 -15.88 18.33
N LEU C 229 -27.19 -15.00 17.90
CA LEU C 229 -28.27 -15.34 16.97
C LEU C 229 -28.00 -14.63 15.66
N VAL C 230 -27.55 -15.37 14.65
CA VAL C 230 -27.18 -14.78 13.37
C VAL C 230 -28.22 -15.07 12.28
N ASP C 231 -28.74 -14.00 11.67
CA ASP C 231 -29.60 -14.08 10.49
C ASP C 231 -28.73 -13.92 9.25
N LEU C 232 -28.53 -15.01 8.51
CA LEU C 232 -27.73 -14.99 7.29
C LEU C 232 -28.51 -14.56 6.07
N ALA C 233 -27.98 -13.60 5.34
CA ALA C 233 -28.57 -13.24 4.06
C ALA C 233 -28.25 -14.36 3.07
N GLY C 234 -29.27 -14.84 2.37
CA GLY C 234 -29.12 -15.91 1.38
C GLY C 234 -28.19 -15.70 0.17
N SER C 235 -27.66 -16.81 -0.36
CA SER C 235 -26.83 -16.79 -1.57
C SER C 235 -27.52 -16.11 -2.73
N GLU C 236 -26.77 -15.32 -3.51
CA GLU C 236 -27.28 -14.74 -4.74
C GLU C 236 -26.47 -15.17 -5.96
N LYS C 237 -27.10 -15.07 -7.13
CA LYS C 237 -26.43 -15.26 -8.42
C LYS C 237 -25.88 -13.94 -9.01
N VAL C 238 -25.28 -14.04 -10.20
CA VAL C 238 -24.68 -12.90 -10.91
C VAL C 238 -23.64 -12.21 -10.03
N GLY C 245 -24.04 -2.98 -10.76
CA GLY C 245 -23.29 -1.93 -10.09
C GLY C 245 -23.21 -2.16 -8.60
N ALA C 246 -24.00 -1.42 -7.83
CA ALA C 246 -23.96 -1.47 -6.37
C ALA C 246 -24.64 -2.72 -5.75
N VAL C 247 -25.65 -3.26 -6.45
CA VAL C 247 -26.32 -4.49 -6.01
C VAL C 247 -25.40 -5.69 -6.20
N LEU C 248 -24.64 -5.64 -7.30
CA LEU C 248 -23.68 -6.68 -7.68
C LEU C 248 -22.59 -6.76 -6.62
N ASP C 249 -22.06 -5.63 -6.20
CA ASP C 249 -21.08 -5.61 -5.12
C ASP C 249 -21.63 -6.35 -3.89
N GLU C 250 -22.91 -6.17 -3.58
CA GLU C 250 -23.49 -6.82 -2.41
C GLU C 250 -23.47 -8.35 -2.47
N ALA C 251 -23.82 -8.92 -3.63
CA ALA C 251 -23.90 -10.37 -3.77
C ALA C 251 -22.52 -11.03 -3.65
N LYS C 252 -21.52 -10.39 -4.23
CA LYS C 252 -20.16 -10.92 -4.19
C LYS C 252 -19.75 -10.95 -2.73
N ASN C 253 -20.10 -9.92 -1.97
CA ASN C 253 -19.75 -9.92 -0.56
C ASN C 253 -20.58 -10.89 0.26
N ILE C 254 -21.87 -10.96 -0.03
CA ILE C 254 -22.76 -11.92 0.65
C ILE C 254 -22.26 -13.35 0.46
N ASN C 255 -21.95 -13.69 -0.80
CA ASN C 255 -21.52 -15.03 -1.19
C ASN C 255 -20.14 -15.37 -0.68
N LYS C 256 -19.25 -14.36 -0.68
CA LYS C 256 -17.89 -14.57 -0.20
C LYS C 256 -17.93 -14.86 1.25
N SER C 257 -18.73 -14.10 1.97
CA SER C 257 -18.78 -14.26 3.42
C SER C 257 -19.46 -15.58 3.84
N LEU C 258 -20.43 -16.03 3.04
CA LEU C 258 -21.06 -17.31 3.25
C LEU C 258 -20.07 -18.42 2.99
N SER C 259 -19.18 -18.20 2.04
CA SER C 259 -18.20 -19.22 1.69
C SER C 259 -17.07 -19.29 2.70
N ALA C 260 -16.69 -18.14 3.24
CA ALA C 260 -15.68 -18.13 4.26
C ALA C 260 -16.28 -18.81 5.50
N LEU C 261 -17.57 -18.56 5.75
CA LEU C 261 -18.25 -19.19 6.87
C LEU C 261 -18.37 -20.72 6.74
N GLY C 262 -18.73 -21.17 5.54
CA GLY C 262 -18.89 -22.59 5.26
C GLY C 262 -17.57 -23.28 5.48
N ASN C 263 -16.50 -22.56 5.16
CA ASN C 263 -15.17 -23.10 5.29
C ASN C 263 -14.85 -23.44 6.71
N VAL C 264 -15.07 -22.46 7.59
CA VAL C 264 -14.86 -22.61 9.02
C VAL C 264 -15.80 -23.69 9.51
N ILE C 265 -17.05 -23.60 9.10
CA ILE C 265 -18.00 -24.59 9.50
C ILE C 265 -17.56 -26.00 9.12
N SER C 266 -17.13 -26.17 7.87
CA SER C 266 -16.73 -27.47 7.37
C SER C 266 -15.47 -28.00 8.03
N ALA C 267 -14.54 -27.10 8.36
CA ALA C 267 -13.34 -27.47 9.08
C ALA C 267 -13.73 -28.07 10.44
N LEU C 268 -14.71 -27.49 11.13
CA LEU C 268 -15.10 -27.99 12.44
C LEU C 268 -15.72 -29.40 12.36
N ALA C 269 -16.67 -29.58 11.45
CA ALA C 269 -17.34 -30.85 11.26
C ALA C 269 -16.38 -31.96 10.86
N GLU C 270 -15.37 -31.59 10.08
CA GLU C 270 -14.45 -32.59 9.55
C GLU C 270 -13.24 -32.73 10.47
N GLY C 271 -13.37 -32.16 11.68
CA GLY C 271 -12.33 -32.25 12.70
C GLY C 271 -11.01 -31.68 12.24
N SER C 272 -11.05 -30.61 11.46
CA SER C 272 -9.82 -30.01 11.00
C SER C 272 -9.05 -29.46 12.19
N THR C 273 -7.73 -29.59 12.13
CA THR C 273 -6.85 -29.10 13.17
C THR C 273 -6.37 -27.70 12.82
N TYR C 274 -6.91 -27.15 11.74
CA TYR C 274 -6.71 -25.74 11.42
C TYR C 274 -8.05 -25.15 11.00
N VAL C 275 -8.56 -24.25 11.82
CA VAL C 275 -9.85 -23.67 11.51
C VAL C 275 -9.69 -22.20 11.16
N PRO C 276 -9.98 -21.84 9.91
CA PRO C 276 -9.67 -20.50 9.37
C PRO C 276 -10.57 -19.37 9.86
N TYR C 277 -10.61 -19.14 11.16
CA TYR C 277 -11.43 -18.07 11.70
C TYR C 277 -11.05 -16.72 11.12
N ARG C 278 -9.74 -16.54 11.03
CA ARG C 278 -9.11 -15.30 10.63
C ARG C 278 -9.61 -14.76 9.27
N ASP C 279 -10.08 -15.68 8.44
CA ASP C 279 -10.40 -15.41 7.03
C ASP C 279 -11.57 -14.45 6.75
N SER C 280 -12.43 -14.17 7.73
CA SER C 280 -13.50 -13.19 7.50
C SER C 280 -13.83 -12.49 8.80
N LYS C 281 -14.39 -11.28 8.70
CA LYS C 281 -14.75 -10.50 9.88
C LYS C 281 -15.76 -11.26 10.72
N MET C 282 -16.75 -11.84 10.06
CA MET C 282 -17.79 -12.59 10.75
C MET C 282 -17.27 -13.79 11.52
N THR C 283 -16.47 -14.66 10.91
CA THR C 283 -15.93 -15.79 11.68
C THR C 283 -14.87 -15.36 12.71
N ARG C 284 -14.28 -14.18 12.61
CA ARG C 284 -13.44 -13.67 13.70
C ARG C 284 -14.27 -13.31 14.95
N ILE C 285 -15.40 -12.64 14.72
CA ILE C 285 -16.31 -12.21 15.77
C ILE C 285 -16.85 -13.37 16.59
N LEU C 286 -17.32 -14.40 15.90
CA LEU C 286 -17.88 -15.57 16.52
C LEU C 286 -16.85 -16.63 16.90
N GLN C 287 -15.57 -16.30 16.89
CA GLN C 287 -14.56 -17.34 17.08
C GLN C 287 -14.75 -18.23 18.31
N ASP C 288 -14.98 -17.63 19.48
CA ASP C 288 -15.14 -18.41 20.72
C ASP C 288 -16.57 -18.89 20.98
N SER C 289 -17.44 -18.74 19.99
CA SER C 289 -18.83 -19.22 20.05
C SER C 289 -19.11 -20.20 18.95
N LEU C 290 -18.07 -20.55 18.19
CA LEU C 290 -18.21 -21.52 17.11
C LEU C 290 -17.22 -22.69 17.24
N GLY C 291 -17.72 -23.85 17.59
CA GLY C 291 -16.88 -25.04 17.64
C GLY C 291 -16.13 -25.16 18.92
N GLY C 292 -15.37 -26.24 19.05
CA GLY C 292 -14.64 -26.45 20.28
C GLY C 292 -15.67 -26.66 21.36
N ASN C 293 -15.51 -25.85 22.40
CA ASN C 293 -16.28 -25.91 23.63
C ASN C 293 -17.70 -25.31 23.58
N ALA C 294 -18.09 -24.78 22.43
CA ALA C 294 -19.40 -24.13 22.25
C ALA C 294 -20.36 -24.96 21.38
N ARG C 295 -21.67 -24.79 21.57
CA ARG C 295 -22.63 -25.54 20.77
C ARG C 295 -23.17 -24.65 19.65
N THR C 296 -23.34 -25.20 18.45
CA THR C 296 -23.85 -24.44 17.29
C THR C 296 -25.02 -25.15 16.62
N THR C 297 -26.03 -24.39 16.20
CA THR C 297 -27.07 -24.98 15.36
C THR C 297 -27.27 -24.12 14.11
N ILE C 298 -27.28 -24.78 12.96
CA ILE C 298 -27.66 -24.17 11.70
C ILE C 298 -29.10 -24.58 11.36
N VAL C 299 -29.99 -23.61 11.30
CA VAL C 299 -31.35 -23.89 10.91
C VAL C 299 -31.62 -23.40 9.51
N ILE C 300 -31.76 -24.32 8.56
CA ILE C 300 -32.02 -23.93 7.19
C ILE C 300 -33.52 -24.07 6.86
N CYS C 301 -34.10 -23.02 6.29
CA CYS C 301 -35.52 -23.00 5.94
C CYS C 301 -35.72 -23.17 4.44
N CYS C 302 -36.60 -24.08 4.03
CA CYS C 302 -36.79 -24.33 2.60
C CYS C 302 -38.25 -24.27 2.16
N SER C 303 -38.48 -23.84 0.93
CA SER C 303 -39.84 -23.87 0.40
C SER C 303 -40.03 -25.22 -0.29
N PRO C 304 -41.13 -25.92 0.00
CA PRO C 304 -41.36 -27.24 -0.59
C PRO C 304 -41.88 -27.15 -2.02
N SER C 305 -42.45 -25.99 -2.35
CA SER C 305 -43.00 -25.70 -3.66
C SER C 305 -42.00 -26.02 -4.75
N SER C 306 -42.52 -26.53 -5.86
CA SER C 306 -41.72 -26.77 -7.05
C SER C 306 -41.20 -25.46 -7.63
N TYR C 307 -41.96 -24.39 -7.43
CA TYR C 307 -41.62 -23.06 -7.96
C TYR C 307 -40.25 -22.52 -7.50
N ASN C 308 -39.77 -23.03 -6.38
CA ASN C 308 -38.49 -22.62 -5.79
C ASN C 308 -37.41 -23.71 -5.80
N GLU C 309 -37.60 -24.73 -6.65
CA GLU C 309 -36.91 -26.01 -6.50
C GLU C 309 -35.39 -25.91 -6.58
N SER C 310 -34.87 -24.93 -7.31
CA SER C 310 -33.42 -24.75 -7.38
C SER C 310 -32.85 -24.02 -6.13
N GLU C 311 -33.59 -23.07 -5.59
CA GLU C 311 -33.00 -22.29 -4.51
C GLU C 311 -33.11 -23.04 -3.19
N THR C 312 -34.07 -23.96 -3.10
CA THR C 312 -34.12 -24.86 -1.94
C THR C 312 -33.14 -26.01 -2.15
N LYS C 313 -32.83 -26.31 -3.41
CA LYS C 313 -31.81 -27.30 -3.71
C LYS C 313 -30.46 -26.80 -3.20
N SER C 314 -30.16 -25.52 -3.46
CA SER C 314 -28.89 -24.91 -3.05
C SER C 314 -28.76 -24.65 -1.56
N THR C 315 -29.87 -24.29 -0.91
CA THR C 315 -29.90 -24.10 0.54
C THR C 315 -29.52 -25.41 1.22
N LEU C 316 -30.12 -26.51 0.76
CA LEU C 316 -29.83 -27.83 1.31
C LEU C 316 -28.36 -28.12 1.16
N LEU C 317 -27.81 -27.71 0.03
CA LEU C 317 -26.39 -27.90 -0.27
C LEU C 317 -25.47 -27.12 0.64
N PHE C 318 -25.90 -25.92 1.01
CA PHE C 318 -25.11 -25.17 1.97
C PHE C 318 -25.13 -25.91 3.30
N GLY C 319 -26.28 -26.44 3.70
CA GLY C 319 -26.42 -27.18 4.95
C GLY C 319 -25.60 -28.44 4.99
N GLN C 320 -25.37 -29.02 3.82
CA GLN C 320 -24.70 -30.29 3.70
C GLN C 320 -23.20 -30.09 4.02
N ARG C 321 -22.74 -28.85 3.91
CA ARG C 321 -21.37 -28.44 4.22
C ARG C 321 -21.02 -28.63 5.68
N ALA C 322 -22.03 -28.69 6.54
CA ALA C 322 -21.79 -28.76 7.96
C ALA C 322 -21.88 -30.15 8.63
N LYS C 323 -22.27 -31.21 7.92
CA LYS C 323 -22.35 -32.51 8.59
C LYS C 323 -21.06 -33.31 8.52
N THR C 324 -20.76 -34.02 9.61
CA THR C 324 -19.52 -34.78 9.72
C THR C 324 -19.51 -35.96 8.77
N GLU D 6 -47.59 21.35 -23.39
CA GLU D 6 -47.87 20.11 -22.67
C GLU D 6 -46.59 19.49 -22.05
N SER D 7 -45.43 19.84 -22.60
CA SER D 7 -44.17 19.36 -22.04
C SER D 7 -43.51 20.48 -21.24
N ASN D 8 -43.92 21.70 -21.56
CA ASN D 8 -43.35 22.91 -20.99
C ASN D 8 -41.84 22.96 -21.17
N ILE D 9 -41.43 23.20 -22.41
CA ILE D 9 -40.05 23.45 -22.75
C ILE D 9 -39.97 24.90 -23.13
N LYS D 10 -39.04 25.63 -22.53
CA LYS D 10 -38.92 27.05 -22.79
C LYS D 10 -37.56 27.36 -23.38
N VAL D 11 -37.53 28.23 -24.38
CA VAL D 11 -36.26 28.64 -24.96
C VAL D 11 -36.10 30.07 -24.60
N MET D 12 -34.92 30.42 -24.10
CA MET D 12 -34.67 31.78 -23.70
C MET D 12 -33.34 32.20 -24.24
N CYS D 13 -33.36 33.38 -24.84
CA CYS D 13 -32.21 33.91 -25.54
C CYS D 13 -31.63 35.14 -24.89
N ARG D 14 -30.33 35.11 -24.61
CA ARG D 14 -29.66 36.27 -24.01
C ARG D 14 -28.55 36.88 -24.88
N PHE D 15 -28.75 38.10 -25.35
CA PHE D 15 -27.69 38.87 -26.01
C PHE D 15 -26.88 39.67 -24.99
N ARG D 16 -25.57 39.72 -25.17
CA ARG D 16 -24.70 40.47 -24.26
C ARG D 16 -24.16 41.80 -24.83
N PRO D 17 -23.62 42.66 -23.96
CA PRO D 17 -22.73 43.73 -24.41
C PRO D 17 -21.33 43.14 -24.47
N LEU D 18 -20.29 43.67 -25.11
CA LEU D 18 -20.20 44.87 -25.95
C LEU D 18 -18.74 44.83 -26.37
N ASN D 19 -17.87 45.01 -25.37
CA ASN D 19 -16.41 45.03 -25.53
C ASN D 19 -15.76 43.64 -25.39
N SER D 21 -12.12 45.24 -25.97
CA SER D 21 -12.99 46.36 -26.35
C SER D 21 -13.38 46.27 -27.83
N GLU D 22 -14.40 45.46 -28.11
CA GLU D 22 -14.96 45.31 -29.44
C GLU D 22 -15.46 46.62 -30.05
N VAL D 23 -15.83 47.61 -29.22
CA VAL D 23 -16.30 48.91 -29.73
C VAL D 23 -15.18 49.68 -30.48
N ASN D 24 -13.95 49.50 -30.00
CA ASN D 24 -12.79 50.15 -30.60
C ASN D 24 -12.24 49.38 -31.80
N ARG D 25 -12.83 48.22 -32.07
CA ARG D 25 -12.43 47.41 -33.22
C ARG D 25 -13.26 47.79 -34.44
N GLY D 26 -14.51 48.18 -34.18
CA GLY D 26 -15.44 48.70 -35.18
C GLY D 26 -16.35 47.60 -35.68
N ASP D 27 -17.48 47.46 -34.99
CA ASP D 27 -18.43 46.36 -35.10
C ASP D 27 -19.82 46.91 -34.84
N LYS D 28 -20.80 46.59 -35.69
CA LYS D 28 -22.13 47.19 -35.58
C LYS D 28 -23.07 46.26 -34.81
N TYR D 29 -24.13 46.82 -34.23
CA TYR D 29 -24.94 46.08 -33.27
C TYR D 29 -25.84 45.06 -33.95
N ILE D 30 -26.24 45.32 -35.19
CA ILE D 30 -26.93 44.32 -36.01
C ILE D 30 -28.17 43.56 -35.45
N ALA D 31 -28.65 43.89 -34.26
CA ALA D 31 -29.76 43.13 -33.66
C ALA D 31 -30.81 44.04 -33.06
N LYS D 32 -32.00 44.06 -33.67
CA LYS D 32 -33.09 44.89 -33.16
C LYS D 32 -34.08 44.05 -32.34
N PHE D 33 -34.72 44.67 -31.35
CA PHE D 33 -35.63 44.00 -30.44
C PHE D 33 -37.00 44.66 -30.44
N GLN D 34 -38.06 43.86 -30.42
CA GLN D 34 -39.38 44.39 -30.05
C GLN D 34 -40.20 43.34 -29.32
N GLY D 35 -40.90 43.77 -28.27
CA GLY D 35 -41.56 42.88 -27.34
C GLY D 35 -40.53 42.36 -26.38
N GLU D 36 -40.98 41.68 -25.33
CA GLU D 36 -40.06 41.04 -24.39
C GLU D 36 -39.65 39.64 -24.87
N ASP D 37 -39.85 39.35 -26.14
CA ASP D 37 -39.63 38.00 -26.64
C ASP D 37 -39.13 37.88 -28.10
N THR D 38 -38.99 38.98 -28.82
CA THR D 38 -38.57 38.84 -30.22
C THR D 38 -37.29 39.60 -30.52
N VAL D 39 -36.47 39.00 -31.38
CA VAL D 39 -35.26 39.63 -31.88
C VAL D 39 -35.21 39.57 -33.40
N VAL D 40 -34.76 40.66 -34.00
CA VAL D 40 -34.57 40.77 -35.44
C VAL D 40 -33.11 41.01 -35.77
N ILE D 41 -32.49 40.10 -36.48
CA ILE D 41 -31.16 40.38 -36.97
C ILE D 41 -31.25 40.31 -38.48
N ALA D 42 -30.72 41.30 -39.21
CA ALA D 42 -30.71 41.32 -40.69
C ALA D 42 -32.09 41.13 -41.28
N SER D 43 -33.06 41.78 -40.65
CA SER D 43 -34.48 41.65 -41.00
C SER D 43 -35.07 40.23 -40.91
N LYS D 44 -34.35 39.31 -40.27
CA LYS D 44 -34.87 37.95 -40.04
C LYS D 44 -35.49 38.03 -38.64
N PRO D 45 -36.78 37.78 -38.51
CA PRO D 45 -37.45 37.77 -37.18
C PRO D 45 -37.29 36.44 -36.43
N TYR D 46 -37.02 36.51 -35.12
CA TYR D 46 -36.92 35.31 -34.25
C TYR D 46 -37.64 35.41 -32.89
N ALA D 47 -38.63 34.55 -32.69
CA ALA D 47 -39.44 34.60 -31.48
C ALA D 47 -38.87 33.65 -30.45
N PHE D 48 -39.02 33.99 -29.18
CA PHE D 48 -38.64 33.07 -28.12
C PHE D 48 -39.64 33.19 -27.01
N ASP D 49 -39.43 32.46 -25.93
CA ASP D 49 -40.30 32.58 -24.77
C ASP D 49 -39.90 33.81 -23.99
N ARG D 50 -38.63 34.16 -24.08
CA ARG D 50 -38.11 35.32 -23.37
C ARG D 50 -36.81 35.71 -24.10
N VAL D 51 -36.63 37.00 -24.39
CA VAL D 51 -35.36 37.46 -24.93
C VAL D 51 -34.79 38.54 -24.00
N PHE D 52 -33.64 38.24 -23.41
CA PHE D 52 -32.93 39.15 -22.52
C PHE D 52 -31.93 39.99 -23.29
N GLN D 53 -32.09 41.30 -23.27
CA GLN D 53 -31.11 42.16 -23.91
C GLN D 53 -29.97 42.44 -22.94
N SER D 54 -29.00 43.24 -23.37
CA SER D 54 -27.79 43.49 -22.59
C SER D 54 -28.05 44.00 -21.17
N SER D 55 -29.17 44.68 -20.95
CA SER D 55 -29.48 45.27 -19.65
C SER D 55 -30.03 44.28 -18.62
N THR D 56 -30.24 43.03 -19.00
CA THR D 56 -30.85 42.10 -18.05
C THR D 56 -29.80 41.52 -17.15
N SER D 57 -30.02 41.67 -15.85
CA SER D 57 -29.08 41.23 -14.80
C SER D 57 -29.04 39.72 -14.63
N GLN D 58 -28.07 39.24 -13.87
CA GLN D 58 -27.96 37.83 -13.58
C GLN D 58 -29.18 37.33 -12.80
N GLU D 59 -29.56 38.06 -11.77
CA GLU D 59 -30.69 37.67 -10.96
C GLU D 59 -31.96 37.55 -11.80
N GLN D 60 -32.07 38.36 -12.84
CA GLN D 60 -33.30 38.36 -13.64
C GLN D 60 -33.38 37.20 -14.63
N VAL D 61 -32.24 36.75 -15.14
CA VAL D 61 -32.24 35.55 -15.98
C VAL D 61 -32.46 34.31 -15.14
N TYR D 62 -31.89 34.29 -13.94
CA TYR D 62 -32.04 33.15 -13.07
C TYR D 62 -33.50 32.99 -12.68
N ASN D 63 -34.13 34.10 -12.32
CA ASN D 63 -35.53 34.09 -11.94
C ASN D 63 -36.43 33.61 -13.08
N ASP D 64 -36.07 33.90 -14.33
CA ASP D 64 -36.92 33.51 -15.45
C ASP D 64 -36.49 32.19 -16.07
N ALA D 65 -35.22 31.83 -15.93
CA ALA D 65 -34.73 30.59 -16.52
C ALA D 65 -34.73 29.39 -15.58
N ALA D 66 -34.19 29.56 -14.38
CA ALA D 66 -33.85 28.39 -13.58
C ALA D 66 -34.68 28.22 -12.32
N LYS D 67 -35.25 29.30 -11.80
CA LYS D 67 -35.72 29.24 -10.42
C LYS D 67 -36.87 28.28 -10.22
N LYS D 68 -37.83 28.28 -11.16
CA LYS D 68 -39.01 27.45 -11.02
C LYS D 68 -38.65 25.99 -11.25
N ILE D 69 -37.57 25.76 -11.98
CA ILE D 69 -37.09 24.40 -12.17
C ILE D 69 -36.49 23.88 -10.87
N VAL D 70 -35.72 24.73 -10.19
CA VAL D 70 -35.14 24.44 -8.88
C VAL D 70 -36.20 24.17 -7.81
N LYS D 71 -37.23 25.01 -7.73
CA LYS D 71 -38.32 24.79 -6.79
C LYS D 71 -38.95 23.42 -6.97
N ASP D 72 -39.18 23.05 -8.23
CA ASP D 72 -39.82 21.76 -8.54
C ASP D 72 -38.95 20.58 -8.24
N VAL D 73 -37.65 20.78 -8.34
CA VAL D 73 -36.74 19.69 -8.04
C VAL D 73 -36.76 19.47 -6.53
N LEU D 74 -36.89 20.56 -5.80
CA LEU D 74 -37.04 20.50 -4.35
C LEU D 74 -38.38 19.92 -3.89
N GLU D 75 -39.28 19.75 -4.85
CA GLU D 75 -40.58 19.18 -4.60
C GLU D 75 -40.68 17.77 -5.14
N GLY D 76 -39.58 17.24 -5.68
CA GLY D 76 -39.53 15.88 -6.19
C GLY D 76 -39.54 15.69 -7.72
N TYR D 77 -39.65 16.77 -8.49
CA TYR D 77 -39.70 16.63 -9.94
C TYR D 77 -38.31 16.68 -10.53
N ASN D 78 -38.22 16.33 -11.82
CA ASN D 78 -36.97 16.44 -12.57
C ASN D 78 -36.94 17.67 -13.45
N GLY D 79 -35.75 18.09 -13.84
CA GLY D 79 -35.65 19.26 -14.68
C GLY D 79 -34.35 19.31 -15.46
N THR D 80 -34.38 20.05 -16.56
CA THR D 80 -33.20 20.18 -17.40
C THR D 80 -32.95 21.63 -17.78
N ILE D 81 -31.69 22.03 -17.69
CA ILE D 81 -31.27 23.28 -18.26
C ILE D 81 -30.18 23.01 -19.28
N PHE D 82 -30.37 23.52 -20.47
CA PHE D 82 -29.37 23.40 -21.50
C PHE D 82 -28.73 24.74 -21.70
N ALA D 83 -27.42 24.78 -21.88
CA ALA D 83 -26.79 26.05 -22.26
C ALA D 83 -26.09 25.92 -23.61
N TYR D 84 -26.61 26.61 -24.65
CA TYR D 84 -25.99 26.52 -25.98
C TYR D 84 -25.45 27.86 -26.45
N GLY D 85 -24.21 27.87 -26.91
CA GLY D 85 -23.64 29.10 -27.45
C GLY D 85 -22.32 28.93 -28.20
N GLN D 86 -22.06 29.78 -29.18
CA GLN D 86 -20.76 29.78 -29.85
C GLN D 86 -19.78 30.59 -28.98
N THR D 87 -18.50 30.62 -29.33
CA THR D 87 -17.47 31.29 -28.51
C THR D 87 -17.60 32.81 -28.53
N SER D 88 -17.32 33.41 -27.36
CA SER D 88 -17.51 34.83 -27.10
C SER D 88 -18.99 35.25 -27.23
N SER D 89 -19.88 34.40 -26.72
CA SER D 89 -21.31 34.66 -26.70
C SER D 89 -21.82 35.08 -25.32
N GLY D 90 -21.11 34.69 -24.27
CA GLY D 90 -21.52 35.03 -22.92
C GLY D 90 -22.12 33.86 -22.17
N LYS D 91 -21.88 32.64 -22.66
CA LYS D 91 -22.39 31.42 -22.03
C LYS D 91 -21.80 31.19 -20.65
N VAL D 92 -20.47 31.16 -20.58
CA VAL D 92 -19.80 30.91 -19.32
C VAL D 92 -20.12 32.04 -18.37
N HIS D 93 -20.25 33.25 -18.89
CA HIS D 93 -20.69 34.34 -18.03
C HIS D 93 -22.09 34.12 -17.49
N THR D 94 -22.98 33.69 -18.37
CA THR D 94 -24.34 33.45 -17.98
C THR D 94 -24.46 32.18 -17.15
N MET D 95 -23.71 31.14 -17.50
CA MET D 95 -23.85 29.88 -16.76
C MET D 95 -23.09 29.87 -15.44
N GLU D 96 -21.90 30.44 -15.40
CA GLU D 96 -21.12 30.39 -14.16
C GLU D 96 -20.95 31.77 -13.55
N GLY D 97 -20.33 32.67 -14.31
CA GLY D 97 -20.13 34.06 -13.90
C GLY D 97 -19.04 34.28 -12.88
N LYS D 98 -19.10 35.43 -12.19
CA LYS D 98 -18.17 35.72 -11.11
C LYS D 98 -18.82 35.30 -9.81
N LEU D 99 -18.26 34.25 -9.19
CA LEU D 99 -18.79 33.70 -7.96
C LEU D 99 -18.47 34.57 -6.71
N HIS D 100 -19.25 34.34 -5.64
CA HIS D 100 -19.21 35.13 -4.39
C HIS D 100 -19.54 36.61 -4.61
N ASP D 101 -20.04 36.98 -5.78
CA ASP D 101 -20.55 38.34 -5.97
C ASP D 101 -22.04 38.12 -6.11
N PRO D 102 -22.80 38.72 -5.18
CA PRO D 102 -24.23 38.36 -5.20
C PRO D 102 -24.98 38.96 -6.38
N GLU D 103 -24.36 39.88 -7.09
CA GLU D 103 -25.03 40.53 -8.21
C GLU D 103 -24.44 39.94 -9.49
N GLY D 104 -23.27 39.33 -9.36
CA GLY D 104 -22.48 38.94 -10.51
C GLY D 104 -22.44 37.48 -10.90
N MET D 105 -22.97 36.60 -10.06
CA MET D 105 -22.85 35.19 -10.38
C MET D 105 -23.98 34.72 -11.30
N GLY D 106 -23.67 33.75 -12.12
CA GLY D 106 -24.67 33.24 -13.02
C GLY D 106 -25.56 32.17 -12.42
N ILE D 107 -26.21 31.44 -13.32
CA ILE D 107 -27.26 30.49 -13.02
C ILE D 107 -26.83 29.31 -12.15
N ILE D 108 -25.68 28.72 -12.42
CA ILE D 108 -25.31 27.53 -11.67
C ILE D 108 -25.10 27.84 -10.17
N PRO D 109 -24.29 28.86 -9.83
CA PRO D 109 -24.16 29.14 -8.39
C PRO D 109 -25.45 29.58 -7.67
N ARG D 110 -26.39 30.21 -8.36
CA ARG D 110 -27.63 30.62 -7.75
C ARG D 110 -28.54 29.43 -7.57
N ILE D 111 -28.37 28.43 -8.44
CA ILE D 111 -29.09 27.18 -8.27
C ILE D 111 -28.63 26.51 -6.99
N VAL D 112 -27.31 26.41 -6.82
CA VAL D 112 -26.74 25.81 -5.63
C VAL D 112 -27.06 26.63 -4.37
N GLN D 113 -27.12 27.93 -4.50
CA GLN D 113 -27.40 28.71 -3.32
C GLN D 113 -28.84 28.57 -2.92
N ASP D 114 -29.72 28.35 -3.89
CA ASP D 114 -31.12 28.18 -3.57
C ASP D 114 -31.44 26.83 -3.02
N ILE D 115 -30.76 25.80 -3.53
CA ILE D 115 -30.97 24.45 -3.05
C ILE D 115 -30.55 24.37 -1.59
N PHE D 116 -29.39 24.91 -1.26
CA PHE D 116 -28.96 24.80 0.12
C PHE D 116 -29.67 25.79 1.03
N ASN D 117 -30.13 26.92 0.50
CA ASN D 117 -30.89 27.86 1.34
C ASN D 117 -32.19 27.23 1.78
N TYR D 118 -32.75 26.34 0.95
CA TYR D 118 -33.97 25.62 1.30
C TYR D 118 -33.67 24.59 2.37
N ILE D 119 -32.61 23.82 2.15
CA ILE D 119 -32.18 22.81 3.11
C ILE D 119 -31.94 23.41 4.47
N TYR D 120 -31.11 24.43 4.55
CA TYR D 120 -30.80 25.06 5.83
C TYR D 120 -32.05 25.58 6.56
N SER D 121 -33.06 25.90 5.76
CA SER D 121 -34.32 26.44 6.27
C SER D 121 -35.25 25.42 6.94
N MET D 122 -34.85 24.17 7.08
CA MET D 122 -35.83 23.23 7.55
C MET D 122 -35.50 22.46 8.83
N ASP D 123 -34.47 21.62 8.81
CA ASP D 123 -33.99 20.93 10.02
C ASP D 123 -34.96 20.05 10.89
N GLU D 124 -34.30 19.16 11.64
CA GLU D 124 -34.89 18.24 12.60
C GLU D 124 -35.62 17.14 11.83
N ASN D 125 -36.94 17.23 11.66
CA ASN D 125 -37.67 16.16 10.99
C ASN D 125 -37.43 15.90 9.50
N LEU D 126 -36.54 16.68 8.85
CA LEU D 126 -36.27 16.49 7.42
C LEU D 126 -34.83 16.09 7.16
N GLU D 127 -34.63 14.92 6.59
CA GLU D 127 -33.28 14.49 6.24
C GLU D 127 -33.02 14.67 4.74
N PHE D 128 -31.78 15.01 4.38
N PHE D 128 -31.81 15.09 4.36
CA PHE D 128 -31.40 15.31 2.99
CA PHE D 128 -31.46 15.26 2.95
C PHE D 128 -30.22 14.45 2.55
C PHE D 128 -30.23 14.47 2.54
N HIS D 129 -30.08 14.31 1.24
CA HIS D 129 -28.88 13.73 0.62
C HIS D 129 -28.73 14.39 -0.73
N ILE D 130 -27.62 15.07 -0.99
CA ILE D 130 -27.36 15.48 -2.37
C ILE D 130 -26.18 14.73 -2.99
N LYS D 131 -26.47 14.02 -4.07
CA LYS D 131 -25.44 13.39 -4.91
C LYS D 131 -25.24 14.19 -6.17
N VAL D 132 -23.97 14.37 -6.53
CA VAL D 132 -23.68 15.00 -7.82
C VAL D 132 -22.87 14.06 -8.71
N SER D 133 -23.18 14.11 -10.00
CA SER D 133 -22.38 13.45 -11.03
C SER D 133 -22.02 14.39 -12.11
N TYR D 134 -20.95 14.07 -12.80
CA TYR D 134 -20.45 14.96 -13.81
C TYR D 134 -19.74 14.14 -14.84
N PHE D 135 -20.30 14.07 -16.04
CA PHE D 135 -19.65 13.32 -17.14
C PHE D 135 -19.82 14.04 -18.48
N GLU D 136 -19.21 13.51 -19.55
CA GLU D 136 -19.31 14.13 -20.87
C GLU D 136 -19.63 13.09 -21.93
N ILE D 137 -20.29 13.55 -22.99
CA ILE D 137 -20.42 12.75 -24.21
C ILE D 137 -19.33 13.23 -25.18
N TYR D 138 -18.29 12.42 -25.35
CA TYR D 138 -17.19 12.78 -26.26
C TYR D 138 -16.95 11.69 -27.30
N LEU D 139 -17.17 12.02 -28.59
CA LEU D 139 -17.09 11.04 -29.67
C LEU D 139 -18.03 9.87 -29.40
N ASP D 140 -19.24 10.20 -28.95
CA ASP D 140 -20.33 9.28 -28.65
C ASP D 140 -19.96 8.28 -27.49
N LYS D 141 -18.82 8.50 -26.81
CA LYS D 141 -18.48 7.69 -25.65
C LYS D 141 -18.78 8.52 -24.41
N ILE D 142 -19.16 7.87 -23.32
CA ILE D 142 -19.40 8.56 -22.04
C ILE D 142 -18.18 8.49 -21.12
N ARG D 143 -17.57 9.65 -20.87
CA ARG D 143 -16.39 9.78 -20.02
C ARG D 143 -16.79 10.37 -18.70
N ASP D 144 -16.23 9.83 -17.62
CA ASP D 144 -16.51 10.39 -16.31
C ASP D 144 -15.55 11.57 -16.10
N LEU D 145 -16.05 12.76 -15.77
CA LEU D 145 -15.15 13.88 -15.57
C LEU D 145 -14.57 13.87 -14.15
N LEU D 146 -15.11 13.01 -13.29
CA LEU D 146 -14.69 12.87 -11.90
C LEU D 146 -13.82 11.64 -11.67
N ASP D 147 -13.66 10.84 -12.72
CA ASP D 147 -12.82 9.65 -12.70
C ASP D 147 -12.45 9.35 -14.15
N VAL D 148 -11.28 9.82 -14.57
CA VAL D 148 -10.92 9.79 -16.00
C VAL D 148 -10.56 8.41 -16.54
N SER D 149 -10.32 7.46 -15.66
CA SER D 149 -10.11 6.07 -16.09
C SER D 149 -11.46 5.45 -16.58
N LYS D 150 -12.57 6.12 -16.31
CA LYS D 150 -13.87 5.69 -16.82
C LYS D 150 -14.21 6.46 -18.11
N THR D 151 -13.62 5.99 -19.20
CA THR D 151 -13.72 6.59 -20.54
C THR D 151 -14.92 6.17 -21.41
N ASN D 152 -15.47 4.99 -21.19
CA ASN D 152 -16.61 4.53 -22.00
C ASN D 152 -17.68 3.88 -21.10
N LEU D 153 -18.47 4.72 -20.44
CA LEU D 153 -19.52 4.19 -19.57
C LEU D 153 -20.73 3.86 -20.42
N SER D 154 -21.61 3.01 -19.90
CA SER D 154 -22.76 2.56 -20.69
C SER D 154 -24.06 2.99 -20.05
N VAL D 155 -25.09 3.13 -20.88
CA VAL D 155 -26.42 3.48 -20.38
C VAL D 155 -27.28 2.25 -20.26
N HIS D 156 -27.93 2.13 -19.11
CA HIS D 156 -28.83 1.03 -18.84
C HIS D 156 -30.15 1.54 -18.31
N GLU D 157 -31.05 0.60 -18.05
CA GLU D 157 -32.36 0.91 -17.52
C GLU D 157 -32.55 0.17 -16.21
N ASP D 158 -33.18 0.84 -15.25
CA ASP D 158 -33.50 0.20 -13.98
C ASP D 158 -34.73 -0.68 -14.16
N LYS D 159 -35.27 -1.19 -13.05
CA LYS D 159 -36.46 -2.03 -13.12
C LYS D 159 -37.67 -1.30 -13.70
N ASN D 160 -37.68 0.02 -13.56
CA ASN D 160 -38.79 0.87 -13.96
C ASN D 160 -38.71 1.44 -15.39
N ARG D 161 -37.84 0.84 -16.20
CA ARG D 161 -37.62 1.20 -17.62
C ARG D 161 -37.02 2.63 -17.77
N VAL D 162 -36.50 3.15 -16.66
CA VAL D 162 -35.80 4.44 -16.59
C VAL D 162 -34.29 4.33 -16.85
N PRO D 163 -33.75 5.10 -17.81
CA PRO D 163 -32.31 5.00 -18.03
C PRO D 163 -31.41 5.62 -16.94
N TYR D 164 -30.24 5.00 -16.76
CA TYR D 164 -29.15 5.54 -15.92
C TYR D 164 -27.79 5.17 -16.51
N VAL D 165 -26.74 5.84 -16.06
CA VAL D 165 -25.38 5.58 -16.56
C VAL D 165 -24.59 4.75 -15.55
N LYS D 166 -24.56 3.45 -15.79
CA LYS D 166 -23.86 2.51 -14.93
C LYS D 166 -22.37 2.80 -14.78
N GLY D 167 -21.96 3.08 -13.55
CA GLY D 167 -20.56 3.19 -13.22
C GLY D 167 -20.13 4.62 -12.94
N ALA D 168 -21.01 5.58 -13.25
CA ALA D 168 -20.71 6.99 -13.03
C ALA D 168 -20.42 7.35 -11.56
N THR D 169 -19.39 8.17 -11.36
CA THR D 169 -19.01 8.69 -10.05
C THR D 169 -20.14 9.50 -9.42
N GLU D 170 -20.62 9.07 -8.26
CA GLU D 170 -21.55 9.87 -7.46
C GLU D 170 -20.88 10.44 -6.23
N ARG D 171 -20.85 11.75 -6.07
CA ARG D 171 -20.27 12.35 -4.87
C ARG D 171 -21.37 12.92 -3.99
N PHE D 172 -21.31 12.64 -2.69
CA PHE D 172 -22.21 13.31 -1.75
C PHE D 172 -21.63 14.68 -1.41
N VAL D 173 -22.48 15.70 -1.45
CA VAL D 173 -22.08 17.07 -1.16
C VAL D 173 -22.96 17.65 -0.05
N SER D 174 -22.40 18.53 0.79
CA SER D 174 -23.10 18.99 1.99
C SER D 174 -23.11 20.49 2.19
N SER D 175 -22.41 21.20 1.30
CA SER D 175 -22.37 22.65 1.34
C SER D 175 -22.24 23.16 -0.10
N PRO D 176 -22.68 24.40 -0.36
CA PRO D 176 -22.51 24.90 -1.73
C PRO D 176 -21.06 24.86 -2.24
N ASP D 177 -20.07 25.09 -1.37
CA ASP D 177 -18.67 25.09 -1.77
C ASP D 177 -18.22 23.71 -2.25
N GLU D 178 -18.79 22.65 -1.71
CA GLU D 178 -18.39 21.31 -2.11
C GLU D 178 -18.92 21.02 -3.52
N VAL D 179 -20.02 21.67 -3.87
CA VAL D 179 -20.57 21.57 -5.22
C VAL D 179 -19.67 22.31 -6.21
N MET D 180 -19.27 23.53 -5.87
CA MET D 180 -18.39 24.29 -6.74
C MET D 180 -17.03 23.61 -6.83
N ASP D 181 -16.60 22.90 -5.80
CA ASP D 181 -15.32 22.20 -5.91
C ASP D 181 -15.43 20.95 -6.78
N THR D 182 -16.64 20.40 -6.84
CA THR D 182 -16.88 19.24 -7.70
C THR D 182 -16.93 19.63 -9.18
N ILE D 183 -17.60 20.76 -9.45
CA ILE D 183 -17.65 21.33 -10.78
C ILE D 183 -16.26 21.75 -11.26
N ASP D 184 -15.46 22.35 -10.38
CA ASP D 184 -14.13 22.78 -10.80
C ASP D 184 -13.29 21.59 -11.20
N GLU D 185 -13.35 20.52 -10.39
CA GLU D 185 -12.62 19.31 -10.68
C GLU D 185 -13.02 18.66 -12.01
N GLY D 186 -14.33 18.56 -12.26
CA GLY D 186 -14.86 17.94 -13.46
C GLY D 186 -14.49 18.69 -14.71
N LYS D 187 -14.54 20.01 -14.64
CA LYS D 187 -14.24 20.88 -15.77
C LYS D 187 -12.81 20.76 -16.28
N SER D 188 -11.89 20.58 -15.33
CA SER D 188 -10.49 20.41 -15.68
C SER D 188 -10.24 19.15 -16.51
N ASN D 189 -11.21 18.23 -16.57
CA ASN D 189 -11.06 17.03 -17.39
C ASN D 189 -11.90 17.06 -18.67
N ARG D 190 -12.67 18.12 -18.88
CA ARG D 190 -13.47 18.22 -20.09
C ARG D 190 -12.60 18.45 -21.32
N HIS D 191 -13.02 17.91 -22.47
CA HIS D 191 -12.29 18.06 -23.75
C HIS D 191 -12.47 19.40 -24.45
N VAL D 192 -11.39 20.17 -24.47
CA VAL D 192 -11.37 21.50 -25.03
C VAL D 192 -10.27 21.50 -26.11
N ALA D 193 -10.14 22.57 -26.89
CA ALA D 193 -9.22 22.61 -28.03
C ALA D 193 -9.23 24.00 -28.66
N VAL D 194 -8.14 24.35 -29.31
CA VAL D 194 -8.00 25.70 -29.83
C VAL D 194 -8.18 25.82 -31.35
N THR D 195 -8.92 26.85 -31.77
CA THR D 195 -9.19 27.13 -33.18
C THR D 195 -10.00 26.01 -33.80
N GLU D 199 -8.98 30.75 -29.76
CA GLU D 199 -9.81 30.58 -28.56
C GLU D 199 -10.08 29.10 -28.21
N HIS D 200 -10.57 28.88 -27.00
CA HIS D 200 -10.73 27.54 -26.42
C HIS D 200 -12.19 27.02 -26.50
N SER D 201 -12.42 26.17 -27.50
CA SER D 201 -13.72 25.61 -27.82
C SER D 201 -13.90 24.19 -27.31
N SER D 202 -15.11 23.93 -26.82
CA SER D 202 -15.50 22.61 -26.30
C SER D 202 -15.83 21.56 -27.36
N ARG D 203 -15.04 20.50 -27.38
CA ARG D 203 -15.22 19.39 -28.30
C ARG D 203 -16.16 18.29 -27.74
N SER D 204 -16.92 18.59 -26.68
CA SER D 204 -17.86 17.61 -26.10
C SER D 204 -19.04 18.27 -25.40
N HIS D 205 -20.08 17.47 -25.16
CA HIS D 205 -21.22 17.92 -24.37
C HIS D 205 -21.05 17.44 -22.94
N SER D 206 -21.19 18.33 -21.96
CA SER D 206 -21.03 17.89 -20.57
C SER D 206 -22.35 17.92 -19.82
N ILE D 207 -22.58 16.89 -19.01
CA ILE D 207 -23.78 16.78 -18.18
C ILE D 207 -23.44 16.75 -16.70
N PHE D 208 -23.93 17.73 -15.95
CA PHE D 208 -23.73 17.76 -14.52
C PHE D 208 -25.03 17.41 -13.86
N LEU D 209 -25.03 16.35 -13.05
CA LEU D 209 -26.27 15.96 -12.39
C LEU D 209 -26.28 16.22 -10.86
N ILE D 210 -27.29 16.96 -10.40
CA ILE D 210 -27.55 17.10 -8.97
C ILE D 210 -28.80 16.31 -8.58
N ASN D 211 -28.64 15.27 -7.76
CA ASN D 211 -29.78 14.50 -7.28
C ASN D 211 -30.07 14.84 -5.82
N VAL D 212 -31.24 15.44 -5.58
CA VAL D 212 -31.62 15.94 -4.28
C VAL D 212 -32.64 15.01 -3.63
N LYS D 213 -32.20 14.17 -2.69
CA LYS D 213 -33.07 13.24 -2.03
C LYS D 213 -33.56 13.82 -0.71
N GLN D 214 -34.85 13.67 -0.42
CA GLN D 214 -35.41 14.18 0.84
C GLN D 214 -36.26 13.16 1.61
N GLU D 215 -36.17 13.14 2.94
CA GLU D 215 -37.08 12.29 3.70
C GLU D 215 -37.65 12.96 4.95
N ASN D 216 -38.95 12.80 5.14
CA ASN D 216 -39.64 13.38 6.29
C ASN D 216 -39.78 12.31 7.35
N THR D 217 -39.12 12.52 8.48
CA THR D 217 -39.11 11.58 9.60
C THR D 217 -40.50 11.34 10.21
N GLN D 218 -41.33 12.37 10.29
CA GLN D 218 -42.62 12.23 10.91
C GLN D 218 -43.62 11.51 10.00
N THR D 219 -43.70 11.95 8.76
CA THR D 219 -44.67 11.41 7.80
C THR D 219 -44.12 10.22 7.01
N GLU D 220 -42.82 10.02 7.10
CA GLU D 220 -42.14 9.04 6.26
C GLU D 220 -42.42 9.19 4.77
N GLN D 221 -42.55 10.43 4.29
CA GLN D 221 -42.67 10.73 2.87
C GLN D 221 -41.30 10.98 2.30
N LYS D 222 -40.99 10.39 1.14
CA LYS D 222 -39.70 10.65 0.49
C LYS D 222 -39.92 11.53 -0.73
N LEU D 223 -38.87 12.19 -1.17
CA LEU D 223 -38.91 12.90 -2.43
C LEU D 223 -37.59 12.57 -3.11
N SER D 224 -37.56 12.55 -4.45
CA SER D 224 -36.30 12.43 -5.16
C SER D 224 -36.40 13.05 -6.56
N GLY D 225 -35.73 14.18 -6.74
CA GLY D 225 -35.72 14.89 -8.00
C GLY D 225 -34.31 15.04 -8.56
N LYS D 226 -34.23 15.00 -9.88
CA LYS D 226 -32.96 15.11 -10.59
C LYS D 226 -32.96 16.39 -11.41
N LEU D 227 -31.97 17.24 -11.12
CA LEU D 227 -31.73 18.45 -11.88
C LEU D 227 -30.48 18.27 -12.75
N TYR D 228 -30.65 18.26 -14.07
CA TYR D 228 -29.53 18.12 -15.03
C TYR D 228 -29.13 19.46 -15.65
N LEU D 229 -27.84 19.75 -15.59
CA LEU D 229 -27.26 20.95 -16.20
C LEU D 229 -26.36 20.53 -17.35
N VAL D 230 -26.84 20.73 -18.58
CA VAL D 230 -26.10 20.27 -19.74
C VAL D 230 -25.45 21.44 -20.50
N ASP D 231 -24.12 21.38 -20.62
CA ASP D 231 -23.38 22.36 -21.40
C ASP D 231 -23.19 21.76 -22.77
N LEU D 232 -23.88 22.34 -23.73
CA LEU D 232 -23.81 21.90 -25.10
C LEU D 232 -22.61 22.53 -25.80
N ALA D 233 -21.84 21.71 -26.51
CA ALA D 233 -20.78 22.19 -27.39
C ALA D 233 -21.43 22.83 -28.59
N GLY D 234 -20.97 24.00 -28.99
CA GLY D 234 -21.47 24.63 -30.20
C GLY D 234 -21.14 23.81 -31.46
N SER D 235 -22.03 23.90 -32.45
CA SER D 235 -21.81 23.26 -33.76
C SER D 235 -20.58 23.81 -34.52
N GLU D 236 -19.86 22.93 -35.21
CA GLU D 236 -18.68 23.34 -35.99
C GLU D 236 -18.86 23.11 -37.50
N LYS D 237 -18.08 23.82 -38.31
CA LYS D 237 -18.03 23.61 -39.77
C LYS D 237 -16.99 22.55 -40.13
N VAL D 238 -17.37 21.63 -41.03
CA VAL D 238 -16.49 20.53 -41.44
C VAL D 238 -16.04 20.66 -42.90
N GLU D 244 -8.98 16.83 -42.40
CA GLU D 244 -8.53 16.77 -41.01
C GLU D 244 -8.40 15.32 -40.50
N GLY D 245 -8.48 15.17 -39.17
CA GLY D 245 -8.30 13.88 -38.54
C GLY D 245 -9.12 13.76 -37.27
N ALA D 246 -8.44 13.91 -36.13
CA ALA D 246 -9.07 13.76 -34.82
C ALA D 246 -9.99 14.93 -34.54
N VAL D 247 -9.69 16.08 -35.15
CA VAL D 247 -10.54 17.26 -35.05
C VAL D 247 -11.79 17.05 -35.91
N LEU D 248 -11.61 16.33 -37.01
CA LEU D 248 -12.69 16.08 -37.98
C LEU D 248 -13.89 15.32 -37.48
N ASP D 249 -13.66 14.13 -36.94
CA ASP D 249 -14.70 13.33 -36.31
C ASP D 249 -15.36 14.05 -35.13
N GLU D 250 -14.58 14.85 -34.41
CA GLU D 250 -15.16 15.53 -33.26
C GLU D 250 -16.31 16.45 -33.67
N ALA D 251 -16.14 17.23 -34.72
CA ALA D 251 -17.19 18.13 -35.15
C ALA D 251 -18.41 17.37 -35.68
N LYS D 252 -18.15 16.25 -36.35
CA LYS D 252 -19.22 15.45 -36.91
C LYS D 252 -20.08 14.86 -35.80
N ASN D 253 -19.43 14.37 -34.74
CA ASN D 253 -20.14 13.79 -33.60
C ASN D 253 -20.91 14.83 -32.83
N ILE D 254 -20.29 15.98 -32.65
CA ILE D 254 -20.92 17.11 -32.00
C ILE D 254 -22.22 17.46 -32.69
N ASN D 255 -22.16 17.57 -34.03
CA ASN D 255 -23.29 17.90 -34.89
C ASN D 255 -24.39 16.83 -34.97
N LYS D 256 -24.00 15.56 -35.05
CA LYS D 256 -24.99 14.50 -35.13
C LYS D 256 -25.76 14.48 -33.83
N SER D 257 -25.05 14.64 -32.71
CA SER D 257 -25.71 14.64 -31.41
C SER D 257 -26.54 15.89 -31.17
N LEU D 258 -26.12 17.03 -31.71
CA LEU D 258 -26.91 18.26 -31.58
C LEU D 258 -28.20 18.11 -32.35
N SER D 259 -28.16 17.40 -33.47
CA SER D 259 -29.37 17.22 -34.26
C SER D 259 -30.30 16.20 -33.62
N ALA D 260 -29.76 15.16 -33.01
CA ALA D 260 -30.60 14.19 -32.32
C ALA D 260 -31.26 14.83 -31.08
N LEU D 261 -30.56 15.71 -30.39
CA LEU D 261 -31.16 16.38 -29.28
C LEU D 261 -32.31 17.25 -29.79
N GLY D 262 -32.06 17.94 -30.91
CA GLY D 262 -33.05 18.83 -31.54
C GLY D 262 -34.28 18.05 -31.99
N ASN D 263 -34.05 16.83 -32.44
CA ASN D 263 -35.14 15.99 -32.91
C ASN D 263 -36.10 15.70 -31.75
N VAL D 264 -35.54 15.30 -30.62
CA VAL D 264 -36.31 15.03 -29.41
C VAL D 264 -36.99 16.29 -28.92
N ILE D 265 -36.24 17.37 -28.81
CA ILE D 265 -36.81 18.63 -28.35
C ILE D 265 -37.96 19.12 -29.26
N SER D 266 -37.76 18.99 -30.57
CA SER D 266 -38.78 19.37 -31.54
C SER D 266 -39.99 18.46 -31.52
N ALA D 267 -39.78 17.17 -31.29
CA ALA D 267 -40.90 16.23 -31.14
C ALA D 267 -41.76 16.58 -29.94
N LEU D 268 -41.11 16.89 -28.81
CA LEU D 268 -41.82 17.23 -27.56
C LEU D 268 -42.62 18.51 -27.71
N ALA D 269 -41.99 19.54 -28.29
CA ALA D 269 -42.68 20.81 -28.51
C ALA D 269 -43.90 20.69 -29.42
N GLU D 270 -43.86 19.82 -30.43
CA GLU D 270 -44.94 19.70 -31.42
C GLU D 270 -45.94 18.62 -31.00
N GLY D 271 -45.80 18.16 -29.77
CA GLY D 271 -46.70 17.15 -29.24
C GLY D 271 -46.73 15.78 -29.93
N SER D 272 -45.57 15.35 -30.39
CA SER D 272 -45.47 14.04 -31.02
C SER D 272 -45.77 12.96 -30.01
N THR D 273 -46.45 11.92 -30.46
CA THR D 273 -46.74 10.81 -29.58
C THR D 273 -45.61 9.80 -29.71
N TYR D 274 -44.58 10.18 -30.45
CA TYR D 274 -43.37 9.39 -30.48
C TYR D 274 -42.14 10.34 -30.35
N VAL D 275 -41.44 10.21 -29.24
CA VAL D 275 -40.28 11.02 -28.96
C VAL D 275 -39.05 10.12 -29.00
N PRO D 276 -38.16 10.37 -29.99
CA PRO D 276 -37.05 9.44 -30.25
C PRO D 276 -35.90 9.51 -29.25
N TYR D 277 -36.17 9.26 -27.97
CA TYR D 277 -35.13 9.33 -26.94
C TYR D 277 -33.98 8.39 -27.26
N ARG D 278 -34.34 7.20 -27.72
CA ARG D 278 -33.41 6.12 -27.98
C ARG D 278 -32.30 6.47 -28.96
N ASP D 279 -32.53 7.49 -29.79
CA ASP D 279 -31.65 7.78 -30.92
C ASP D 279 -30.24 8.30 -30.58
N SER D 280 -30.01 8.82 -29.39
CA SER D 280 -28.65 9.24 -29.00
C SER D 280 -28.43 8.96 -27.55
N LYS D 281 -27.19 8.77 -27.14
CA LYS D 281 -26.87 8.47 -25.75
C LYS D 281 -27.34 9.61 -24.83
N MET D 282 -27.12 10.85 -25.25
CA MET D 282 -27.52 11.97 -24.45
C MET D 282 -29.03 12.00 -24.21
N THR D 283 -29.82 11.77 -25.25
CA THR D 283 -31.27 11.78 -25.05
C THR D 283 -31.76 10.57 -24.23
N ARG D 284 -31.03 9.47 -24.18
CA ARG D 284 -31.40 8.36 -23.29
C ARG D 284 -31.12 8.69 -21.85
N ILE D 285 -29.99 9.33 -21.60
CA ILE D 285 -29.62 9.76 -20.27
C ILE D 285 -30.67 10.71 -19.74
N LEU D 286 -31.02 11.70 -20.54
CA LEU D 286 -31.95 12.72 -20.11
C LEU D 286 -33.41 12.36 -20.29
N GLN D 287 -33.70 11.11 -20.61
CA GLN D 287 -35.05 10.72 -20.98
C GLN D 287 -36.14 11.15 -19.98
N ASP D 288 -35.94 10.89 -18.68
CA ASP D 288 -36.95 11.22 -17.67
C ASP D 288 -36.80 12.64 -17.15
N SER D 289 -35.92 13.40 -17.79
CA SER D 289 -35.67 14.78 -17.38
C SER D 289 -36.00 15.71 -18.51
N LEU D 290 -36.47 15.12 -19.59
CA LEU D 290 -36.80 15.82 -20.80
C LEU D 290 -38.24 15.51 -21.18
N GLY D 291 -39.11 16.51 -21.08
CA GLY D 291 -40.48 16.28 -21.49
C GLY D 291 -41.30 15.65 -20.38
N GLY D 292 -42.56 15.42 -20.68
CA GLY D 292 -43.50 14.85 -19.73
C GLY D 292 -43.70 15.83 -18.62
N ASN D 293 -43.75 15.33 -17.38
CA ASN D 293 -44.03 16.14 -16.21
C ASN D 293 -42.80 16.85 -15.63
N ALA D 294 -41.70 16.87 -16.40
CA ALA D 294 -40.45 17.52 -16.01
C ALA D 294 -40.34 18.87 -16.72
N ARG D 295 -39.68 19.85 -16.08
CA ARG D 295 -39.53 21.18 -16.65
C ARG D 295 -38.15 21.33 -17.31
N THR D 296 -38.11 21.96 -18.48
CA THR D 296 -36.86 22.14 -19.22
C THR D 296 -36.67 23.57 -19.75
N THR D 297 -35.46 24.10 -19.63
CA THR D 297 -35.16 25.37 -20.26
C THR D 297 -33.89 25.34 -21.07
N ILE D 298 -33.97 25.86 -22.29
CA ILE D 298 -32.78 26.09 -23.12
C ILE D 298 -32.35 27.55 -23.04
N VAL D 299 -31.14 27.78 -22.58
CA VAL D 299 -30.63 29.14 -22.60
C VAL D 299 -29.66 29.23 -23.75
N ILE D 300 -30.03 29.96 -24.79
CA ILE D 300 -29.13 30.20 -25.92
C ILE D 300 -28.51 31.58 -25.77
N CYS D 301 -27.18 31.65 -25.84
CA CYS D 301 -26.47 32.92 -25.67
C CYS D 301 -25.95 33.44 -27.00
N CYS D 302 -26.19 34.71 -27.26
CA CYS D 302 -25.74 35.30 -28.52
C CYS D 302 -24.97 36.59 -28.35
N SER D 303 -24.07 36.81 -29.30
CA SER D 303 -23.36 38.06 -29.44
C SER D 303 -24.12 38.97 -30.38
N PRO D 304 -24.20 40.27 -30.06
CA PRO D 304 -24.84 41.24 -30.95
C PRO D 304 -23.93 41.67 -32.11
N SER D 305 -22.62 41.48 -31.95
CA SER D 305 -21.64 41.87 -32.96
C SER D 305 -21.93 41.39 -34.38
N SER D 306 -21.67 42.24 -35.36
CA SER D 306 -21.78 41.90 -36.77
C SER D 306 -20.71 40.88 -37.17
N TYR D 307 -19.57 40.97 -36.49
CA TYR D 307 -18.45 40.06 -36.69
C TYR D 307 -18.85 38.61 -36.40
N ASN D 308 -19.93 38.43 -35.65
CA ASN D 308 -20.43 37.10 -35.30
C ASN D 308 -21.75 36.67 -35.93
N GLU D 309 -22.27 37.47 -36.84
CA GLU D 309 -23.68 37.35 -37.26
C GLU D 309 -23.99 36.01 -37.91
N SER D 310 -22.99 35.39 -38.52
CA SER D 310 -23.22 34.12 -39.18
C SER D 310 -23.47 33.02 -38.14
N GLU D 311 -22.77 33.06 -37.03
CA GLU D 311 -22.92 31.98 -36.05
C GLU D 311 -24.04 32.25 -35.06
N THR D 312 -24.42 33.51 -34.88
CA THR D 312 -25.56 33.80 -34.02
C THR D 312 -26.87 33.51 -34.78
N LYS D 313 -26.81 33.50 -36.10
CA LYS D 313 -27.97 33.09 -36.90
C LYS D 313 -28.29 31.61 -36.67
N SER D 314 -27.26 30.77 -36.70
CA SER D 314 -27.43 29.32 -36.49
C SER D 314 -27.81 28.98 -35.05
N THR D 315 -27.31 29.78 -34.12
CA THR D 315 -27.69 29.65 -32.72
C THR D 315 -29.18 29.86 -32.57
N LEU D 316 -29.65 30.97 -33.13
CA LEU D 316 -31.07 31.31 -33.12
C LEU D 316 -31.87 30.25 -33.85
N LEU D 317 -31.29 29.72 -34.93
CA LEU D 317 -31.95 28.65 -35.67
C LEU D 317 -32.03 27.37 -34.82
N PHE D 318 -30.98 27.02 -34.09
CA PHE D 318 -31.08 25.87 -33.20
C PHE D 318 -32.13 26.10 -32.11
N GLY D 319 -32.15 27.31 -31.53
CA GLY D 319 -33.11 27.66 -30.49
C GLY D 319 -34.52 27.59 -31.03
N GLN D 320 -34.66 27.79 -32.33
CA GLN D 320 -35.96 27.85 -33.00
C GLN D 320 -36.60 26.46 -33.13
N ARG D 321 -35.77 25.44 -33.02
CA ARG D 321 -36.21 24.05 -33.12
C ARG D 321 -37.12 23.62 -31.97
N ALA D 322 -37.07 24.38 -30.89
CA ALA D 322 -37.75 24.01 -29.65
C ALA D 322 -39.12 24.66 -29.52
N LYS D 323 -39.58 25.33 -30.56
CA LYS D 323 -40.88 26.01 -30.51
C LYS D 323 -42.12 25.19 -30.78
N THR D 324 -43.15 25.50 -30.00
CA THR D 324 -44.43 24.83 -30.02
C THR D 324 -45.22 25.14 -31.30
N ILE D 325 -45.78 24.10 -31.93
CA ILE D 325 -46.40 24.24 -33.25
C ILE D 325 -47.28 23.06 -33.65
N SER E 7 -13.74 -27.87 -10.01
CA SER E 7 -12.75 -28.50 -9.14
C SER E 7 -12.13 -29.72 -9.80
N ASN E 8 -12.99 -30.67 -10.13
CA ASN E 8 -12.62 -32.00 -10.61
C ASN E 8 -11.50 -32.60 -9.76
N ILE E 9 -11.84 -32.89 -8.52
CA ILE E 9 -10.91 -33.58 -7.65
C ILE E 9 -11.48 -34.96 -7.37
N LYS E 10 -10.65 -35.97 -7.56
CA LYS E 10 -11.05 -37.35 -7.38
C LYS E 10 -10.20 -37.98 -6.29
N VAL E 11 -10.83 -38.79 -5.45
CA VAL E 11 -10.08 -39.44 -4.40
C VAL E 11 -10.07 -40.91 -4.70
N MET E 12 -8.92 -41.56 -4.56
CA MET E 12 -8.90 -42.98 -4.84
C MET E 12 -8.16 -43.75 -3.74
N CYS E 13 -8.75 -44.84 -3.32
CA CYS E 13 -8.24 -45.61 -2.22
C CYS E 13 -7.74 -46.95 -2.73
N ARG E 14 -6.47 -47.28 -2.46
CA ARG E 14 -5.98 -48.58 -2.92
C ARG E 14 -5.61 -49.49 -1.76
N PHE E 15 -6.37 -50.57 -1.61
CA PHE E 15 -6.05 -51.57 -0.58
C PHE E 15 -5.06 -52.58 -1.12
N ARG E 16 -4.12 -52.96 -0.30
CA ARG E 16 -3.08 -53.88 -0.71
C ARG E 16 -3.45 -55.25 -0.18
N PRO E 17 -2.80 -56.31 -0.69
CA PRO E 17 -3.04 -57.62 -0.09
C PRO E 17 -2.26 -57.77 1.20
N LEU E 18 -2.65 -58.76 2.01
CA LEU E 18 -2.10 -58.92 3.35
C LEU E 18 -0.61 -59.26 3.34
N ASN E 19 0.09 -58.84 4.39
CA ASN E 19 1.53 -59.04 4.52
C ASN E 19 1.84 -60.42 5.14
N GLU E 20 1.71 -60.58 6.46
CA GLU E 20 1.96 -61.87 7.12
C GLU E 20 1.05 -62.27 8.31
N SER E 21 1.58 -63.15 9.14
CA SER E 21 0.87 -63.66 10.32
C SER E 21 1.14 -62.92 11.63
N ASP E 27 -3.48 -61.35 10.97
CA ASP E 27 -4.18 -60.33 11.74
C ASP E 27 -5.58 -60.06 11.20
N LYS E 28 -6.03 -60.94 10.30
CA LYS E 28 -7.32 -60.84 9.62
C LYS E 28 -7.67 -59.52 8.89
N TYR E 29 -8.47 -59.68 7.83
CA TYR E 29 -8.85 -58.58 6.94
C TYR E 29 -10.01 -57.85 7.60
N ILE E 30 -9.87 -56.54 7.75
CA ILE E 30 -10.94 -55.73 8.31
C ILE E 30 -11.64 -54.90 7.24
N ALA E 31 -11.71 -55.42 6.01
CA ALA E 31 -12.27 -54.62 4.91
C ALA E 31 -13.30 -55.34 4.05
N LYS E 32 -14.53 -54.85 4.12
CA LYS E 32 -15.63 -55.31 3.28
C LYS E 32 -15.86 -54.30 2.17
N PHE E 33 -16.32 -54.75 1.01
CA PHE E 33 -16.58 -53.82 -0.08
C PHE E 33 -18.02 -54.00 -0.55
N GLN E 34 -18.68 -52.87 -0.82
CA GLN E 34 -19.98 -52.88 -1.48
C GLN E 34 -19.94 -51.76 -2.49
N GLY E 35 -20.32 -52.05 -3.73
CA GLY E 35 -20.05 -51.16 -4.84
C GLY E 35 -18.61 -51.26 -5.31
N GLU E 36 -18.30 -50.64 -6.44
CA GLU E 36 -16.91 -50.53 -6.91
C GLU E 36 -16.26 -49.24 -6.34
N ASP E 37 -16.88 -48.68 -5.30
CA ASP E 37 -16.50 -47.36 -4.83
C ASP E 37 -16.62 -47.15 -3.32
N THR E 38 -17.19 -48.13 -2.61
CA THR E 38 -17.36 -47.99 -1.16
C THR E 38 -16.74 -49.17 -0.40
N VAL E 39 -16.15 -48.86 0.75
CA VAL E 39 -15.58 -49.87 1.62
C VAL E 39 -16.16 -49.72 3.01
N VAL E 40 -16.41 -50.85 3.65
CA VAL E 40 -16.98 -50.87 5.00
C VAL E 40 -15.92 -51.34 5.98
N ILE E 41 -15.54 -50.43 6.87
CA ILE E 41 -14.62 -50.77 7.93
C ILE E 41 -15.34 -50.61 9.27
N ALA E 42 -15.30 -51.66 10.09
CA ALA E 42 -15.95 -51.67 11.40
C ALA E 42 -17.45 -51.29 11.33
N SER E 43 -18.12 -51.80 10.30
CA SER E 43 -19.53 -51.50 10.01
C SER E 43 -19.78 -50.02 9.64
N LYS E 44 -18.70 -49.26 9.46
CA LYS E 44 -18.77 -47.88 8.96
C LYS E 44 -18.46 -47.83 7.46
N PRO E 45 -19.40 -47.30 6.65
CA PRO E 45 -19.14 -47.16 5.21
C PRO E 45 -18.31 -45.93 4.87
N TYR E 46 -17.39 -46.07 3.92
CA TYR E 46 -16.60 -44.95 3.41
C TYR E 46 -16.61 -44.93 1.89
N ALA E 47 -17.17 -43.89 1.32
CA ALA E 47 -17.24 -43.77 -0.12
C ALA E 47 -16.05 -42.98 -0.67
N PHE E 48 -15.64 -43.34 -1.89
CA PHE E 48 -14.61 -42.66 -2.64
C PHE E 48 -15.09 -42.64 -4.08
N ASP E 49 -14.27 -42.13 -5.01
CA ASP E 49 -14.63 -42.19 -6.42
C ASP E 49 -14.31 -43.56 -6.97
N ARG E 50 -13.32 -44.19 -6.38
CA ARG E 50 -12.88 -45.51 -6.77
C ARG E 50 -12.12 -46.17 -5.65
N VAL E 51 -12.46 -47.42 -5.37
CA VAL E 51 -11.73 -48.22 -4.39
C VAL E 51 -11.13 -49.37 -5.15
N PHE E 52 -9.80 -49.41 -5.21
CA PHE E 52 -9.10 -50.49 -5.89
C PHE E 52 -8.85 -51.59 -4.88
N GLN E 53 -9.45 -52.75 -5.12
CA GLN E 53 -9.20 -53.87 -4.23
C GLN E 53 -7.96 -54.61 -4.70
N SER E 54 -7.63 -55.69 -3.99
CA SER E 54 -6.39 -56.41 -4.25
C SER E 54 -6.23 -56.83 -5.72
N SER E 55 -7.35 -57.08 -6.40
CA SER E 55 -7.32 -57.58 -7.77
C SER E 55 -6.99 -56.48 -8.76
N THR E 56 -6.88 -55.24 -8.31
CA THR E 56 -6.61 -54.17 -9.25
C THR E 56 -5.10 -54.08 -9.47
N SER E 57 -4.70 -54.21 -10.74
CA SER E 57 -3.28 -54.22 -11.14
C SER E 57 -2.63 -52.86 -11.09
N GLN E 58 -1.31 -52.86 -11.30
CA GLN E 58 -0.58 -51.61 -11.41
C GLN E 58 -1.09 -50.83 -12.61
N GLU E 59 -1.23 -51.50 -13.76
CA GLU E 59 -1.67 -50.79 -14.96
C GLU E 59 -3.04 -50.13 -14.80
N GLN E 60 -3.98 -50.77 -14.11
CA GLN E 60 -5.31 -50.16 -14.03
C GLN E 60 -5.45 -49.11 -12.93
N VAL E 61 -4.60 -49.14 -11.90
CA VAL E 61 -4.66 -48.02 -10.97
C VAL E 61 -4.20 -46.76 -11.71
N TYR E 62 -3.17 -46.89 -12.56
CA TYR E 62 -2.67 -45.77 -13.34
C TYR E 62 -3.68 -45.27 -14.37
N ASN E 63 -4.33 -46.20 -15.08
CA ASN E 63 -5.29 -45.81 -16.09
C ASN E 63 -6.39 -44.93 -15.52
N ASP E 64 -6.78 -45.18 -14.27
CA ASP E 64 -7.87 -44.46 -13.62
C ASP E 64 -7.39 -43.32 -12.73
N ALA E 65 -6.15 -43.41 -12.22
CA ALA E 65 -5.68 -42.35 -11.35
C ALA E 65 -4.96 -41.26 -12.11
N ALA E 66 -4.00 -41.62 -12.97
CA ALA E 66 -3.07 -40.60 -13.50
C ALA E 66 -3.14 -40.36 -15.00
N LYS E 67 -3.62 -41.33 -15.77
CA LYS E 67 -3.39 -41.31 -17.20
C LYS E 67 -4.06 -40.11 -17.88
N LYS E 68 -5.28 -39.74 -17.47
CA LYS E 68 -5.93 -38.57 -18.09
C LYS E 68 -5.28 -37.28 -17.61
N ILE E 69 -4.60 -37.34 -16.48
CA ILE E 69 -3.88 -36.17 -16.00
C ILE E 69 -2.61 -35.94 -16.82
N VAL E 70 -1.90 -37.03 -17.13
CA VAL E 70 -0.71 -36.92 -18.00
C VAL E 70 -1.10 -36.36 -19.37
N LYS E 71 -2.19 -36.83 -19.95
CA LYS E 71 -2.67 -36.25 -21.20
C LYS E 71 -2.98 -34.74 -21.12
N ASP E 72 -3.60 -34.26 -20.05
CA ASP E 72 -3.92 -32.82 -19.96
C ASP E 72 -2.65 -32.01 -19.92
N VAL E 73 -1.58 -32.60 -19.39
CA VAL E 73 -0.26 -31.98 -19.31
C VAL E 73 0.49 -31.90 -20.65
N LEU E 74 0.38 -32.94 -21.45
CA LEU E 74 0.94 -32.94 -22.80
C LEU E 74 0.15 -32.01 -23.72
N GLU E 75 -0.96 -31.47 -23.20
CA GLU E 75 -1.82 -30.49 -23.89
C GLU E 75 -1.70 -29.07 -23.31
N GLY E 76 -0.85 -28.88 -22.31
CA GLY E 76 -0.66 -27.54 -21.78
C GLY E 76 -1.34 -27.25 -20.46
N TYR E 77 -2.11 -28.19 -19.90
CA TYR E 77 -2.78 -27.91 -18.62
C TYR E 77 -1.87 -28.34 -17.46
N ASN E 78 -2.29 -27.97 -16.24
CA ASN E 78 -1.65 -28.41 -15.02
C ASN E 78 -2.36 -29.55 -14.33
N GLY E 79 -1.62 -30.26 -13.48
CA GLY E 79 -2.20 -31.35 -12.71
C GLY E 79 -1.44 -31.75 -11.46
N THR E 80 -2.15 -32.34 -10.50
CA THR E 80 -1.57 -32.79 -9.24
C THR E 80 -1.97 -34.21 -8.89
N ILE E 81 -0.98 -34.97 -8.44
CA ILE E 81 -1.24 -36.26 -7.85
C ILE E 81 -0.69 -36.24 -6.42
N PHE E 82 -1.56 -36.55 -5.45
CA PHE E 82 -1.17 -36.62 -4.05
C PHE E 82 -1.10 -38.10 -3.65
N ALA E 83 -0.06 -38.51 -2.92
CA ALA E 83 -0.04 -39.87 -2.38
C ALA E 83 0.03 -39.83 -0.86
N TYR E 84 -1.07 -40.23 -0.22
CA TYR E 84 -1.15 -40.22 1.23
C TYR E 84 -1.27 -41.61 1.81
N GLY E 85 -0.40 -41.93 2.76
CA GLY E 85 -0.48 -43.21 3.41
C GLY E 85 0.43 -43.30 4.62
N GLN E 86 0.03 -44.07 5.63
CA GLN E 86 0.92 -44.32 6.73
C GLN E 86 1.88 -45.36 6.20
N THR E 87 3.01 -45.57 6.87
CA THR E 87 4.02 -46.47 6.32
C THR E 87 3.53 -47.94 6.43
N SER E 88 3.92 -48.73 5.44
CA SER E 88 3.44 -50.10 5.18
C SER E 88 1.96 -50.16 4.78
N SER E 89 1.54 -49.17 4.00
CA SER E 89 0.18 -49.14 3.42
C SER E 89 0.21 -49.50 1.93
N GLY E 90 1.40 -49.44 1.31
CA GLY E 90 1.55 -49.78 -0.08
C GLY E 90 1.72 -48.52 -0.90
N LYS E 91 2.04 -47.42 -0.23
CA LYS E 91 2.23 -46.13 -0.90
C LYS E 91 3.40 -46.19 -1.90
N VAL E 92 4.57 -46.62 -1.44
CA VAL E 92 5.75 -46.66 -2.31
C VAL E 92 5.54 -47.70 -3.39
N HIS E 93 4.86 -48.79 -3.06
CA HIS E 93 4.49 -49.79 -4.05
C HIS E 93 3.58 -49.19 -5.09
N THR E 94 2.67 -48.34 -4.66
CA THR E 94 1.77 -47.71 -5.60
C THR E 94 2.44 -46.62 -6.45
N MET E 95 3.29 -45.77 -5.85
CA MET E 95 3.92 -44.65 -6.57
C MET E 95 5.14 -45.00 -7.45
N GLU E 96 5.96 -45.96 -6.99
CA GLU E 96 7.17 -46.33 -7.74
C GLU E 96 7.07 -47.74 -8.30
N GLY E 97 6.96 -48.74 -7.42
CA GLY E 97 6.83 -50.11 -7.88
C GLY E 97 8.19 -50.58 -8.33
N LYS E 98 8.20 -51.55 -9.26
CA LYS E 98 9.44 -52.02 -9.88
C LYS E 98 9.71 -51.28 -11.21
N LEU E 99 10.77 -50.48 -11.24
CA LEU E 99 11.12 -49.58 -12.35
C LEU E 99 11.03 -50.10 -13.80
N HIS E 100 11.54 -51.28 -14.10
CA HIS E 100 11.54 -51.75 -15.48
C HIS E 100 10.71 -52.98 -15.70
N ASP E 101 9.62 -53.05 -14.94
CA ASP E 101 8.65 -54.11 -15.10
C ASP E 101 7.36 -53.53 -15.65
N PRO E 102 6.85 -54.09 -16.76
CA PRO E 102 5.63 -53.51 -17.31
C PRO E 102 4.37 -53.86 -16.49
N GLU E 103 4.46 -54.71 -15.47
CA GLU E 103 3.21 -55.15 -14.82
C GLU E 103 2.78 -54.62 -13.44
N GLY E 104 3.62 -54.06 -12.58
CA GLY E 104 5.07 -54.02 -12.62
C GLY E 104 5.48 -52.75 -11.88
N MET E 105 5.62 -51.68 -12.66
CA MET E 105 6.06 -50.39 -12.16
C MET E 105 4.89 -49.56 -11.67
N GLY E 106 5.13 -48.66 -10.72
CA GLY E 106 4.05 -47.85 -10.23
C GLY E 106 3.75 -46.64 -11.08
N ILE E 107 3.02 -45.70 -10.53
CA ILE E 107 2.49 -44.59 -11.27
C ILE E 107 3.57 -43.68 -11.84
N ILE E 108 4.61 -43.38 -11.07
CA ILE E 108 5.63 -42.45 -11.55
C ILE E 108 6.44 -43.00 -12.77
N PRO E 109 6.99 -44.22 -12.70
CA PRO E 109 7.65 -44.72 -13.92
C PRO E 109 6.73 -44.82 -15.16
N ARG E 110 5.44 -45.01 -14.95
CA ARG E 110 4.50 -45.05 -16.05
C ARG E 110 4.18 -43.63 -16.56
N ILE E 111 4.21 -42.67 -15.66
CA ILE E 111 4.04 -41.24 -16.00
C ILE E 111 5.18 -40.76 -16.89
N VAL E 112 6.40 -41.10 -16.45
CA VAL E 112 7.59 -40.67 -17.15
C VAL E 112 7.70 -41.28 -18.55
N GLN E 113 7.30 -42.54 -18.68
CA GLN E 113 7.41 -43.20 -19.98
C GLN E 113 6.27 -42.82 -20.93
N ASP E 114 5.13 -42.39 -20.41
CA ASP E 114 4.08 -41.95 -21.32
C ASP E 114 4.42 -40.60 -21.88
N ILE E 115 5.09 -39.79 -21.08
CA ILE E 115 5.57 -38.51 -21.53
C ILE E 115 6.61 -38.68 -22.65
N PHE E 116 7.58 -39.56 -22.44
CA PHE E 116 8.65 -39.75 -23.41
C PHE E 116 8.21 -40.61 -24.60
N ASN E 117 7.22 -41.47 -24.42
CA ASN E 117 6.70 -42.18 -25.56
C ASN E 117 5.94 -41.22 -26.44
N TYR E 118 5.35 -40.20 -25.83
CA TYR E 118 4.69 -39.14 -26.59
C TYR E 118 5.70 -38.21 -27.26
N ILE E 119 6.71 -37.78 -26.52
CA ILE E 119 7.74 -36.91 -27.07
C ILE E 119 8.50 -37.56 -28.24
N TYR E 120 9.07 -38.74 -28.01
CA TYR E 120 9.82 -39.42 -29.06
C TYR E 120 9.03 -39.61 -30.34
N SER E 121 7.71 -39.75 -30.21
CA SER E 121 6.83 -39.94 -31.37
C SER E 121 6.18 -38.62 -31.78
N MET E 122 7.01 -37.65 -32.15
CA MET E 122 6.50 -36.34 -32.57
C MET E 122 7.63 -35.32 -32.68
N GLU E 124 9.34 -34.75 -34.88
CA GLU E 124 9.43 -34.34 -36.27
C GLU E 124 9.76 -32.85 -36.38
N ASN E 125 8.81 -32.01 -36.00
CA ASN E 125 8.99 -30.56 -36.05
C ASN E 125 8.66 -29.89 -34.73
N LEU E 126 8.36 -30.70 -33.72
CA LEU E 126 8.03 -30.19 -32.39
C LEU E 126 9.19 -30.30 -31.46
N GLU E 127 9.61 -29.16 -30.92
CA GLU E 127 10.73 -29.16 -29.99
C GLU E 127 10.22 -29.20 -28.57
N PHE E 128 10.99 -29.86 -27.70
CA PHE E 128 10.57 -30.11 -26.32
C PHE E 128 11.56 -29.59 -25.27
N HIS E 129 11.04 -29.35 -24.07
CA HIS E 129 11.87 -29.04 -22.93
C HIS E 129 11.21 -29.60 -21.70
N ILE E 130 11.88 -30.54 -21.02
CA ILE E 130 11.39 -31.02 -19.74
C ILE E 130 12.29 -30.60 -18.57
N LYS E 131 11.74 -29.76 -17.70
CA LYS E 131 12.42 -29.34 -16.48
C LYS E 131 11.83 -30.04 -15.26
N VAL E 132 12.70 -30.50 -14.37
CA VAL E 132 12.28 -31.08 -13.11
C VAL E 132 12.79 -30.26 -11.92
N SER E 133 11.95 -30.17 -10.91
CA SER E 133 12.30 -29.63 -9.61
C SER E 133 11.88 -30.66 -8.59
N TYR E 134 12.54 -30.64 -7.45
CA TYR E 134 12.29 -31.60 -6.40
C TYR E 134 12.68 -30.96 -5.07
N PHE E 135 11.66 -30.65 -4.25
CA PHE E 135 11.91 -30.05 -2.96
C PHE E 135 10.90 -30.56 -1.95
N GLU E 136 11.10 -30.18 -0.69
CA GLU E 136 10.27 -30.64 0.43
C GLU E 136 9.88 -29.51 1.35
N ILE E 137 8.75 -29.72 2.03
CA ILE E 137 8.31 -28.86 3.12
C ILE E 137 8.67 -29.54 4.41
N TYR E 138 9.70 -29.05 5.10
CA TYR E 138 10.14 -29.62 6.37
C TYR E 138 10.19 -28.53 7.41
N LEU E 139 9.39 -28.69 8.46
CA LEU E 139 9.25 -27.70 9.52
C LEU E 139 8.87 -26.37 8.88
N ASP E 140 7.91 -26.46 7.95
CA ASP E 140 7.33 -25.32 7.22
C ASP E 140 8.32 -24.50 6.35
N LYS E 141 9.54 -24.98 6.21
CA LYS E 141 10.49 -24.34 5.30
C LYS E 141 10.59 -25.16 4.02
N ILE E 142 10.89 -24.49 2.91
CA ILE E 142 11.07 -25.19 1.64
C ILE E 142 12.54 -25.47 1.35
N ARG E 143 12.93 -26.74 1.42
CA ARG E 143 14.32 -27.12 1.20
C ARG E 143 14.44 -27.78 -0.15
N ASP E 144 15.51 -27.45 -0.89
CA ASP E 144 15.73 -28.07 -2.19
C ASP E 144 16.43 -29.43 -2.04
N LEU E 145 15.85 -30.45 -2.67
CA LEU E 145 16.38 -31.80 -2.55
C LEU E 145 17.47 -32.11 -3.57
N LEU E 146 17.61 -31.22 -4.56
CA LEU E 146 18.64 -31.39 -5.60
C LEU E 146 19.86 -30.51 -5.34
N ASP E 147 19.78 -29.71 -4.30
CA ASP E 147 20.86 -28.81 -3.93
C ASP E 147 20.72 -28.48 -2.44
N VAL E 148 21.49 -29.18 -1.60
CA VAL E 148 21.31 -29.16 -0.15
C VAL E 148 21.62 -27.80 0.44
N SER E 149 22.26 -26.95 -0.35
CA SER E 149 22.59 -25.57 0.03
C SER E 149 21.39 -24.62 0.16
N LYS E 150 20.21 -25.04 -0.31
CA LYS E 150 18.98 -24.22 -0.26
C LYS E 150 18.13 -24.46 1.00
N THR E 151 18.42 -23.72 2.07
CA THR E 151 17.81 -23.96 3.37
C THR E 151 16.34 -23.54 3.38
N ASN E 152 16.05 -22.37 2.84
CA ASN E 152 14.66 -21.90 2.73
C ASN E 152 14.37 -21.18 1.44
N LEU E 153 13.84 -21.91 0.49
CA LEU E 153 13.47 -21.28 -0.75
C LEU E 153 12.18 -20.57 -0.39
N SER E 154 11.85 -19.56 -1.19
CA SER E 154 10.70 -18.70 -0.97
C SER E 154 9.69 -18.76 -2.13
N VAL E 155 8.45 -18.41 -1.83
CA VAL E 155 7.39 -18.46 -2.84
C VAL E 155 7.13 -17.10 -3.43
N HIS E 156 7.12 -17.03 -4.75
CA HIS E 156 6.89 -15.76 -5.45
C HIS E 156 5.83 -15.91 -6.54
N GLU E 157 5.50 -14.78 -7.16
CA GLU E 157 4.47 -14.74 -8.19
C GLU E 157 5.03 -14.08 -9.44
N ASP E 158 4.76 -14.59 -10.65
CA ASP E 158 5.24 -13.93 -11.87
C ASP E 158 4.27 -12.80 -12.28
N LYS E 159 4.48 -12.21 -13.46
CA LYS E 159 3.59 -11.14 -13.92
C LYS E 159 2.13 -11.57 -14.14
N ASN E 160 1.93 -12.84 -14.48
CA ASN E 160 0.58 -13.38 -14.74
C ASN E 160 -0.05 -14.04 -13.50
N ARG E 161 0.52 -13.74 -12.32
CA ARG E 161 0.05 -14.24 -11.02
C ARG E 161 0.27 -15.76 -10.82
N VAL E 162 1.19 -16.35 -11.58
CA VAL E 162 1.56 -17.78 -11.50
C VAL E 162 2.56 -18.09 -10.36
N PRO E 163 2.26 -19.11 -9.52
CA PRO E 163 3.17 -19.39 -8.40
C PRO E 163 4.51 -19.99 -8.80
N TYR E 164 5.58 -19.65 -8.10
CA TYR E 164 6.83 -20.37 -8.28
C TYR E 164 7.68 -20.33 -7.00
N VAL E 165 8.69 -21.19 -6.95
CA VAL E 165 9.63 -21.26 -5.85
C VAL E 165 10.96 -20.63 -6.30
N LYS E 166 11.21 -19.38 -5.91
CA LYS E 166 12.45 -18.67 -6.28
C LYS E 166 13.72 -19.31 -5.74
N GLY E 167 14.56 -19.78 -6.66
CA GLY E 167 15.86 -20.27 -6.27
C GLY E 167 15.93 -21.78 -6.36
N ALA E 168 14.77 -22.44 -6.45
CA ALA E 168 14.73 -23.89 -6.60
C ALA E 168 15.43 -24.34 -7.89
N THR E 169 16.14 -25.45 -7.78
CA THR E 169 16.80 -26.07 -8.91
C THR E 169 15.80 -26.48 -10.00
N GLU E 170 16.01 -25.95 -11.21
CA GLU E 170 15.33 -26.45 -12.39
C GLU E 170 16.36 -27.28 -13.12
N ARG E 171 16.09 -28.56 -13.27
CA ARG E 171 16.98 -29.45 -13.99
C ARG E 171 16.34 -29.85 -15.31
N PHE E 172 17.05 -29.69 -16.42
CA PHE E 172 16.56 -30.15 -17.71
C PHE E 172 16.85 -31.63 -17.89
N VAL E 173 15.84 -32.40 -18.28
CA VAL E 173 16.02 -33.83 -18.47
C VAL E 173 15.63 -34.24 -19.87
N SER E 174 16.27 -35.29 -20.36
CA SER E 174 16.12 -35.70 -21.74
C SER E 174 15.81 -37.20 -21.91
N SER E 175 15.72 -37.93 -20.81
CA SER E 175 15.36 -39.33 -20.91
C SER E 175 14.61 -39.79 -19.69
N PRO E 176 13.78 -40.85 -19.83
CA PRO E 176 13.10 -41.40 -18.66
C PRO E 176 14.09 -41.78 -17.57
N ASP E 177 15.27 -42.23 -17.97
CA ASP E 177 16.29 -42.68 -17.04
C ASP E 177 16.88 -41.50 -16.29
N GLU E 178 16.96 -40.33 -16.94
CA GLU E 178 17.47 -39.12 -16.30
C GLU E 178 16.46 -38.52 -15.32
N VAL E 179 15.18 -38.81 -15.54
CA VAL E 179 14.14 -38.43 -14.58
C VAL E 179 14.29 -39.30 -13.35
N MET E 180 14.42 -40.61 -13.55
CA MET E 180 14.57 -41.54 -12.43
C MET E 180 15.84 -41.33 -11.60
N ASP E 181 16.93 -40.87 -12.21
CA ASP E 181 18.15 -40.71 -11.42
C ASP E 181 18.02 -39.45 -10.56
N THR E 182 17.20 -38.51 -11.03
CA THR E 182 16.96 -37.27 -10.30
C THR E 182 16.11 -37.52 -9.08
N ILE E 183 15.07 -38.31 -9.26
CA ILE E 183 14.22 -38.68 -8.17
C ILE E 183 15.02 -39.43 -7.11
N ASP E 184 15.90 -40.33 -7.53
CA ASP E 184 16.70 -41.09 -6.57
C ASP E 184 17.65 -40.15 -5.83
N GLU E 185 18.23 -39.17 -6.53
CA GLU E 185 19.03 -38.17 -5.81
C GLU E 185 18.23 -37.40 -4.75
N GLY E 186 17.06 -36.90 -5.13
CA GLY E 186 16.27 -36.10 -4.21
C GLY E 186 15.88 -36.96 -3.02
N LYS E 187 15.57 -38.22 -3.30
CA LYS E 187 15.10 -39.14 -2.28
C LYS E 187 16.17 -39.32 -1.24
N SER E 188 17.43 -39.32 -1.67
CA SER E 188 18.58 -39.47 -0.77
C SER E 188 18.68 -38.29 0.19
N ASN E 189 17.99 -37.21 -0.15
CA ASN E 189 18.05 -35.97 0.63
C ASN E 189 16.79 -35.70 1.43
N ARG E 190 15.79 -36.56 1.30
CA ARG E 190 14.55 -36.37 2.03
C ARG E 190 14.69 -36.74 3.50
N HIS E 191 14.00 -36.00 4.35
CA HIS E 191 14.04 -36.22 5.78
C HIS E 191 13.16 -37.37 6.30
N VAL E 192 13.79 -38.49 6.64
CA VAL E 192 13.08 -39.64 7.14
C VAL E 192 13.64 -39.93 8.53
N ALA E 193 13.01 -40.82 9.29
CA ALA E 193 13.48 -41.04 10.65
C ALA E 193 13.67 -42.52 10.93
N VAL E 194 14.56 -42.83 11.87
CA VAL E 194 14.88 -44.21 12.19
C VAL E 194 13.70 -44.91 12.88
N MET E 197 16.97 -48.92 14.03
CA MET E 197 15.57 -49.30 14.12
C MET E 197 15.06 -49.84 12.78
N ASN E 198 15.93 -49.80 11.77
CA ASN E 198 15.62 -50.19 10.38
C ASN E 198 14.37 -49.52 9.80
N GLU E 199 13.57 -48.86 10.65
CA GLU E 199 12.41 -48.11 10.16
C GLU E 199 12.86 -46.88 9.38
N HIS E 200 11.95 -46.32 8.60
CA HIS E 200 12.25 -45.20 7.75
C HIS E 200 10.96 -44.48 7.40
N SER E 201 10.59 -43.49 8.20
CA SER E 201 9.36 -42.75 7.90
C SER E 201 9.58 -41.27 7.52
N SER E 202 8.91 -40.87 6.45
CA SER E 202 8.84 -39.48 5.97
C SER E 202 8.48 -38.47 7.07
N ARG E 203 9.42 -37.59 7.38
CA ARG E 203 9.17 -36.51 8.32
C ARG E 203 8.83 -35.22 7.58
N SER E 204 8.58 -35.33 6.28
CA SER E 204 8.30 -34.15 5.46
C SER E 204 7.43 -34.44 4.23
N HIS E 205 6.85 -33.38 3.67
CA HIS E 205 6.12 -33.47 2.42
C HIS E 205 7.04 -33.10 1.28
N SER E 206 7.13 -33.95 0.27
CA SER E 206 7.97 -33.68 -0.89
C SER E 206 7.12 -33.41 -2.12
N ILE E 207 7.54 -32.43 -2.91
CA ILE E 207 6.88 -32.08 -4.15
C ILE E 207 7.83 -32.27 -5.32
N PHE E 208 7.44 -33.16 -6.25
CA PHE E 208 8.24 -33.39 -7.45
C PHE E 208 7.57 -32.79 -8.68
N LEU E 209 8.26 -31.91 -9.38
CA LEU E 209 7.68 -31.19 -10.52
C LEU E 209 8.21 -31.62 -11.89
N ILE E 210 7.28 -31.98 -12.77
CA ILE E 210 7.62 -32.13 -14.18
C ILE E 210 6.96 -30.97 -14.95
N ASN E 211 7.80 -30.13 -15.56
CA ASN E 211 7.35 -29.00 -16.37
C ASN E 211 7.56 -29.34 -17.83
N VAL E 212 6.46 -29.46 -18.57
CA VAL E 212 6.55 -29.90 -19.95
C VAL E 212 6.40 -28.70 -20.91
N LYS E 213 7.52 -28.29 -21.47
CA LYS E 213 7.50 -27.19 -22.41
C LYS E 213 7.52 -27.72 -23.85
N GLN E 214 6.61 -27.20 -24.68
CA GLN E 214 6.53 -27.61 -26.07
C GLN E 214 6.38 -26.43 -27.01
N GLU E 215 7.08 -26.47 -28.13
CA GLU E 215 6.88 -25.48 -29.16
C GLU E 215 6.78 -26.10 -30.54
N ASN E 216 5.83 -25.61 -31.33
CA ASN E 216 5.63 -26.08 -32.70
C ASN E 216 6.37 -25.17 -33.66
N THR E 217 7.37 -25.73 -34.36
CA THR E 217 8.21 -24.96 -35.25
C THR E 217 7.40 -24.27 -36.33
N GLN E 218 6.36 -24.96 -36.79
CA GLN E 218 5.59 -24.41 -37.88
C GLN E 218 4.57 -23.36 -37.45
N THR E 219 3.73 -23.67 -36.48
CA THR E 219 2.68 -22.75 -36.08
C THR E 219 3.14 -21.74 -35.01
N GLU E 220 4.29 -22.03 -34.41
CA GLU E 220 4.88 -21.29 -33.29
C GLU E 220 3.87 -21.10 -32.16
N GLN E 221 3.11 -22.17 -31.95
CA GLN E 221 2.22 -22.29 -30.82
C GLN E 221 3.06 -22.88 -29.75
N LYS E 222 2.97 -22.32 -28.54
CA LYS E 222 3.72 -22.85 -27.41
C LYS E 222 2.76 -23.60 -26.50
N LEU E 223 3.33 -24.55 -25.76
CA LEU E 223 2.63 -25.26 -24.71
C LEU E 223 3.56 -25.33 -23.53
N SER E 224 2.96 -25.30 -22.34
CA SER E 224 3.66 -25.38 -21.07
C SER E 224 2.75 -26.00 -20.06
N GLY E 225 3.04 -27.23 -19.64
CA GLY E 225 2.22 -27.91 -18.66
C GLY E 225 3.02 -28.27 -17.44
N LYS E 226 2.37 -28.19 -16.28
CA LYS E 226 3.02 -28.54 -15.03
C LYS E 226 2.34 -29.72 -14.35
N LEU E 227 3.09 -30.78 -14.11
CA LEU E 227 2.59 -31.91 -13.35
C LEU E 227 3.25 -32.00 -11.97
N TYR E 228 2.46 -31.88 -10.90
CA TYR E 228 2.97 -31.99 -9.53
C TYR E 228 2.73 -33.37 -8.90
N LEU E 229 3.80 -33.98 -8.38
CA LEU E 229 3.68 -35.23 -7.63
C LEU E 229 4.05 -35.03 -6.17
N VAL E 230 3.03 -35.00 -5.32
CA VAL E 230 3.18 -34.67 -3.92
C VAL E 230 3.15 -35.95 -3.10
N ASP E 231 4.21 -36.19 -2.34
CA ASP E 231 4.24 -37.31 -1.42
C ASP E 231 3.89 -36.75 -0.05
N LEU E 232 2.72 -37.12 0.46
CA LEU E 232 2.30 -36.65 1.77
C LEU E 232 2.83 -37.54 2.91
N ALA E 233 3.43 -36.87 3.89
CA ALA E 233 3.84 -37.53 5.11
C ALA E 233 2.61 -37.85 5.93
N GLY E 234 2.55 -39.05 6.47
CA GLY E 234 1.43 -39.44 7.29
C GLY E 234 1.26 -38.61 8.56
N SER E 235 0.00 -38.45 8.96
CA SER E 235 -0.39 -37.79 10.20
C SER E 235 0.15 -38.51 11.44
N GLU E 236 0.54 -37.75 12.47
CA GLU E 236 1.09 -38.32 13.71
C GLU E 236 0.23 -38.12 14.99
N LYS E 237 0.48 -38.93 16.02
CA LYS E 237 -0.16 -38.66 17.31
C LYS E 237 0.71 -37.70 18.14
N VAL E 238 0.08 -36.65 18.66
CA VAL E 238 0.79 -35.65 19.46
C VAL E 238 1.18 -36.18 20.84
N GLU E 244 9.15 -35.92 22.04
CA GLU E 244 10.26 -35.09 22.50
C GLU E 244 10.70 -34.03 21.46
N GLY E 245 10.96 -32.82 21.95
CA GLY E 245 11.37 -31.66 21.17
C GLY E 245 11.15 -31.58 19.67
N ALA E 246 12.23 -31.78 18.92
CA ALA E 246 12.24 -31.65 17.47
C ALA E 246 11.46 -32.76 16.78
N VAL E 247 11.36 -33.91 17.46
CA VAL E 247 10.56 -35.01 16.92
C VAL E 247 9.10 -34.60 16.97
N LEU E 248 8.72 -33.93 18.06
CA LEU E 248 7.38 -33.37 18.26
C LEU E 248 7.05 -32.24 17.26
N ASP E 249 7.97 -31.27 17.14
CA ASP E 249 7.83 -30.17 16.21
C ASP E 249 7.52 -30.67 14.79
N GLU E 250 8.13 -31.78 14.41
CA GLU E 250 7.86 -32.37 13.09
C GLU E 250 6.41 -32.81 12.93
N ALA E 251 5.87 -33.47 13.96
CA ALA E 251 4.52 -34.01 13.92
C ALA E 251 3.46 -32.92 13.84
N LYS E 252 3.69 -31.82 14.57
CA LYS E 252 2.75 -30.70 14.60
C LYS E 252 2.64 -30.00 13.24
N ASN E 253 3.78 -29.83 12.56
CA ASN E 253 3.84 -29.18 11.25
C ASN E 253 3.23 -30.04 10.14
N ILE E 254 3.53 -31.33 10.20
CA ILE E 254 2.97 -32.31 9.28
C ILE E 254 1.46 -32.22 9.35
N ASN E 255 0.92 -32.26 10.58
CA ASN E 255 -0.52 -32.22 10.80
C ASN E 255 -1.15 -30.88 10.45
N LYS E 256 -0.46 -29.79 10.78
CA LYS E 256 -1.00 -28.47 10.47
C LYS E 256 -1.09 -28.27 8.96
N SER E 257 -0.04 -28.66 8.23
CA SER E 257 -0.04 -28.46 6.79
C SER E 257 -1.02 -29.39 6.05
N LEU E 258 -1.22 -30.60 6.56
CA LEU E 258 -2.19 -31.55 5.98
C LEU E 258 -3.62 -31.06 6.15
N SER E 259 -3.83 -30.33 7.23
CA SER E 259 -5.12 -29.77 7.58
C SER E 259 -5.43 -28.51 6.77
N ALA E 260 -4.39 -27.73 6.49
CA ALA E 260 -4.49 -26.59 5.58
C ALA E 260 -4.65 -27.12 4.13
N LEU E 261 -3.98 -28.22 3.81
CA LEU E 261 -4.18 -28.82 2.51
C LEU E 261 -5.59 -29.32 2.38
N GLY E 262 -6.08 -29.95 3.46
CA GLY E 262 -7.42 -30.50 3.53
C GLY E 262 -8.46 -29.42 3.38
N ASN E 263 -8.17 -28.27 3.94
CA ASN E 263 -9.10 -27.15 3.88
C ASN E 263 -9.34 -26.65 2.49
N VAL E 264 -8.26 -26.48 1.74
CA VAL E 264 -8.33 -26.06 0.35
C VAL E 264 -9.09 -27.08 -0.48
N ILE E 265 -8.70 -28.34 -0.36
CA ILE E 265 -9.30 -29.45 -1.10
C ILE E 265 -10.78 -29.64 -0.83
N SER E 266 -11.12 -29.61 0.46
CA SER E 266 -12.49 -29.79 0.92
C SER E 266 -13.38 -28.61 0.49
N ALA E 267 -12.81 -27.41 0.48
CA ALA E 267 -13.50 -26.22 -0.05
C ALA E 267 -13.81 -26.38 -1.55
N LEU E 268 -12.85 -26.93 -2.32
CA LEU E 268 -13.00 -27.14 -3.78
C LEU E 268 -14.07 -28.17 -4.09
N ALA E 269 -14.03 -29.27 -3.35
CA ALA E 269 -15.02 -30.34 -3.48
C ALA E 269 -16.43 -29.87 -3.13
N GLU E 270 -16.53 -28.96 -2.18
CA GLU E 270 -17.83 -28.46 -1.74
C GLU E 270 -18.25 -27.17 -2.48
N GLY E 271 -17.56 -26.85 -3.56
CA GLY E 271 -17.94 -25.68 -4.36
C GLY E 271 -17.90 -24.34 -3.63
N SER E 272 -16.88 -24.17 -2.78
CA SER E 272 -16.66 -22.93 -2.09
C SER E 272 -16.28 -21.84 -3.06
N THR E 273 -16.76 -20.61 -2.84
CA THR E 273 -16.37 -19.51 -3.71
C THR E 273 -15.19 -18.73 -3.10
N TYR E 274 -14.62 -19.27 -2.04
CA TYR E 274 -13.35 -18.78 -1.52
C TYR E 274 -12.47 -19.96 -1.17
N VAL E 275 -11.35 -20.12 -1.86
CA VAL E 275 -10.48 -21.25 -1.61
C VAL E 275 -9.21 -20.75 -0.96
N PRO E 276 -8.97 -21.12 0.31
CA PRO E 276 -7.89 -20.56 1.14
C PRO E 276 -6.48 -21.07 0.80
N TYR E 277 -6.00 -20.83 -0.42
CA TYR E 277 -4.68 -21.26 -0.81
C TYR E 277 -3.59 -20.63 0.07
N ARG E 278 -3.70 -19.35 0.33
CA ARG E 278 -2.71 -18.60 1.12
C ARG E 278 -2.34 -19.20 2.48
N ASP E 279 -3.23 -20.02 3.03
CA ASP E 279 -3.05 -20.49 4.40
C ASP E 279 -1.86 -21.44 4.61
N SER E 280 -1.33 -22.02 3.55
CA SER E 280 -0.17 -22.87 3.72
C SER E 280 0.76 -22.73 2.53
N LYS E 281 2.05 -22.97 2.73
CA LYS E 281 3.02 -22.85 1.63
C LYS E 281 2.71 -23.81 0.48
N MET E 282 2.38 -25.04 0.84
CA MET E 282 2.09 -26.05 -0.17
C MET E 282 0.95 -25.66 -1.08
N THR E 283 -0.18 -25.24 -0.52
CA THR E 283 -1.31 -24.87 -1.38
C THR E 283 -1.01 -23.60 -2.18
N ARG E 284 -0.07 -22.78 -1.74
CA ARG E 284 0.31 -21.61 -2.52
C ARG E 284 1.12 -22.04 -3.74
N ILE E 285 2.02 -22.99 -3.52
CA ILE E 285 2.83 -23.53 -4.61
C ILE E 285 1.93 -24.16 -5.66
N LEU E 286 0.99 -24.98 -5.19
CA LEU E 286 0.08 -25.72 -6.05
C LEU E 286 -1.17 -24.96 -6.42
N GLN E 287 -1.20 -23.65 -6.21
CA GLN E 287 -2.44 -22.90 -6.43
C GLN E 287 -2.99 -23.11 -7.83
N ASP E 288 -2.13 -23.05 -8.84
CA ASP E 288 -2.55 -23.21 -10.24
C ASP E 288 -2.61 -24.66 -10.74
N SER E 289 -2.42 -25.64 -9.85
CA SER E 289 -2.57 -27.04 -10.21
C SER E 289 -3.62 -27.74 -9.37
N LEU E 290 -4.29 -26.99 -8.51
CA LEU E 290 -5.31 -27.53 -7.62
C LEU E 290 -6.62 -26.79 -7.82
N GLY E 291 -7.59 -27.50 -8.40
CA GLY E 291 -8.91 -26.96 -8.64
C GLY E 291 -8.98 -26.17 -9.92
N GLY E 292 -10.18 -25.76 -10.31
CA GLY E 292 -10.36 -25.07 -11.56
C GLY E 292 -10.07 -25.95 -12.76
N ASN E 293 -9.31 -25.42 -13.72
CA ASN E 293 -9.10 -26.11 -14.98
C ASN E 293 -8.05 -27.20 -14.88
N ALA E 294 -7.54 -27.43 -13.67
CA ALA E 294 -6.51 -28.43 -13.46
C ALA E 294 -7.09 -29.69 -12.82
N ARG E 295 -6.48 -30.83 -13.12
CA ARG E 295 -6.97 -32.09 -12.62
C ARG E 295 -6.17 -32.56 -11.42
N THR E 296 -6.87 -33.10 -10.43
CA THR E 296 -6.25 -33.57 -9.19
C THR E 296 -6.68 -34.97 -8.88
N THR E 297 -5.73 -35.77 -8.45
CA THR E 297 -6.10 -37.06 -7.93
C THR E 297 -5.38 -37.29 -6.62
N ILE E 298 -6.15 -37.64 -5.61
CA ILE E 298 -5.58 -38.11 -4.36
C ILE E 298 -5.71 -39.63 -4.29
N VAL E 299 -4.56 -40.29 -4.23
CA VAL E 299 -4.51 -41.74 -4.04
C VAL E 299 -4.12 -42.10 -2.62
N ILE E 300 -5.07 -42.61 -1.85
CA ILE E 300 -4.81 -42.98 -0.47
C ILE E 300 -4.56 -44.49 -0.34
N CYS E 301 -3.47 -44.87 0.33
CA CYS E 301 -3.09 -46.28 0.48
C CYS E 301 -3.40 -46.81 1.88
N CYS E 302 -4.08 -47.95 1.97
CA CYS E 302 -4.48 -48.50 3.27
C CYS E 302 -4.18 -49.98 3.48
N SER E 303 -3.99 -50.38 4.73
CA SER E 303 -3.81 -51.79 5.04
C SER E 303 -5.17 -52.42 5.34
N PRO E 304 -5.41 -53.62 4.80
CA PRO E 304 -6.66 -54.35 5.06
C PRO E 304 -6.62 -54.96 6.46
N SER E 305 -5.42 -55.00 7.01
CA SER E 305 -5.14 -55.54 8.34
C SER E 305 -5.99 -55.01 9.52
N SER E 306 -6.36 -55.91 10.44
CA SER E 306 -6.98 -55.47 11.69
C SER E 306 -5.95 -54.75 12.56
N TYR E 307 -4.69 -55.16 12.44
CA TYR E 307 -3.59 -54.57 13.20
C TYR E 307 -3.43 -53.08 12.95
N ASN E 308 -3.90 -52.65 11.79
CA ASN E 308 -3.76 -51.27 11.36
C ASN E 308 -5.07 -50.50 11.42
N GLU E 309 -6.08 -51.06 12.09
CA GLU E 309 -7.44 -50.59 11.93
C GLU E 309 -7.65 -49.13 12.33
N SER E 310 -6.87 -48.61 13.28
CA SER E 310 -6.99 -47.21 13.68
C SER E 310 -6.37 -46.32 12.61
N GLU E 311 -5.28 -46.79 12.03
CA GLU E 311 -4.51 -45.97 11.12
C GLU E 311 -5.04 -45.97 9.71
N THR E 312 -5.74 -47.01 9.28
CA THR E 312 -6.41 -46.89 7.99
C THR E 312 -7.74 -46.19 8.21
N LYS E 313 -8.25 -46.25 9.45
CA LYS E 313 -9.49 -45.55 9.79
C LYS E 313 -9.33 -44.04 9.65
N SER E 314 -8.21 -43.50 10.15
CA SER E 314 -7.96 -42.08 10.06
C SER E 314 -7.60 -41.72 8.63
N THR E 315 -6.90 -42.64 7.97
CA THR E 315 -6.51 -42.41 6.61
C THR E 315 -7.72 -42.21 5.75
N LEU E 316 -8.67 -43.13 5.85
CA LEU E 316 -9.87 -43.08 5.05
C LEU E 316 -10.60 -41.77 5.28
N LEU E 317 -10.56 -41.33 6.54
CA LEU E 317 -11.20 -40.08 6.92
C LEU E 317 -10.55 -38.87 6.25
N PHE E 318 -9.23 -38.87 6.11
CA PHE E 318 -8.58 -37.77 5.40
C PHE E 318 -9.03 -37.73 3.95
N GLY E 319 -9.13 -38.92 3.35
CA GLY E 319 -9.61 -39.08 1.98
C GLY E 319 -11.05 -38.61 1.89
N GLN E 320 -11.78 -38.68 3.01
CA GLN E 320 -13.18 -38.29 3.07
C GLN E 320 -13.33 -36.78 2.96
N ARG E 321 -12.24 -36.04 3.19
CA ARG E 321 -12.33 -34.57 3.17
C ARG E 321 -12.70 -34.05 1.79
N ALA E 322 -12.29 -34.81 0.78
CA ALA E 322 -12.33 -34.39 -0.61
C ALA E 322 -13.57 -34.85 -1.34
N LYS E 323 -14.49 -35.50 -0.65
CA LYS E 323 -15.73 -35.97 -1.26
C LYS E 323 -16.73 -34.79 -1.27
N THR E 324 -17.46 -34.64 -2.37
CA THR E 324 -18.37 -33.50 -2.55
C THR E 324 -19.58 -33.52 -1.62
N ALA F 5 16.91 15.22 -15.76
CA ALA F 5 16.94 15.63 -17.16
C ALA F 5 17.58 17.02 -17.34
N GLU F 6 17.89 17.34 -18.60
CA GLU F 6 18.59 18.58 -18.99
C GLU F 6 17.78 19.45 -19.95
N SER F 7 17.05 20.41 -19.41
CA SER F 7 16.28 21.37 -20.20
C SER F 7 17.14 22.54 -20.74
N ASN F 8 18.46 22.33 -20.81
CA ASN F 8 19.45 23.35 -21.20
C ASN F 8 19.33 24.68 -20.47
N ILE F 9 19.41 24.68 -19.15
CA ILE F 9 19.36 25.94 -18.38
C ILE F 9 20.68 26.23 -17.66
N LYS F 10 21.20 27.45 -17.83
CA LYS F 10 22.50 27.83 -17.23
C LYS F 10 22.36 29.08 -16.37
N VAL F 11 22.95 29.10 -15.18
CA VAL F 11 22.87 30.33 -14.41
C VAL F 11 24.29 30.88 -14.26
N MET F 12 24.43 32.16 -14.53
CA MET F 12 25.75 32.78 -14.56
C MET F 12 25.73 34.04 -13.75
N CYS F 13 26.77 34.18 -12.93
CA CYS F 13 26.87 35.27 -12.00
C CYS F 13 28.00 36.19 -12.39
N ARG F 14 27.70 37.48 -12.54
CA ARG F 14 28.77 38.42 -12.86
C ARG F 14 28.95 39.46 -11.76
N PHE F 15 30.10 39.44 -11.10
CA PHE F 15 30.48 40.50 -10.17
C PHE F 15 31.18 41.64 -10.87
N ARG F 16 30.87 42.86 -10.44
CA ARG F 16 31.48 44.05 -11.02
C ARG F 16 32.55 44.67 -10.13
N PRO F 17 33.43 45.48 -10.72
CA PRO F 17 34.22 46.47 -9.97
C PRO F 17 33.38 47.76 -9.95
N LEU F 18 33.60 48.73 -9.08
CA LEU F 18 34.48 48.73 -7.92
C LEU F 18 33.85 49.85 -7.12
N ASN F 19 34.07 51.07 -7.61
CA ASN F 19 33.54 52.29 -7.00
C ASN F 19 32.14 52.62 -7.52
N GLU F 22 32.60 54.94 -4.60
CA GLU F 22 31.93 54.15 -3.56
C GLU F 22 32.96 53.44 -2.71
N VAL F 23 34.10 53.12 -3.33
CA VAL F 23 35.22 52.56 -2.59
C VAL F 23 35.77 53.67 -1.70
N ASN F 24 35.60 54.92 -2.14
CA ASN F 24 36.07 56.09 -1.41
C ASN F 24 35.16 56.43 -0.24
N ARG F 25 34.07 55.69 -0.12
CA ARG F 25 33.14 55.84 0.99
C ARG F 25 33.64 54.85 2.02
N GLY F 26 34.38 53.86 1.53
CA GLY F 26 35.02 52.87 2.38
C GLY F 26 34.18 51.63 2.50
N ASP F 27 34.44 50.65 1.63
CA ASP F 27 33.69 49.41 1.52
C ASP F 27 34.61 48.23 1.23
N LYS F 28 34.51 47.17 2.02
CA LYS F 28 35.37 45.99 1.82
C LYS F 28 34.83 45.19 0.63
N TYR F 29 35.70 44.39 -0.01
CA TYR F 29 35.32 43.66 -1.22
C TYR F 29 34.49 42.40 -0.88
N ILE F 30 34.82 41.74 0.22
CA ILE F 30 34.05 40.59 0.73
C ILE F 30 33.58 39.49 -0.23
N ALA F 31 34.26 39.29 -1.36
CA ALA F 31 33.87 38.26 -2.32
C ALA F 31 35.09 37.51 -2.86
N LYS F 32 35.25 36.26 -2.45
CA LYS F 32 36.37 35.43 -2.94
C LYS F 32 35.89 34.47 -4.00
N PHE F 33 36.78 34.07 -4.89
CA PHE F 33 36.45 33.16 -5.99
C PHE F 33 37.39 31.96 -6.00
N GLN F 34 36.85 30.77 -6.21
CA GLN F 34 37.70 29.61 -6.45
C GLN F 34 37.11 28.75 -7.54
N GLY F 35 37.95 28.36 -8.49
CA GLY F 35 37.47 27.75 -9.71
C GLY F 35 36.89 28.83 -10.61
N GLU F 36 36.58 28.45 -11.84
CA GLU F 36 35.85 29.35 -12.72
C GLU F 36 34.34 29.18 -12.45
N ASP F 37 33.98 28.61 -11.30
CA ASP F 37 32.60 28.21 -11.09
C ASP F 37 32.04 28.43 -9.68
N THR F 38 32.88 28.86 -8.75
CA THR F 38 32.40 29.09 -7.39
C THR F 38 32.69 30.49 -6.86
N VAL F 39 31.77 31.02 -6.07
CA VAL F 39 32.01 32.27 -5.37
C VAL F 39 31.77 32.01 -3.90
N VAL F 40 32.62 32.58 -3.06
CA VAL F 40 32.49 32.42 -1.61
C VAL F 40 32.25 33.76 -0.94
N ILE F 41 31.08 33.96 -0.38
CA ILE F 41 30.81 35.17 0.38
C ILE F 41 30.49 34.80 1.83
N ALA F 42 31.17 35.43 2.78
CA ALA F 42 31.00 35.13 4.21
C ALA F 42 31.30 33.66 4.51
N SER F 43 32.37 33.16 3.88
CA SER F 43 32.86 31.78 4.00
C SER F 43 31.86 30.73 3.50
N LYS F 44 30.77 31.19 2.90
CA LYS F 44 29.74 30.33 2.30
C LYS F 44 29.95 30.13 0.79
N PRO F 45 30.05 28.87 0.35
CA PRO F 45 30.18 28.59 -1.09
C PRO F 45 28.85 28.63 -1.85
N TYR F 46 28.92 29.18 -3.07
CA TYR F 46 27.83 29.27 -4.04
C TYR F 46 28.27 28.81 -5.45
N ALA F 47 27.73 27.71 -5.94
CA ALA F 47 28.15 27.21 -7.25
C ALA F 47 27.23 27.70 -8.38
N PHE F 48 27.84 27.94 -9.53
CA PHE F 48 27.10 28.32 -10.71
C PHE F 48 27.74 27.59 -11.87
N ASP F 49 27.25 27.87 -13.07
CA ASP F 49 27.86 27.35 -14.28
C ASP F 49 29.08 28.16 -14.66
N ARG F 50 29.06 29.44 -14.29
CA ARG F 50 30.14 30.38 -14.56
C ARG F 50 30.05 31.58 -13.60
N VAL F 51 31.17 32.00 -13.01
CA VAL F 51 31.15 33.22 -12.21
C VAL F 51 32.13 34.20 -12.86
N PHE F 52 31.61 35.29 -13.43
CA PHE F 52 32.46 36.30 -14.06
C PHE F 52 32.88 37.32 -13.04
N GLN F 53 34.18 37.39 -12.75
CA GLN F 53 34.67 38.37 -11.78
C GLN F 53 34.90 39.60 -12.62
N SER F 54 35.38 40.63 -11.98
CA SER F 54 35.60 41.93 -12.59
C SER F 54 36.48 41.97 -13.83
N SER F 55 37.43 41.04 -13.94
CA SER F 55 38.40 41.04 -15.04
C SER F 55 37.82 40.48 -16.34
N THR F 56 36.55 40.08 -16.29
CA THR F 56 35.90 39.50 -17.44
C THR F 56 35.30 40.60 -18.33
N SER F 57 35.65 40.61 -19.62
CA SER F 57 35.19 41.66 -20.54
C SER F 57 33.72 41.53 -20.93
N GLN F 58 33.18 42.56 -21.59
CA GLN F 58 31.82 42.48 -22.12
C GLN F 58 31.79 41.39 -23.18
N GLU F 59 32.79 41.41 -24.05
CA GLU F 59 32.84 40.44 -25.12
C GLU F 59 32.82 39.05 -24.52
N GLN F 60 33.45 38.81 -23.37
CA GLN F 60 33.43 37.43 -22.91
C GLN F 60 32.11 37.07 -22.22
N VAL F 61 31.38 38.00 -21.62
CA VAL F 61 30.11 37.56 -21.07
C VAL F 61 29.15 37.18 -22.18
N TYR F 62 29.20 37.90 -23.31
CA TYR F 62 28.34 37.60 -24.45
C TYR F 62 28.63 36.20 -25.04
N ASN F 63 29.91 35.90 -25.22
CA ASN F 63 30.33 34.63 -25.77
C ASN F 63 29.89 33.45 -24.91
N ASP F 64 29.90 33.63 -23.58
CA ASP F 64 29.59 32.50 -22.68
C ASP F 64 28.12 32.46 -22.24
N ALA F 65 27.46 33.62 -22.23
CA ALA F 65 26.06 33.66 -21.84
C ALA F 65 25.10 33.57 -23.02
N ALA F 66 25.33 34.37 -24.05
CA ALA F 66 24.27 34.59 -25.03
C ALA F 66 24.54 34.03 -26.44
N LYS F 67 25.79 33.79 -26.79
CA LYS F 67 26.11 33.60 -28.20
C LYS F 67 25.50 32.33 -28.79
N LYS F 68 25.53 31.20 -28.07
CA LYS F 68 24.96 29.97 -28.64
C LYS F 68 23.41 30.03 -28.65
N ILE F 69 22.82 30.87 -27.82
CA ILE F 69 21.38 31.04 -27.86
C ILE F 69 21.02 31.82 -29.12
N VAL F 70 21.79 32.85 -29.44
CA VAL F 70 21.58 33.60 -30.68
C VAL F 70 21.81 32.70 -31.91
N LYS F 71 22.84 31.87 -31.87
CA LYS F 71 23.11 30.92 -32.94
C LYS F 71 21.89 30.05 -33.22
N ASP F 72 21.27 29.60 -32.12
CA ASP F 72 20.12 28.72 -32.13
C ASP F 72 18.84 29.36 -32.59
N VAL F 73 18.67 30.64 -32.30
CA VAL F 73 17.47 31.31 -32.73
C VAL F 73 17.58 31.54 -34.24
N LEU F 74 18.77 31.84 -34.73
CA LEU F 74 18.97 31.93 -36.17
C LEU F 74 18.85 30.58 -36.90
N GLU F 75 18.76 29.49 -36.15
CA GLU F 75 18.56 28.16 -36.71
C GLU F 75 17.15 27.61 -36.45
N GLY F 76 16.26 28.43 -35.88
CA GLY F 76 14.89 28.03 -35.66
C GLY F 76 14.41 27.67 -34.26
N TYR F 77 15.31 27.68 -33.28
CA TYR F 77 14.94 27.33 -31.92
C TYR F 77 14.49 28.53 -31.13
N ASN F 78 13.90 28.32 -29.95
CA ASN F 78 13.57 29.44 -29.06
C ASN F 78 14.62 29.54 -27.95
N GLY F 79 14.67 30.67 -27.27
CA GLY F 79 15.57 30.83 -26.14
C GLY F 79 15.19 32.00 -25.27
N THR F 80 15.65 31.98 -24.01
CA THR F 80 15.36 33.07 -23.05
C THR F 80 16.62 33.55 -22.36
N ILE F 81 16.77 34.86 -22.23
CA ILE F 81 17.83 35.34 -21.37
C ILE F 81 17.21 36.15 -20.24
N PHE F 82 17.53 35.76 -19.01
CA PHE F 82 17.04 36.49 -17.86
C PHE F 82 18.13 37.36 -17.28
N ALA F 83 17.79 38.58 -16.93
CA ALA F 83 18.72 39.42 -16.23
C ALA F 83 18.15 39.76 -14.89
N TYR F 84 18.69 39.17 -13.83
CA TYR F 84 18.19 39.44 -12.49
C TYR F 84 19.24 40.16 -11.66
N GLY F 85 18.83 41.27 -11.07
CA GLY F 85 19.72 42.02 -10.22
C GLY F 85 19.05 43.12 -9.42
N GLN F 86 19.63 43.38 -8.25
CA GLN F 86 19.19 44.49 -7.44
C GLN F 86 19.84 45.73 -8.01
N THR F 87 19.40 46.91 -7.57
CA THR F 87 19.95 48.13 -8.14
C THR F 87 21.40 48.40 -7.68
N SER F 88 22.18 48.94 -8.63
CA SER F 88 23.63 49.12 -8.58
C SER F 88 24.41 47.81 -8.52
N SER F 89 23.93 46.81 -9.26
CA SER F 89 24.62 45.53 -9.38
C SER F 89 25.36 45.44 -10.69
N GLY F 90 24.96 46.26 -11.65
CA GLY F 90 25.62 46.23 -12.94
C GLY F 90 24.72 45.52 -13.93
N LYS F 91 23.44 45.41 -13.60
CA LYS F 91 22.52 44.73 -14.48
C LYS F 91 22.48 45.45 -15.83
N VAL F 92 22.17 46.75 -15.81
CA VAL F 92 22.06 47.51 -17.07
C VAL F 92 23.41 47.63 -17.81
N HIS F 93 24.51 47.71 -17.08
CA HIS F 93 25.83 47.71 -17.71
C HIS F 93 26.07 46.44 -18.52
N THR F 94 25.60 45.32 -17.96
CA THR F 94 25.68 44.02 -18.61
C THR F 94 24.66 43.87 -19.75
N MET F 95 23.43 44.34 -19.55
CA MET F 95 22.41 44.10 -20.56
C MET F 95 22.48 45.05 -21.75
N GLU F 96 22.77 46.33 -21.49
CA GLU F 96 22.74 47.32 -22.55
C GLU F 96 24.16 47.85 -22.82
N GLY F 97 24.79 48.41 -21.80
CA GLY F 97 26.16 48.87 -21.88
C GLY F 97 26.25 50.20 -22.59
N LYS F 98 27.42 50.45 -23.19
CA LYS F 98 27.68 51.62 -24.00
C LYS F 98 27.43 51.33 -25.48
N LEU F 99 26.47 52.03 -26.08
CA LEU F 99 26.20 51.84 -27.51
C LEU F 99 27.36 52.43 -28.31
N HIS F 100 27.48 51.99 -29.57
CA HIS F 100 28.56 52.40 -30.44
C HIS F 100 29.90 52.25 -29.75
N ASP F 101 30.27 51.02 -29.41
CA ASP F 101 31.57 50.74 -28.82
C ASP F 101 31.79 49.25 -28.99
N PRO F 102 32.89 48.87 -29.67
CA PRO F 102 33.06 47.45 -30.02
C PRO F 102 33.37 46.58 -28.82
N GLU F 103 33.72 47.25 -27.74
CA GLU F 103 34.10 46.61 -26.52
C GLU F 103 33.72 47.65 -25.51
N GLY F 104 32.44 47.62 -25.14
CA GLY F 104 31.82 48.71 -24.44
C GLY F 104 30.40 48.27 -24.22
N MET F 105 29.83 47.70 -25.27
CA MET F 105 28.43 47.34 -25.29
C MET F 105 28.16 46.01 -24.60
N GLY F 106 26.95 45.92 -24.04
CA GLY F 106 26.48 44.77 -23.32
C GLY F 106 25.88 43.68 -24.18
N ILE F 107 25.09 42.82 -23.56
CA ILE F 107 24.55 41.65 -24.23
C ILE F 107 23.50 41.99 -25.29
N ILE F 108 22.58 42.93 -25.04
CA ILE F 108 21.55 43.23 -26.05
C ILE F 108 22.10 43.78 -27.38
N PRO F 109 23.01 44.78 -27.36
CA PRO F 109 23.59 45.20 -28.64
C PRO F 109 24.41 44.15 -29.39
N ARG F 110 25.05 43.21 -28.69
CA ARG F 110 25.84 42.20 -29.37
C ARG F 110 24.91 41.17 -29.98
N ILE F 111 23.76 40.98 -29.35
CA ILE F 111 22.71 40.12 -29.90
C ILE F 111 22.18 40.66 -31.20
N VAL F 112 21.79 41.93 -31.20
CA VAL F 112 21.23 42.55 -32.40
C VAL F 112 22.31 42.62 -33.49
N GLN F 113 23.56 42.85 -33.10
CA GLN F 113 24.63 42.98 -34.07
C GLN F 113 24.93 41.63 -34.71
N ASP F 114 24.72 40.53 -34.00
CA ASP F 114 24.95 39.22 -34.59
C ASP F 114 23.85 38.74 -35.53
N ILE F 115 22.60 39.03 -35.17
CA ILE F 115 21.45 38.64 -35.95
C ILE F 115 21.50 39.31 -37.30
N PHE F 116 21.76 40.62 -37.34
CA PHE F 116 21.74 41.34 -38.60
C PHE F 116 23.00 41.06 -39.40
N ASN F 117 24.10 40.76 -38.71
CA ASN F 117 25.32 40.41 -39.42
C ASN F 117 25.17 39.07 -40.12
N TYR F 118 24.33 38.20 -39.55
CA TYR F 118 23.96 36.92 -40.16
C TYR F 118 23.10 37.16 -41.39
N ILE F 119 22.09 37.99 -41.23
CA ILE F 119 21.19 38.34 -42.32
C ILE F 119 21.88 38.99 -43.52
N TYR F 120 22.59 40.09 -43.28
CA TYR F 120 23.27 40.80 -44.35
C TYR F 120 24.27 39.86 -45.03
N SER F 121 24.61 38.77 -44.36
CA SER F 121 25.54 37.80 -44.92
C SER F 121 24.84 36.89 -45.92
N MET F 122 23.63 36.45 -45.58
CA MET F 122 22.99 35.46 -46.41
C MET F 122 22.58 36.10 -47.72
N ASP F 123 21.62 37.04 -47.66
CA ASP F 123 21.18 37.78 -48.84
C ASP F 123 20.76 36.96 -50.09
N GLU F 124 19.56 37.27 -50.61
CA GLU F 124 19.03 36.72 -51.83
C GLU F 124 18.71 35.24 -51.64
N ASN F 125 17.49 34.87 -51.99
CA ASN F 125 16.96 33.52 -51.74
C ASN F 125 16.61 33.34 -50.30
N LEU F 126 17.22 34.10 -49.39
CA LEU F 126 16.80 34.06 -48.00
C LEU F 126 16.12 35.38 -47.67
N GLU F 127 14.82 35.31 -47.49
CA GLU F 127 14.05 36.48 -47.14
C GLU F 127 13.84 36.46 -45.64
N PHE F 128 13.76 37.65 -45.04
CA PHE F 128 13.69 37.73 -43.60
C PHE F 128 12.54 38.60 -43.12
N HIS F 129 12.12 38.34 -41.89
CA HIS F 129 11.18 39.19 -41.20
C HIS F 129 11.52 39.14 -39.72
N ILE F 130 11.87 40.28 -39.16
CA ILE F 130 12.10 40.38 -37.72
C ILE F 130 10.99 41.20 -37.06
N LYS F 131 10.23 40.54 -36.19
CA LYS F 131 9.21 41.21 -35.39
C LYS F 131 9.62 41.37 -33.95
N VAL F 132 9.42 42.56 -33.40
CA VAL F 132 9.67 42.73 -31.98
C VAL F 132 8.44 43.12 -31.20
N SER F 133 8.33 42.56 -30.01
CA SER F 133 7.31 42.97 -29.05
C SER F 133 7.98 43.30 -27.72
N TYR F 134 7.35 44.16 -26.95
CA TYR F 134 7.94 44.68 -25.73
C TYR F 134 6.80 44.99 -24.78
N PHE F 135 6.69 44.21 -23.71
CA PHE F 135 5.66 44.44 -22.70
C PHE F 135 6.16 44.16 -21.28
N GLU F 136 5.31 44.43 -20.29
CA GLU F 136 5.66 44.29 -18.88
C GLU F 136 4.63 43.51 -18.09
N ILE F 137 5.09 42.81 -17.04
CA ILE F 137 4.16 42.20 -16.09
C ILE F 137 4.11 43.07 -14.83
N TYR F 138 3.06 43.87 -14.71
CA TYR F 138 2.94 44.80 -13.59
C TYR F 138 1.64 44.63 -12.83
N LEU F 139 1.74 44.27 -11.56
CA LEU F 139 0.56 43.99 -10.74
C LEU F 139 -0.24 42.90 -11.44
N ASP F 140 0.50 41.90 -11.94
CA ASP F 140 -0.01 40.74 -12.66
C ASP F 140 -0.80 41.10 -13.91
N LYS F 141 -0.80 42.37 -14.31
CA LYS F 141 -1.41 42.70 -15.58
C LYS F 141 -0.26 42.86 -16.58
N ILE F 142 -0.53 42.43 -17.81
CA ILE F 142 0.43 42.60 -18.91
C ILE F 142 0.11 43.88 -19.66
N ARG F 143 1.01 44.84 -19.53
CA ARG F 143 0.85 46.13 -20.15
C ARG F 143 1.85 46.21 -21.30
N ASP F 144 1.41 46.78 -22.41
CA ASP F 144 2.25 46.94 -23.59
C ASP F 144 3.12 48.18 -23.45
N LEU F 145 4.43 48.00 -23.67
CA LEU F 145 5.37 49.11 -23.55
C LEU F 145 5.48 49.89 -24.86
N LEU F 146 4.91 49.34 -25.93
CA LEU F 146 4.91 50.01 -27.24
C LEU F 146 3.55 50.64 -27.58
N ASP F 147 2.57 50.45 -26.69
CA ASP F 147 1.23 50.99 -26.90
C ASP F 147 0.49 51.09 -25.54
N VAL F 148 0.49 52.26 -24.92
CA VAL F 148 -0.06 52.41 -23.56
C VAL F 148 -1.59 52.23 -23.53
N SER F 149 -2.23 52.22 -24.70
CA SER F 149 -3.68 51.96 -24.75
C SER F 149 -3.99 50.53 -24.34
N LYS F 150 -2.97 49.69 -24.34
CA LYS F 150 -3.07 48.28 -23.99
C LYS F 150 -2.55 47.98 -22.56
N THR F 151 -3.36 48.27 -21.56
CA THR F 151 -2.95 48.12 -20.15
C THR F 151 -3.15 46.68 -19.60
N ASN F 152 -4.14 45.95 -20.14
CA ASN F 152 -4.55 44.62 -19.64
C ASN F 152 -4.71 43.59 -20.79
N LEU F 153 -3.58 43.05 -21.24
CA LEU F 153 -3.47 42.04 -22.32
C LEU F 153 -3.65 40.66 -21.77
N SER F 154 -3.98 39.73 -22.64
CA SER F 154 -4.25 38.35 -22.24
C SER F 154 -3.32 37.36 -22.91
N VAL F 155 -3.09 36.22 -22.27
CA VAL F 155 -2.28 35.15 -22.83
C VAL F 155 -3.14 34.02 -23.39
N HIS F 156 -2.83 33.62 -24.62
CA HIS F 156 -3.52 32.56 -25.35
C HIS F 156 -2.60 31.51 -25.89
N GLU F 157 -3.22 30.54 -26.57
CA GLU F 157 -2.53 29.42 -27.18
C GLU F 157 -2.94 29.41 -28.65
N ASP F 158 -2.02 29.16 -29.58
CA ASP F 158 -2.45 29.10 -30.98
C ASP F 158 -2.98 27.69 -31.25
N LYS F 159 -3.26 27.40 -32.52
CA LYS F 159 -3.75 26.09 -32.92
C LYS F 159 -2.74 24.98 -32.63
N ASN F 160 -1.45 25.32 -32.68
CA ASN F 160 -0.39 24.34 -32.42
C ASN F 160 0.10 24.34 -30.96
N ARG F 161 -0.69 24.93 -30.08
CA ARG F 161 -0.42 25.04 -28.64
C ARG F 161 0.76 25.99 -28.24
N VAL F 162 1.14 26.89 -29.14
CA VAL F 162 2.18 27.92 -28.92
C VAL F 162 1.60 29.15 -28.17
N PRO F 163 2.23 29.56 -27.06
CA PRO F 163 1.71 30.69 -26.29
C PRO F 163 1.93 32.05 -26.98
N TYR F 164 0.97 32.95 -26.85
CA TYR F 164 1.16 34.32 -27.32
C TYR F 164 0.34 35.33 -26.50
N VAL F 165 0.64 36.61 -26.68
CA VAL F 165 -0.11 37.65 -26.01
C VAL F 165 -1.03 38.26 -27.04
N LYS F 166 -2.30 37.86 -27.05
CA LYS F 166 -3.25 38.40 -28.03
C LYS F 166 -3.37 39.91 -27.87
N GLY F 167 -2.94 40.64 -28.88
CA GLY F 167 -3.15 42.07 -28.87
C GLY F 167 -1.89 42.87 -28.62
N ALA F 168 -0.81 42.22 -28.21
CA ALA F 168 0.46 42.91 -28.02
C ALA F 168 1.00 43.46 -29.35
N THR F 169 1.50 44.70 -29.30
CA THR F 169 2.08 45.39 -30.46
C THR F 169 3.27 44.67 -31.06
N GLU F 170 3.18 44.35 -32.36
CA GLU F 170 4.33 43.84 -33.10
C GLU F 170 4.87 44.83 -34.11
N ARG F 171 6.14 45.18 -33.94
CA ARG F 171 6.78 46.06 -34.86
C ARG F 171 7.79 45.29 -35.70
N PHE F 172 7.78 45.60 -37.00
CA PHE F 172 8.76 45.11 -37.97
C PHE F 172 9.99 45.97 -37.97
N VAL F 173 11.17 45.35 -37.95
CA VAL F 173 12.43 46.10 -37.96
C VAL F 173 13.38 45.60 -39.07
N SER F 174 14.24 46.49 -39.58
CA SER F 174 15.08 46.16 -40.74
C SER F 174 16.57 46.51 -40.60
N SER F 175 16.92 47.10 -39.46
CA SER F 175 18.30 47.44 -39.15
C SER F 175 18.46 47.41 -37.62
N PRO F 176 19.68 47.20 -37.12
CA PRO F 176 19.92 47.18 -35.67
C PRO F 176 19.44 48.43 -34.93
N ASP F 177 19.48 49.59 -35.57
CA ASP F 177 19.08 50.84 -34.93
C ASP F 177 17.56 50.90 -34.67
N GLU F 178 16.79 50.26 -35.55
CA GLU F 178 15.33 50.24 -35.46
C GLU F 178 14.91 49.37 -34.29
N VAL F 179 15.78 48.44 -33.93
CA VAL F 179 15.62 47.62 -32.74
C VAL F 179 15.86 48.46 -31.49
N MET F 180 16.97 49.19 -31.51
CA MET F 180 17.39 49.98 -30.36
C MET F 180 16.41 51.10 -30.00
N ASP F 181 15.77 51.72 -30.98
CA ASP F 181 14.84 52.78 -30.62
C ASP F 181 13.52 52.24 -30.13
N THR F 182 13.18 51.03 -30.54
CA THR F 182 11.97 50.42 -30.03
C THR F 182 12.16 50.03 -28.57
N ILE F 183 13.33 49.46 -28.26
CA ILE F 183 13.68 49.16 -26.87
C ILE F 183 13.66 50.44 -26.05
N ASP F 184 14.22 51.50 -26.61
CA ASP F 184 14.20 52.77 -25.92
C ASP F 184 12.80 53.37 -25.81
N GLU F 185 11.97 53.17 -26.84
CA GLU F 185 10.59 53.63 -26.75
C GLU F 185 9.87 52.95 -25.58
N GLY F 186 9.96 51.62 -25.53
CA GLY F 186 9.28 50.87 -24.50
C GLY F 186 9.84 51.18 -23.14
N LYS F 187 11.16 51.33 -23.04
CA LYS F 187 11.85 51.54 -21.76
C LYS F 187 11.43 52.82 -21.09
N SER F 188 11.17 53.84 -21.90
CA SER F 188 10.66 55.09 -21.38
C SER F 188 9.29 54.88 -20.77
N ASN F 189 8.66 53.74 -21.05
CA ASN F 189 7.36 53.58 -20.49
C ASN F 189 7.35 52.63 -19.33
N ARG F 190 8.49 52.07 -18.97
CA ARG F 190 8.46 51.09 -17.91
C ARG F 190 8.19 51.76 -16.55
N HIS F 191 7.47 51.05 -15.68
CA HIS F 191 7.09 51.56 -14.35
C HIS F 191 8.25 51.58 -13.37
N VAL F 192 8.75 52.78 -13.10
CA VAL F 192 9.87 52.97 -12.21
C VAL F 192 9.43 53.95 -11.10
N ALA F 193 10.22 54.08 -10.03
CA ALA F 193 9.88 54.87 -8.83
C ALA F 193 8.45 54.62 -8.34
N GLU F 199 14.02 57.95 -7.55
CA GLU F 199 14.64 56.68 -7.21
C GLU F 199 14.29 55.67 -8.28
N HIS F 200 15.29 55.16 -9.02
CA HIS F 200 14.97 54.31 -10.18
C HIS F 200 15.14 52.80 -9.93
N SER F 201 14.06 52.21 -9.43
CA SER F 201 13.98 50.78 -9.18
C SER F 201 12.94 50.21 -10.15
N SER F 202 13.24 49.07 -10.75
CA SER F 202 12.25 48.48 -11.63
C SER F 202 11.11 47.92 -10.79
N ARG F 203 9.94 48.51 -10.93
CA ARG F 203 8.79 48.00 -10.21
C ARG F 203 7.96 47.03 -11.06
N SER F 204 8.53 46.51 -12.16
CA SER F 204 7.82 45.52 -12.99
C SER F 204 8.80 44.59 -13.71
N HIS F 205 8.32 43.45 -14.18
CA HIS F 205 9.16 42.58 -14.99
C HIS F 205 8.87 42.90 -16.44
N SER F 206 9.92 43.11 -17.22
CA SER F 206 9.74 43.42 -18.64
C SER F 206 10.18 42.26 -19.52
N ILE F 207 9.37 42.00 -20.53
CA ILE F 207 9.70 40.95 -21.47
C ILE F 207 9.86 41.59 -22.86
N PHE F 208 11.05 41.48 -23.43
CA PHE F 208 11.34 41.93 -24.78
C PHE F 208 11.48 40.76 -25.70
N LEU F 209 10.67 40.76 -26.76
CA LEU F 209 10.64 39.63 -27.70
C LEU F 209 11.23 39.95 -29.09
N ILE F 210 12.24 39.19 -29.50
CA ILE F 210 12.73 39.24 -30.88
C ILE F 210 12.32 37.99 -31.62
N ASN F 211 11.46 38.11 -32.63
CA ASN F 211 11.02 36.95 -33.39
C ASN F 211 11.67 36.97 -34.77
N VAL F 212 12.55 35.99 -35.05
CA VAL F 212 13.32 35.98 -36.32
C VAL F 212 12.78 34.98 -37.35
N LYS F 213 12.08 35.51 -38.35
CA LYS F 213 11.52 34.65 -39.36
C LYS F 213 12.38 34.58 -40.64
N GLN F 214 12.56 33.37 -41.16
CA GLN F 214 13.39 33.14 -42.33
C GLN F 214 12.65 32.31 -43.38
N GLU F 215 12.80 32.66 -44.64
CA GLU F 215 12.25 31.84 -45.69
C GLU F 215 13.30 31.65 -46.76
N ASN F 216 13.48 30.42 -47.20
CA ASN F 216 14.42 30.11 -48.27
C ASN F 216 13.66 29.98 -49.58
N THR F 217 13.88 30.88 -50.53
CA THR F 217 13.11 30.86 -51.77
C THR F 217 13.26 29.58 -52.57
N GLN F 218 14.45 29.03 -52.60
CA GLN F 218 14.74 27.88 -53.44
C GLN F 218 14.23 26.58 -52.88
N THR F 219 14.54 26.32 -51.61
CA THR F 219 14.15 25.08 -50.95
C THR F 219 12.76 25.22 -50.36
N GLU F 220 12.27 26.46 -50.35
CA GLU F 220 11.03 26.81 -49.66
C GLU F 220 10.99 26.31 -48.22
N GLN F 221 12.11 26.45 -47.53
CA GLN F 221 12.15 26.17 -46.11
C GLN F 221 11.87 27.45 -45.31
N LYS F 222 11.06 27.30 -44.27
CA LYS F 222 10.79 28.39 -43.34
C LYS F 222 11.52 28.06 -42.07
N LEU F 223 11.81 29.09 -41.29
CA LEU F 223 12.35 28.97 -39.96
C LEU F 223 11.62 30.01 -39.16
N SER F 224 11.44 29.79 -37.87
CA SER F 224 10.90 30.82 -36.99
C SER F 224 11.43 30.54 -35.57
N GLY F 225 12.28 31.44 -35.08
CA GLY F 225 12.87 31.31 -33.77
C GLY F 225 12.47 32.51 -32.94
N LYS F 226 12.25 32.29 -31.65
CA LYS F 226 11.87 33.36 -30.75
C LYS F 226 12.94 33.55 -29.69
N LEU F 227 13.52 34.75 -29.63
CA LEU F 227 14.47 35.05 -28.57
C LEU F 227 13.81 35.99 -27.56
N TYR F 228 13.67 35.53 -26.32
CA TYR F 228 13.10 36.37 -25.26
C TYR F 228 14.14 37.02 -24.35
N LEU F 229 14.02 38.33 -24.18
CA LEU F 229 14.88 39.01 -23.23
C LEU F 229 14.08 39.48 -22.00
N VAL F 230 14.22 38.78 -20.88
CA VAL F 230 13.43 39.16 -19.71
C VAL F 230 14.33 39.88 -18.70
N ASP F 231 13.95 41.12 -18.35
CA ASP F 231 14.59 41.87 -17.27
C ASP F 231 13.79 41.65 -16.02
N LEU F 232 14.36 40.89 -15.09
CA LEU F 232 13.68 40.64 -13.84
C LEU F 232 13.91 41.78 -12.86
N ALA F 233 12.81 42.26 -12.25
CA ALA F 233 12.89 43.21 -11.15
C ALA F 233 13.33 42.48 -9.90
N GLY F 234 14.31 43.00 -9.18
CA GLY F 234 14.73 42.34 -7.96
C GLY F 234 13.67 42.28 -6.87
N SER F 235 13.71 41.21 -6.09
CA SER F 235 12.80 41.04 -4.97
C SER F 235 12.98 42.15 -3.96
N GLU F 236 11.88 42.59 -3.37
CA GLU F 236 11.94 43.62 -2.35
C GLU F 236 11.53 43.01 -1.02
N LYS F 237 11.90 43.67 0.06
CA LYS F 237 11.41 43.27 1.37
C LYS F 237 10.07 43.94 1.55
N VAL F 238 9.06 43.16 1.96
CA VAL F 238 7.70 43.66 2.12
C VAL F 238 7.31 43.72 3.59
N GLY F 245 0.94 51.62 0.88
CA GLY F 245 -0.20 51.40 0.00
C GLY F 245 0.18 50.68 -1.27
N ALA F 246 0.24 51.43 -2.37
CA ALA F 246 0.51 50.87 -3.69
C ALA F 246 1.95 50.42 -3.85
N VAL F 247 2.87 51.00 -3.08
CA VAL F 247 4.28 50.60 -3.12
C VAL F 247 4.41 49.20 -2.55
N LEU F 248 3.63 48.92 -1.49
CA LEU F 248 3.60 47.60 -0.86
C LEU F 248 3.03 46.52 -1.78
N ASP F 249 1.88 46.80 -2.40
CA ASP F 249 1.31 45.87 -3.37
C ASP F 249 2.30 45.54 -4.48
N GLU F 250 3.08 46.52 -4.94
CA GLU F 250 4.05 46.23 -6.00
C GLU F 250 5.12 45.21 -5.57
N ALA F 251 5.66 45.36 -4.36
CA ALA F 251 6.69 44.44 -3.89
C ALA F 251 6.12 43.05 -3.72
N LYS F 252 4.86 42.98 -3.27
CA LYS F 252 4.19 41.68 -3.04
C LYS F 252 4.01 40.89 -4.35
N ASN F 253 3.64 41.58 -5.44
CA ASN F 253 3.50 40.94 -6.76
C ASN F 253 4.82 40.56 -7.37
N ILE F 254 5.79 41.47 -7.26
CA ILE F 254 7.14 41.23 -7.73
C ILE F 254 7.70 39.94 -7.12
N ASN F 255 7.52 39.78 -5.81
CA ASN F 255 8.03 38.62 -5.11
C ASN F 255 7.31 37.33 -5.48
N LYS F 256 6.00 37.40 -5.62
CA LYS F 256 5.21 36.22 -6.00
C LYS F 256 5.56 35.79 -7.43
N SER F 257 5.68 36.75 -8.34
CA SER F 257 6.00 36.39 -9.72
C SER F 257 7.42 35.83 -9.84
N LEU F 258 8.38 36.35 -9.07
CA LEU F 258 9.70 35.74 -9.07
C LEU F 258 9.68 34.36 -8.48
N SER F 259 8.83 34.18 -7.46
CA SER F 259 8.77 32.91 -6.73
C SER F 259 8.11 31.88 -7.60
N ALA F 260 7.14 32.31 -8.39
CA ALA F 260 6.51 31.42 -9.35
C ALA F 260 7.52 31.09 -10.46
N LEU F 261 8.34 32.07 -10.88
CA LEU F 261 9.36 31.81 -11.88
C LEU F 261 10.42 30.85 -11.37
N GLY F 262 10.84 31.03 -10.13
CA GLY F 262 11.84 30.15 -9.55
C GLY F 262 11.32 28.72 -9.52
N ASN F 263 10.02 28.57 -9.29
CA ASN F 263 9.37 27.26 -9.20
C ASN F 263 9.47 26.46 -10.46
N VAL F 264 9.13 27.10 -11.57
CA VAL F 264 9.23 26.49 -12.90
C VAL F 264 10.68 26.17 -13.17
N ILE F 265 11.53 27.18 -12.98
CA ILE F 265 12.96 27.12 -13.21
C ILE F 265 13.68 26.05 -12.42
N SER F 266 13.37 25.94 -11.13
CA SER F 266 13.97 24.90 -10.29
C SER F 266 13.41 23.52 -10.65
N ALA F 267 12.14 23.48 -11.04
CA ALA F 267 11.53 22.24 -11.48
C ALA F 267 12.24 21.68 -12.71
N LEU F 268 12.59 22.54 -13.67
CA LEU F 268 13.30 22.11 -14.89
C LEU F 268 14.70 21.62 -14.60
N ALA F 269 15.44 22.38 -13.80
CA ALA F 269 16.80 22.02 -13.48
C ALA F 269 16.87 20.69 -12.76
N GLU F 270 15.87 20.41 -11.94
CA GLU F 270 15.89 19.22 -11.11
C GLU F 270 15.16 18.06 -11.78
N GLY F 271 14.92 18.21 -13.08
CA GLY F 271 14.32 17.16 -13.89
C GLY F 271 12.96 16.65 -13.47
N SER F 272 12.13 17.54 -12.94
CA SER F 272 10.79 17.18 -12.55
C SER F 272 10.05 16.76 -13.79
N THR F 273 9.16 15.79 -13.65
CA THR F 273 8.36 15.33 -14.77
C THR F 273 7.06 16.12 -14.77
N TYR F 274 6.95 17.09 -13.88
CA TYR F 274 5.85 18.03 -13.90
C TYR F 274 6.40 19.44 -13.69
N VAL F 275 6.28 20.26 -14.72
CA VAL F 275 6.78 21.61 -14.66
C VAL F 275 5.62 22.58 -14.73
N PRO F 276 5.40 23.32 -13.65
CA PRO F 276 4.21 24.16 -13.43
C PRO F 276 4.19 25.51 -14.20
N TYR F 277 4.22 25.47 -15.53
CA TYR F 277 4.16 26.71 -16.32
C TYR F 277 2.89 27.50 -15.99
N ARG F 278 1.80 26.77 -15.83
CA ARG F 278 0.44 27.28 -15.59
C ARG F 278 0.26 28.32 -14.46
N ASP F 279 1.16 28.27 -13.47
CA ASP F 279 1.03 28.99 -12.22
C ASP F 279 1.21 30.54 -12.24
N SER F 280 1.83 31.09 -13.28
CA SER F 280 1.97 32.55 -13.39
C SER F 280 1.92 32.94 -14.83
N LYS F 281 1.51 34.17 -15.10
CA LYS F 281 1.42 34.68 -16.47
C LYS F 281 2.76 34.68 -17.22
N MET F 282 3.83 35.07 -16.55
CA MET F 282 5.15 35.10 -17.17
C MET F 282 5.61 33.75 -17.69
N THR F 283 5.50 32.76 -16.82
CA THR F 283 5.91 31.39 -17.16
C THR F 283 4.99 30.77 -18.23
N ARG F 284 3.78 31.30 -18.37
CA ARG F 284 2.91 30.89 -19.46
C ARG F 284 3.39 31.51 -20.77
N ILE F 285 3.80 32.77 -20.70
CA ILE F 285 4.33 33.49 -21.87
C ILE F 285 5.58 32.84 -22.44
N LEU F 286 6.51 32.53 -21.54
CA LEU F 286 7.78 31.96 -21.92
C LEU F 286 7.68 30.45 -22.03
N GLN F 287 6.47 29.91 -22.08
CA GLN F 287 6.33 28.46 -21.97
C GLN F 287 7.15 27.70 -22.98
N ASP F 288 7.11 28.10 -24.25
CA ASP F 288 7.87 27.39 -25.29
C ASP F 288 9.29 27.90 -25.47
N SER F 289 9.71 28.80 -24.59
CA SER F 289 11.07 29.36 -24.64
C SER F 289 11.87 29.06 -23.38
N LEU F 290 11.27 28.31 -22.47
CA LEU F 290 11.90 27.90 -21.23
C LEU F 290 11.91 26.37 -21.12
N GLY F 291 13.08 25.76 -21.24
CA GLY F 291 13.20 24.32 -21.09
C GLY F 291 12.87 23.60 -22.39
N GLY F 292 13.04 22.28 -22.40
CA GLY F 292 12.85 21.50 -23.63
C GLY F 292 13.94 21.81 -24.63
N ASN F 293 13.54 22.10 -25.87
CA ASN F 293 14.46 22.39 -26.97
C ASN F 293 14.99 23.81 -26.92
N ALA F 294 14.64 24.54 -25.87
CA ALA F 294 15.02 25.93 -25.77
C ALA F 294 16.22 26.10 -24.85
N ARG F 295 17.02 27.12 -25.14
CA ARG F 295 18.20 27.41 -24.35
C ARG F 295 17.91 28.62 -23.47
N THR F 296 18.34 28.58 -22.22
CA THR F 296 18.07 29.68 -21.28
C THR F 296 19.35 30.07 -20.55
N THR F 297 19.56 31.37 -20.36
CA THR F 297 20.61 31.77 -19.45
C THR F 297 20.07 32.77 -18.46
N ILE F 298 20.33 32.50 -17.19
CA ILE F 298 20.07 33.45 -16.13
C ILE F 298 21.40 34.14 -15.78
N VAL F 299 21.44 35.43 -16.02
CA VAL F 299 22.59 36.22 -15.66
C VAL F 299 22.25 37.04 -14.42
N ILE F 300 22.85 36.67 -13.31
CA ILE F 300 22.64 37.43 -12.09
C ILE F 300 23.83 38.36 -11.90
N CYS F 301 23.52 39.63 -11.69
CA CYS F 301 24.57 40.59 -11.51
C CYS F 301 24.69 40.93 -10.04
N CYS F 302 25.92 40.86 -9.53
CA CYS F 302 26.17 41.18 -8.15
C CYS F 302 27.29 42.16 -7.96
N SER F 303 27.12 43.02 -7.00
CA SER F 303 28.20 43.89 -6.59
C SER F 303 28.91 43.29 -5.37
N PRO F 304 30.25 43.39 -5.34
CA PRO F 304 31.07 42.80 -4.30
C PRO F 304 31.08 43.55 -2.99
N SER F 305 30.69 44.81 -3.02
CA SER F 305 30.70 45.66 -1.82
C SER F 305 30.12 45.02 -0.53
N SER F 306 30.70 45.38 0.62
CA SER F 306 30.16 44.94 1.90
C SER F 306 28.81 45.59 2.23
N TYR F 307 28.68 46.84 1.81
CA TYR F 307 27.48 47.63 2.00
C TYR F 307 26.31 46.97 1.29
N ASN F 308 26.63 46.01 0.44
CA ASN F 308 25.77 45.28 -0.43
C ASN F 308 25.14 44.05 0.15
N GLU F 309 25.81 43.47 1.14
CA GLU F 309 25.93 42.04 1.29
C GLU F 309 24.58 41.38 1.37
N SER F 310 23.58 42.06 1.93
CA SER F 310 22.22 41.51 2.01
C SER F 310 21.56 41.49 0.62
N GLU F 311 21.84 42.52 -0.17
CA GLU F 311 21.19 42.65 -1.47
C GLU F 311 21.73 41.59 -2.41
N THR F 312 23.05 41.39 -2.38
CA THR F 312 23.64 40.33 -3.20
C THR F 312 23.48 38.95 -2.56
N LYS F 313 23.25 38.90 -1.24
CA LYS F 313 23.01 37.61 -0.57
C LYS F 313 21.73 36.94 -1.06
N SER F 314 20.65 37.70 -1.15
CA SER F 314 19.38 37.14 -1.60
C SER F 314 19.44 36.85 -3.11
N THR F 315 20.17 37.70 -3.83
CA THR F 315 20.39 37.52 -5.28
C THR F 315 21.13 36.24 -5.62
N LEU F 316 22.24 36.00 -4.92
CA LEU F 316 22.97 34.75 -5.15
C LEU F 316 22.06 33.58 -4.87
N LEU F 317 21.23 33.70 -3.83
CA LEU F 317 20.30 32.63 -3.47
C LEU F 317 19.27 32.36 -4.56
N PHE F 318 18.74 33.41 -5.16
CA PHE F 318 17.77 33.24 -6.23
C PHE F 318 18.35 32.48 -7.43
N GLY F 319 19.61 32.76 -7.78
CA GLY F 319 20.29 32.08 -8.87
C GLY F 319 20.53 30.63 -8.60
N GLN F 320 20.63 30.35 -7.31
CA GLN F 320 20.99 29.04 -6.81
C GLN F 320 19.83 28.06 -6.87
N ARG F 321 18.66 28.65 -7.02
CA ARG F 321 17.42 27.94 -7.17
C ARG F 321 17.43 27.24 -8.55
N ALA F 322 18.26 27.72 -9.45
CA ALA F 322 18.32 27.22 -10.82
C ALA F 322 19.46 26.23 -11.12
N LYS F 323 20.31 25.91 -10.15
CA LYS F 323 21.40 24.99 -10.48
C LYS F 323 21.04 23.53 -10.29
N THR F 324 21.53 22.71 -11.22
CA THR F 324 21.25 21.29 -11.29
C THR F 324 21.93 20.55 -10.13
S SO4 G . 11.68 -3.70 1.17
O1 SO4 G . 12.29 -2.37 1.09
O2 SO4 G . 10.82 -3.89 0.01
O3 SO4 G . 10.92 -3.82 2.41
O4 SO4 G . 12.73 -4.72 1.21
S SO4 H . 7.43 -0.20 -3.85
O1 SO4 H . 6.46 0.66 -4.55
O2 SO4 H . 8.09 0.65 -2.86
O3 SO4 H . 8.40 -0.69 -4.85
O4 SO4 H . 6.79 -1.34 -3.15
S SO4 I . 18.85 -14.67 27.52
O1 SO4 I . 19.79 -14.26 26.48
O2 SO4 I . 17.64 -13.87 27.36
O3 SO4 I . 19.41 -14.46 28.86
O4 SO4 I . 18.53 -16.09 27.35
S SO4 J . -40.02 -15.73 5.28
O1 SO4 J . -40.75 -16.17 4.09
O2 SO4 J . -40.31 -14.31 5.48
O3 SO4 J . -38.58 -15.91 5.05
O4 SO4 J . -40.50 -16.53 6.42
S SO4 K . -19.14 -6.86 21.44
O1 SO4 K . -18.40 -5.59 21.71
O2 SO4 K . -20.33 -6.57 20.63
O3 SO4 K . -19.57 -7.42 22.74
O4 SO4 K . -18.27 -7.81 20.76
S SO4 L . -18.18 33.10 -23.32
O1 SO4 L . -19.27 32.53 -24.11
O2 SO4 L . -17.90 34.47 -23.73
O3 SO4 L . -16.97 32.30 -23.55
O4 SO4 L . -18.56 33.16 -21.90
S SO4 M . -38.31 5.67 -27.23
O1 SO4 M . -37.48 6.37 -28.23
O2 SO4 M . -39.26 6.61 -26.57
O3 SO4 M . -39.06 4.60 -27.92
O4 SO4 M . -37.46 5.06 -26.17
S SO4 N . -45.89 12.00 -1.61
O1 SO4 N . -44.97 12.80 -2.47
O2 SO4 N . -46.80 12.89 -0.83
O3 SO4 N . -45.09 11.17 -0.68
O4 SO4 N . -46.71 11.12 -2.47
S SO4 O . -18.26 26.41 -26.68
O1 SO4 O . -18.49 27.83 -27.00
O2 SO4 O . -19.53 25.88 -26.19
O3 SO4 O . -17.27 26.30 -25.60
O4 SO4 O . -17.81 25.67 -27.88
S SO4 P . 4.99 -48.87 1.62
O1 SO4 P . 4.37 -47.70 2.24
O2 SO4 P . 4.80 -48.93 0.16
O3 SO4 P . 4.36 -50.07 2.16
O4 SO4 P . 6.43 -48.86 1.95
S SO4 Q . 22.87 48.83 -12.58
O1 SO4 Q . 23.27 48.35 -13.90
O2 SO4 Q . 21.73 49.76 -12.66
O3 SO4 Q . 24.03 49.50 -12.00
O4 SO4 Q . 22.50 47.68 -11.73
S SO4 R . 13.04 23.65 -36.07
O1 SO4 R . 12.85 24.09 -34.68
O2 SO4 R . 12.64 24.69 -37.03
O3 SO4 R . 14.46 23.30 -36.29
O4 SO4 R . 12.20 22.45 -36.28
#